data_4NH0
#
_entry.id   4NH0
#
_cell.length_a   251.816
_cell.length_b   116.316
_cell.length_c   174.110
_cell.angle_alpha   90.00
_cell.angle_beta   102.70
_cell.angle_gamma   90.00
#
_symmetry.space_group_name_H-M   'C 1 2 1'
#
loop_
_entity.id
_entity.type
_entity.pdbx_description
1 polymer 'Cell divisionFtsK/SpoIIIE'
2 non-polymer 'SULFATE ION'
3 non-polymer 'MAGNESIUM ION'
4 non-polymer "ADENOSINE-5'-TRIPHOSPHATE"
5 water water
#
_entity_poly.entity_id   1
_entity_poly.type   'polypeptide(L)'
_entity_poly.pdbx_seq_one_letter_code
;MHHHHHHHHGGSEFSIDGGSLEVLFQGPSSPPDLPVAISLRSFARILPDGDPKAVYGMVRALIMQLAAFHSPDDVRITVC
ASRERMPQWQWMKWLPHSLHPTEYDAAGQVRLLTHSLVELESMLGPEIKDRGMFGASRAPAEPFHLVIVDGGQASYDSQI
ASDGIDGVCVIDLTGSVAETNEATMLRLRVTPERVYVVKRDRAGKEVLSSVGRPDQASIAEAEALARQLAPFRTSAADEP
EEDVLSANMTLTSLLHIDNPYNLDPAVLWRPRPQRNRLRVPIGLDADGRPLELDIKESAQGGMGPHGLCIGATGSGKSEL
LRTLVLALAMTHSPEVLNFVLVDFKGGATFLGMEGLRHVSAIITNLEEELPLVDRMYDALHGEMVRRQEHLRHSGNYASL
RDYEKARMEGAPLPPMPTLFIVLDEFSELLSAKPDFAELFVMIGRLGRSLGVHLLLASQRLEEGKLRGLDTHLSYRIGLR
TFSAMESRVVLGVPDAYELPPSPGNGYLKFATEPLVRFKAAYVSGPVDEEPQTRSEGPQIVRQVLPYLTDYIRPQVVEQP
QPEQRAEENKSSESLFDVVVRQLAGHGPEPHQIWLPPLDVPPTLDELLPPLSPSAAHGYTADGWEWRGRLHAVVGLVDRP
FDQRRDPYWLDLSGGAGHVGVAGGPQTGKSTMLRTLITSLALLHTPQEVQFYCLDFGGGTLAGLAELPHVGSVATRLDAD
RIRRTVAEVSALLEQREQEFTERGIDSMATYRRLRATGEYAGDGFGDVFLVVDNWLTLRQDYEALEDSITQLAARGLGYG
IHVVLSSNKWSEFRTSIRDLLGTKLELRLGDPYESEVDRKKAANVPENRPGRGLTRDGYHFLTALPRIDGDTSAETLTEG
IATTVKTIREAWHGPTAPPVRMLPNVLPAAQLPSAAESGTRIPIGIDEDSLSPVYLDFNTDPHFLVFGDTECGKSNLLRL
ITAGIIERYTPQQARLIFIDYSRSLLDVATTEHQIGYAASSTAASSLVRDIKGAMEARLPPPDLTPEQLRSRSWWTGAEL
FLVVDDYEMVATSDNPLRPLAELLPQARDIGLHLIIARSMGGAGRALYEPIIQRIKEMASPGLVMSGNKDEGILLGNVKP
HKLPQGRGYFVERRSGTRLIQTAYRES
;
_entity_poly.pdbx_strand_id   A,B
#
# COMPACT_ATOMS: atom_id res chain seq x y z
N SER A 246 36.67 24.92 -47.14
CA SER A 246 35.82 23.76 -47.36
C SER A 246 34.55 23.81 -46.53
N ALA A 247 33.46 24.25 -47.14
CA ALA A 247 32.15 24.14 -46.52
C ALA A 247 31.69 22.69 -46.53
N ASN A 248 30.42 22.46 -46.22
CA ASN A 248 29.92 21.08 -46.23
C ASN A 248 28.90 20.81 -47.32
N MET A 249 29.13 19.70 -48.01
CA MET A 249 28.40 19.36 -49.22
C MET A 249 27.36 18.29 -48.94
N THR A 250 26.29 18.28 -49.74
CA THR A 250 25.25 17.28 -49.61
C THR A 250 25.62 16.03 -50.39
N LEU A 251 25.21 14.87 -49.87
CA LEU A 251 25.52 13.59 -50.51
C LEU A 251 24.82 13.48 -51.86
N THR A 252 23.67 14.13 -51.99
CA THR A 252 22.92 14.12 -53.25
C THR A 252 23.72 14.79 -54.37
N SER A 253 24.61 15.71 -53.99
CA SER A 253 25.43 16.41 -54.96
C SER A 253 26.53 15.50 -55.51
N LEU A 254 27.16 14.74 -54.62
CA LEU A 254 28.25 13.86 -55.01
C LEU A 254 27.76 12.67 -55.82
N LEU A 255 26.49 12.34 -55.68
CA LEU A 255 25.91 11.20 -56.40
C LEU A 255 25.16 11.66 -57.65
N HIS A 256 25.38 12.90 -58.05
CA HIS A 256 24.84 13.45 -59.29
C HIS A 256 23.32 13.36 -59.36
N ILE A 257 22.66 13.70 -58.25
CA ILE A 257 21.20 13.68 -58.21
C ILE A 257 20.62 15.09 -58.18
N ASP A 258 19.99 15.48 -59.28
CA ASP A 258 19.41 16.81 -59.40
C ASP A 258 18.20 16.98 -58.50
N ASN A 259 17.23 16.07 -58.62
CA ASN A 259 16.00 16.15 -57.86
C ASN A 259 15.90 15.04 -56.81
N PRO A 260 16.15 15.40 -55.54
CA PRO A 260 16.10 14.45 -54.42
C PRO A 260 14.69 13.96 -54.12
N TYR A 261 13.69 14.81 -54.37
CA TYR A 261 12.32 14.48 -54.03
C TYR A 261 11.66 13.57 -55.08
N ASN A 262 12.42 13.21 -56.10
CA ASN A 262 11.92 12.28 -57.12
C ASN A 262 12.96 11.22 -57.45
N LEU A 263 13.22 10.33 -56.49
CA LEU A 263 14.19 9.26 -56.68
C LEU A 263 13.56 8.07 -57.35
N ASP A 264 14.26 7.50 -58.33
CA ASP A 264 13.81 6.28 -58.99
C ASP A 264 14.76 5.14 -58.65
N PRO A 265 14.31 4.23 -57.77
CA PRO A 265 15.10 3.07 -57.32
C PRO A 265 15.59 2.22 -58.48
N ALA A 266 14.87 2.26 -59.60
CA ALA A 266 15.25 1.51 -60.78
C ALA A 266 16.52 2.08 -61.43
N VAL A 267 16.67 3.40 -61.38
CA VAL A 267 17.81 4.05 -62.00
C VAL A 267 18.90 4.39 -60.98
N LEU A 268 18.70 3.95 -59.74
CA LEU A 268 19.71 4.11 -58.71
C LEU A 268 20.46 2.81 -58.48
N TRP A 269 19.74 1.70 -58.57
CA TRP A 269 20.32 0.38 -58.32
C TRP A 269 20.70 -0.30 -59.61
N ARG A 270 21.03 0.48 -60.64
CA ARG A 270 21.44 -0.05 -61.92
C ARG A 270 22.76 -0.81 -61.79
N PRO A 271 22.98 -1.81 -62.66
CA PRO A 271 24.22 -2.59 -62.64
C PRO A 271 25.46 -1.71 -62.82
N ARG A 272 26.29 -1.65 -61.78
CA ARG A 272 27.49 -0.82 -61.81
C ARG A 272 28.68 -1.57 -62.37
N PRO A 273 29.64 -0.84 -62.96
CA PRO A 273 30.90 -1.44 -63.42
C PRO A 273 31.65 -2.10 -62.29
N GLN A 274 32.58 -3.00 -62.62
CA GLN A 274 33.32 -3.76 -61.61
C GLN A 274 34.02 -2.87 -60.59
N ARG A 275 34.50 -1.72 -61.05
CA ARG A 275 35.18 -0.79 -60.16
C ARG A 275 34.18 -0.05 -59.27
N ASN A 276 33.08 0.39 -59.86
CA ASN A 276 32.08 1.18 -59.14
C ASN A 276 31.23 0.35 -58.19
N ARG A 277 31.42 -0.96 -58.19
CA ARG A 277 30.73 -1.82 -57.24
C ARG A 277 31.26 -1.59 -55.84
N LEU A 278 30.35 -1.37 -54.89
CA LEU A 278 30.71 -1.13 -53.49
C LEU A 278 31.68 0.04 -53.35
N ARG A 279 31.56 1.02 -54.25
CA ARG A 279 32.40 2.20 -54.23
C ARG A 279 31.54 3.46 -54.25
N VAL A 280 31.54 4.18 -53.14
CA VAL A 280 30.72 5.39 -53.01
C VAL A 280 31.55 6.55 -52.48
N PRO A 281 31.19 7.78 -52.86
CA PRO A 281 31.87 8.96 -52.34
C PRO A 281 31.45 9.26 -50.90
N ILE A 282 32.39 9.72 -50.08
CA ILE A 282 32.10 10.05 -48.69
C ILE A 282 32.32 11.53 -48.43
N GLY A 283 33.00 12.20 -49.36
CA GLY A 283 33.29 13.61 -49.22
C GLY A 283 34.26 14.12 -50.27
N LEU A 284 34.81 15.30 -50.02
CA LEU A 284 35.74 15.93 -50.95
C LEU A 284 37.13 16.05 -50.35
N ASP A 285 38.17 15.98 -51.19
CA ASP A 285 39.53 16.16 -50.71
C ASP A 285 39.92 17.63 -50.74
N ALA A 286 41.23 17.88 -50.68
CA ALA A 286 41.74 19.25 -50.67
C ALA A 286 41.53 19.94 -52.01
N ASP A 287 41.84 19.22 -53.09
CA ASP A 287 41.75 19.78 -54.44
C ASP A 287 40.31 20.10 -54.83
N GLY A 288 39.38 19.28 -54.35
CA GLY A 288 37.98 19.45 -54.70
C GLY A 288 37.40 18.19 -55.31
N ARG A 289 38.27 17.23 -55.61
CA ARG A 289 37.85 15.94 -56.12
C ARG A 289 37.18 15.12 -55.03
N PRO A 290 36.09 14.42 -55.37
CA PRO A 290 35.42 13.57 -54.39
C PRO A 290 36.31 12.43 -53.92
N LEU A 291 36.17 12.03 -52.66
CA LEU A 291 36.93 10.91 -52.14
C LEU A 291 36.05 9.68 -52.03
N GLU A 292 36.39 8.64 -52.79
CA GLU A 292 35.57 7.43 -52.81
C GLU A 292 36.12 6.35 -51.91
N LEU A 293 35.23 5.56 -51.33
CA LEU A 293 35.61 4.43 -50.50
C LEU A 293 35.19 3.13 -51.16
N ASP A 294 36.17 2.30 -51.53
CA ASP A 294 35.92 1.05 -52.21
C ASP A 294 36.23 -0.13 -51.30
N ILE A 295 35.20 -0.78 -50.77
CA ILE A 295 35.39 -1.83 -49.77
C ILE A 295 35.51 -3.22 -50.40
N LYS A 296 35.73 -3.27 -51.71
CA LYS A 296 35.96 -4.55 -52.38
C LYS A 296 37.33 -5.10 -52.01
N GLU A 297 37.53 -6.40 -52.21
CA GLU A 297 38.82 -7.01 -51.95
C GLU A 297 39.90 -6.39 -52.82
N SER A 298 41.14 -6.47 -52.36
CA SER A 298 42.27 -5.87 -53.06
C SER A 298 42.46 -6.47 -54.45
N ALA A 299 42.10 -7.75 -54.60
CA ALA A 299 42.30 -8.47 -55.84
C ALA A 299 41.31 -8.02 -56.93
N GLN A 300 40.26 -7.31 -56.52
CA GLN A 300 39.21 -6.92 -57.45
C GLN A 300 39.16 -5.41 -57.66
N GLY A 301 39.35 -4.66 -56.58
CA GLY A 301 39.33 -3.21 -56.67
C GLY A 301 40.45 -2.57 -55.87
N GLY A 302 40.20 -2.35 -54.58
CA GLY A 302 41.20 -1.77 -53.70
C GLY A 302 40.68 -1.59 -52.30
N MET A 303 41.56 -1.11 -51.41
CA MET A 303 41.21 -0.81 -50.03
C MET A 303 40.66 -2.00 -49.25
N GLY A 304 40.86 -3.20 -49.78
CA GLY A 304 40.52 -4.43 -49.07
C GLY A 304 39.07 -4.61 -48.64
N PRO A 305 38.77 -5.77 -48.05
CA PRO A 305 37.41 -6.12 -47.62
C PRO A 305 36.98 -5.36 -46.36
N HIS A 306 37.87 -5.25 -45.38
CA HIS A 306 37.50 -4.71 -44.07
C HIS A 306 38.28 -3.44 -43.74
N GLY A 307 37.74 -2.64 -42.83
CA GLY A 307 38.37 -1.39 -42.45
C GLY A 307 38.02 -0.92 -41.06
N LEU A 308 38.67 0.16 -40.62
CA LEU A 308 38.51 0.68 -39.28
C LEU A 308 38.32 2.20 -39.28
N CYS A 309 37.45 2.69 -38.40
CA CYS A 309 37.20 4.12 -38.28
C CYS A 309 37.28 4.57 -36.83
N ILE A 310 38.09 5.58 -36.57
CA ILE A 310 38.24 6.14 -35.24
C ILE A 310 37.92 7.63 -35.24
N GLY A 311 37.12 8.07 -34.28
CA GLY A 311 36.77 9.47 -34.15
C GLY A 311 36.17 9.78 -32.80
N ALA A 312 36.81 10.70 -32.07
CA ALA A 312 36.33 11.10 -30.77
C ALA A 312 35.00 11.85 -30.87
N THR A 313 34.43 12.21 -29.73
CA THR A 313 33.15 12.90 -29.69
C THR A 313 33.25 14.27 -30.34
N GLY A 314 32.39 14.51 -31.33
CA GLY A 314 32.37 15.79 -32.02
C GLY A 314 33.11 15.77 -33.34
N SER A 315 33.64 14.62 -33.70
CA SER A 315 34.37 14.47 -34.95
C SER A 315 33.44 14.09 -36.09
N GLY A 316 32.19 13.80 -35.76
CA GLY A 316 31.18 13.45 -36.76
C GLY A 316 31.23 11.99 -37.14
N LYS A 317 31.76 11.16 -36.23
CA LYS A 317 31.85 9.72 -36.47
C LYS A 317 30.47 9.12 -36.73
N SER A 318 29.49 9.56 -35.96
CA SER A 318 28.12 9.09 -36.12
C SER A 318 27.56 9.50 -37.48
N GLU A 319 27.83 10.74 -37.88
CA GLU A 319 27.31 11.27 -39.13
C GLU A 319 27.99 10.63 -40.34
N LEU A 320 29.26 10.27 -40.19
CA LEU A 320 30.01 9.63 -41.26
C LEU A 320 29.45 8.25 -41.56
N LEU A 321 29.14 7.50 -40.51
CA LEU A 321 28.61 6.15 -40.65
C LEU A 321 27.24 6.16 -41.32
N ARG A 322 26.45 7.18 -41.03
CA ARG A 322 25.15 7.34 -41.66
C ARG A 322 25.31 7.62 -43.15
N THR A 323 26.25 8.49 -43.48
CA THR A 323 26.49 8.89 -44.85
C THR A 323 26.99 7.72 -45.69
N LEU A 324 27.88 6.92 -45.13
CA LEU A 324 28.43 5.77 -45.84
C LEU A 324 27.37 4.73 -46.15
N VAL A 325 26.55 4.40 -45.15
CA VAL A 325 25.50 3.42 -45.32
C VAL A 325 24.43 3.89 -46.31
N LEU A 326 23.97 5.12 -46.12
CA LEU A 326 22.91 5.67 -46.97
C LEU A 326 23.37 5.77 -48.43
N ALA A 327 24.64 6.10 -48.62
CA ALA A 327 25.20 6.19 -49.97
C ALA A 327 25.20 4.84 -50.65
N LEU A 328 25.65 3.82 -49.92
CA LEU A 328 25.66 2.45 -50.44
C LEU A 328 24.25 1.97 -50.75
N ALA A 329 23.29 2.41 -49.93
CA ALA A 329 21.90 2.03 -50.11
C ALA A 329 21.31 2.66 -51.37
N MET A 330 21.81 3.85 -51.71
CA MET A 330 21.31 4.58 -52.88
C MET A 330 22.00 4.16 -54.16
N THR A 331 22.99 3.29 -54.06
CA THR A 331 23.78 2.89 -55.21
C THR A 331 23.66 1.39 -55.48
N HIS A 332 23.12 0.67 -54.52
CA HIS A 332 22.96 -0.78 -54.64
C HIS A 332 21.58 -1.23 -54.21
N SER A 333 21.10 -2.31 -54.82
CA SER A 333 19.82 -2.91 -54.45
C SER A 333 20.00 -3.84 -53.26
N PRO A 334 18.94 -4.07 -52.48
CA PRO A 334 19.00 -5.04 -51.39
C PRO A 334 19.30 -6.44 -51.90
N GLU A 335 19.11 -6.63 -53.20
CA GLU A 335 19.38 -7.90 -53.87
C GLU A 335 20.88 -8.23 -53.84
N VAL A 336 21.71 -7.20 -53.80
CA VAL A 336 23.16 -7.40 -53.86
C VAL A 336 23.90 -6.86 -52.63
N LEU A 337 23.17 -6.27 -51.70
CA LEU A 337 23.79 -5.69 -50.51
C LEU A 337 22.86 -5.66 -49.30
N ASN A 338 23.31 -6.25 -48.20
CA ASN A 338 22.57 -6.21 -46.93
C ASN A 338 23.43 -5.68 -45.80
N PHE A 339 22.80 -5.01 -44.84
CA PHE A 339 23.52 -4.41 -43.73
C PHE A 339 23.22 -5.07 -42.39
N VAL A 340 24.22 -5.08 -41.52
CA VAL A 340 24.04 -5.41 -40.11
C VAL A 340 24.61 -4.28 -39.28
N LEU A 341 23.73 -3.40 -38.81
CA LEU A 341 24.16 -2.19 -38.11
C LEU A 341 24.18 -2.41 -36.61
N VAL A 342 25.36 -2.34 -36.01
CA VAL A 342 25.55 -2.64 -34.61
C VAL A 342 26.19 -1.48 -33.85
N ASP A 343 25.58 -1.11 -32.73
CA ASP A 343 26.16 -0.12 -31.82
C ASP A 343 26.19 -0.69 -30.41
N PHE A 344 27.38 -0.76 -29.82
CA PHE A 344 27.54 -1.34 -28.49
C PHE A 344 26.83 -0.51 -27.42
N LYS A 345 26.95 0.80 -27.52
CA LYS A 345 26.29 1.69 -26.59
C LYS A 345 25.02 2.27 -27.21
N GLY A 346 24.17 2.89 -26.39
CA GLY A 346 22.88 3.38 -26.85
C GLY A 346 22.93 4.55 -27.81
N GLY A 347 23.71 4.40 -28.88
CA GLY A 347 23.82 5.44 -29.88
C GLY A 347 22.68 5.37 -30.89
N ALA A 348 22.19 6.54 -31.30
CA ALA A 348 21.12 6.61 -32.28
C ALA A 348 21.69 6.88 -33.67
N THR A 349 22.81 6.23 -33.96
CA THR A 349 23.49 6.40 -35.24
C THR A 349 22.61 5.91 -36.40
N PHE A 350 22.04 4.72 -36.23
CA PHE A 350 21.25 4.12 -37.29
C PHE A 350 19.75 4.27 -37.06
N LEU A 351 19.37 5.37 -36.41
CA LEU A 351 17.96 5.63 -36.13
C LEU A 351 17.23 6.10 -37.38
N GLY A 352 16.38 5.24 -37.91
CA GLY A 352 15.63 5.56 -39.12
C GLY A 352 15.98 4.63 -40.27
N MET A 353 16.94 3.75 -40.04
CA MET A 353 17.40 2.82 -41.07
C MET A 353 16.44 1.66 -41.25
N GLU A 354 15.48 1.53 -40.34
CA GLU A 354 14.57 0.38 -40.32
C GLU A 354 13.79 0.21 -41.61
N GLY A 355 13.44 1.33 -42.24
CA GLY A 355 12.63 1.30 -43.45
C GLY A 355 13.33 0.66 -44.65
N LEU A 356 14.65 0.75 -44.68
CA LEU A 356 15.42 0.21 -45.79
C LEU A 356 15.37 -1.30 -45.84
N ARG A 357 15.17 -1.85 -47.03
CA ARG A 357 15.14 -3.30 -47.23
C ARG A 357 16.54 -3.89 -47.16
N HIS A 358 17.55 -3.02 -47.21
CA HIS A 358 18.93 -3.47 -47.12
C HIS A 358 19.28 -3.93 -45.71
N VAL A 359 18.66 -3.29 -44.73
CA VAL A 359 18.98 -3.56 -43.34
C VAL A 359 18.33 -4.84 -42.81
N SER A 360 19.17 -5.82 -42.50
CA SER A 360 18.68 -7.07 -41.94
C SER A 360 18.41 -6.95 -40.44
N ALA A 361 19.24 -6.15 -39.77
CA ALA A 361 19.11 -5.99 -38.32
C ALA A 361 19.80 -4.72 -37.81
N ILE A 362 19.14 -4.05 -36.87
CA ILE A 362 19.74 -2.92 -36.17
C ILE A 362 19.88 -3.28 -34.68
N ILE A 363 21.08 -3.70 -34.30
CA ILE A 363 21.34 -4.11 -32.94
C ILE A 363 21.94 -2.96 -32.13
N THR A 364 21.10 -2.27 -31.38
CA THR A 364 21.54 -1.12 -30.60
C THR A 364 21.52 -1.42 -29.10
N ASN A 365 22.36 -0.71 -28.35
CA ASN A 365 22.40 -0.79 -26.90
C ASN A 365 22.67 -2.20 -26.39
N LEU A 366 23.95 -2.58 -26.34
CA LEU A 366 24.34 -3.89 -25.86
C LEU A 366 25.09 -3.82 -24.54
N GLU A 367 25.46 -2.60 -24.16
CA GLU A 367 26.21 -2.39 -22.92
C GLU A 367 25.36 -2.76 -21.70
N GLU A 368 24.03 -2.71 -21.87
CA GLU A 368 23.12 -3.01 -20.78
C GLU A 368 22.86 -4.51 -20.69
N GLU A 369 22.05 -5.04 -21.59
CA GLU A 369 21.85 -6.48 -21.66
C GLU A 369 23.10 -7.13 -22.24
N LEU A 370 24.13 -7.26 -21.41
CA LEU A 370 25.43 -7.77 -21.82
C LEU A 370 25.42 -9.17 -22.46
N PRO A 371 24.59 -10.11 -21.97
CA PRO A 371 24.62 -11.43 -22.62
C PRO A 371 24.20 -11.42 -24.09
N LEU A 372 23.55 -10.35 -24.54
CA LEU A 372 23.15 -10.24 -25.95
C LEU A 372 24.34 -10.26 -26.88
N VAL A 373 25.50 -9.83 -26.37
CA VAL A 373 26.74 -9.87 -27.13
C VAL A 373 27.07 -11.30 -27.53
N ASP A 374 26.95 -12.21 -26.57
CA ASP A 374 27.23 -13.63 -26.82
C ASP A 374 26.21 -14.22 -27.79
N ARG A 375 24.98 -13.73 -27.74
CA ARG A 375 23.97 -14.16 -28.71
C ARG A 375 24.32 -13.64 -30.10
N MET A 376 24.69 -12.37 -30.15
CA MET A 376 25.08 -11.75 -31.42
C MET A 376 26.28 -12.46 -32.03
N TYR A 377 27.13 -13.00 -31.18
CA TYR A 377 28.26 -13.80 -31.63
C TYR A 377 27.76 -14.99 -32.44
N ASP A 378 26.88 -15.78 -31.83
CA ASP A 378 26.37 -16.99 -32.46
C ASP A 378 25.49 -16.68 -33.67
N ALA A 379 24.81 -15.53 -33.62
CA ALA A 379 23.95 -15.11 -34.72
C ALA A 379 24.78 -14.81 -35.97
N LEU A 380 25.96 -14.25 -35.76
CA LEU A 380 26.87 -13.94 -36.86
C LEU A 380 27.72 -15.14 -37.21
N HIS A 381 28.17 -15.87 -36.20
CA HIS A 381 28.92 -17.09 -36.40
C HIS A 381 28.10 -18.08 -37.22
N GLY A 382 26.80 -18.08 -37.00
CA GLY A 382 25.89 -18.92 -37.76
C GLY A 382 25.77 -18.46 -39.19
N GLU A 383 25.86 -17.16 -39.42
CA GLU A 383 25.78 -16.60 -40.75
C GLU A 383 27.00 -16.97 -41.58
N MET A 384 28.16 -16.99 -40.93
CA MET A 384 29.40 -17.40 -41.57
C MET A 384 29.29 -18.83 -42.08
N VAL A 385 28.80 -19.72 -41.22
CA VAL A 385 28.63 -21.12 -41.57
C VAL A 385 27.52 -21.29 -42.60
N ARG A 386 26.45 -20.52 -42.46
CA ARG A 386 25.35 -20.59 -43.41
C ARG A 386 25.83 -20.26 -44.81
N ARG A 387 26.57 -19.17 -44.93
CA ARG A 387 27.08 -18.74 -46.22
C ARG A 387 28.06 -19.75 -46.84
N GLN A 388 28.88 -20.36 -46.00
CA GLN A 388 29.83 -21.38 -46.42
C GLN A 388 29.22 -22.65 -46.95
N GLU A 389 28.27 -23.20 -46.20
CA GLU A 389 27.52 -24.38 -46.61
C GLU A 389 26.67 -24.09 -47.84
N HIS A 390 26.27 -22.84 -48.00
CA HIS A 390 25.56 -22.41 -49.21
C HIS A 390 26.50 -22.54 -50.41
N LEU A 391 27.76 -22.19 -50.21
CA LEU A 391 28.75 -22.26 -51.29
C LEU A 391 29.21 -23.70 -51.52
N ARG A 392 29.10 -24.53 -50.49
CA ARG A 392 29.44 -25.94 -50.60
C ARG A 392 28.32 -26.70 -51.30
N HIS A 393 27.09 -26.24 -51.08
CA HIS A 393 25.90 -26.91 -51.60
C HIS A 393 25.53 -26.46 -53.01
N SER A 394 25.43 -25.14 -53.21
CA SER A 394 24.95 -24.56 -54.47
C SER A 394 25.63 -25.18 -55.68
N GLY A 395 26.94 -24.99 -55.72
CA GLY A 395 27.83 -25.78 -56.54
C GLY A 395 28.90 -26.05 -55.50
N ASN A 396 30.13 -26.33 -55.92
CA ASN A 396 31.20 -26.34 -54.93
C ASN A 396 32.12 -25.15 -55.14
N TYR A 397 31.53 -23.95 -55.04
CA TYR A 397 32.26 -22.71 -55.25
C TYR A 397 33.26 -22.46 -54.13
N ALA A 398 34.04 -21.39 -54.27
CA ALA A 398 35.05 -21.06 -53.28
C ALA A 398 34.80 -19.69 -52.68
N SER A 399 34.19 -18.80 -53.45
CA SER A 399 33.91 -17.44 -52.99
C SER A 399 32.56 -16.95 -53.48
N LEU A 400 32.07 -15.86 -52.88
CA LEU A 400 30.81 -15.26 -53.27
C LEU A 400 30.90 -14.73 -54.69
N ARG A 401 32.07 -14.20 -55.05
CA ARG A 401 32.27 -13.64 -56.38
C ARG A 401 32.10 -14.71 -57.46
N ASP A 402 32.69 -15.88 -57.22
CA ASP A 402 32.54 -17.01 -58.12
C ASP A 402 31.07 -17.40 -58.21
N TYR A 403 30.45 -17.52 -57.04
CA TYR A 403 29.02 -17.83 -56.96
C TYR A 403 28.19 -16.78 -57.67
N GLU A 404 28.49 -15.50 -57.42
CA GLU A 404 27.62 -14.42 -57.86
C GLU A 404 27.48 -14.29 -59.37
N LYS A 405 28.59 -14.33 -60.09
CA LYS A 405 28.51 -14.07 -61.51
C LYS A 405 28.27 -15.36 -62.27
N ALA A 406 28.62 -16.50 -61.68
CA ALA A 406 28.14 -17.76 -62.21
C ALA A 406 26.63 -17.68 -62.28
N ARG A 407 26.06 -17.29 -61.15
CA ARG A 407 24.64 -16.97 -61.03
C ARG A 407 24.15 -15.99 -62.10
N MET A 408 24.90 -14.91 -62.32
CA MET A 408 24.46 -13.89 -63.27
C MET A 408 24.98 -14.13 -64.71
N GLU A 409 26.03 -14.95 -64.84
CA GLU A 409 26.53 -15.36 -66.16
C GLU A 409 25.40 -15.92 -67.00
N GLY A 410 25.04 -17.16 -66.68
CA GLY A 410 23.94 -17.84 -67.32
C GLY A 410 23.54 -19.02 -66.46
N ALA A 411 23.09 -18.74 -65.24
CA ALA A 411 22.71 -19.78 -64.30
C ALA A 411 21.48 -19.40 -63.49
N PRO A 412 20.79 -20.42 -62.95
CA PRO A 412 19.66 -20.22 -62.03
C PRO A 412 20.07 -20.37 -60.57
N LEU A 413 20.26 -19.26 -59.87
CA LEU A 413 20.63 -19.29 -58.47
C LEU A 413 19.97 -18.16 -57.70
N PRO A 414 19.70 -18.36 -56.40
CA PRO A 414 19.16 -17.27 -55.60
C PRO A 414 20.21 -16.18 -55.43
N PRO A 415 19.77 -14.90 -55.40
CA PRO A 415 20.73 -13.82 -55.14
C PRO A 415 21.31 -13.95 -53.74
N MET A 416 22.64 -13.89 -53.64
CA MET A 416 23.29 -13.84 -52.34
C MET A 416 24.09 -12.55 -52.23
N PRO A 417 23.53 -11.57 -51.51
CA PRO A 417 24.11 -10.23 -51.37
C PRO A 417 25.34 -10.23 -50.48
N THR A 418 26.27 -9.30 -50.72
CA THR A 418 27.40 -9.12 -49.82
C THR A 418 26.89 -8.54 -48.52
N LEU A 419 27.53 -8.91 -47.41
CA LEU A 419 27.09 -8.43 -46.11
C LEU A 419 28.06 -7.39 -45.55
N PHE A 420 27.52 -6.20 -45.26
CA PHE A 420 28.32 -5.15 -44.66
C PHE A 420 27.98 -5.02 -43.18
N ILE A 421 28.97 -5.27 -42.32
CA ILE A 421 28.75 -5.20 -40.89
C ILE A 421 29.40 -3.96 -40.28
N VAL A 422 28.58 -3.11 -39.69
CA VAL A 422 29.07 -1.89 -39.06
C VAL A 422 28.91 -1.96 -37.55
N LEU A 423 30.02 -2.22 -36.86
CA LEU A 423 30.01 -2.32 -35.41
C LEU A 423 30.64 -1.09 -34.77
N ASP A 424 29.82 -0.27 -34.14
CA ASP A 424 30.30 0.93 -33.47
C ASP A 424 30.72 0.61 -32.04
N GLU A 425 31.70 1.36 -31.54
CA GLU A 425 32.20 1.21 -30.17
C GLU A 425 32.69 -0.20 -29.88
N PHE A 426 33.42 -0.78 -30.82
CA PHE A 426 33.95 -2.13 -30.65
C PHE A 426 35.05 -2.16 -29.60
N SER A 427 35.63 -0.99 -29.33
CA SER A 427 36.71 -0.88 -28.35
C SER A 427 36.21 -1.18 -26.95
N GLU A 428 35.14 -0.51 -26.54
CA GLU A 428 34.57 -0.73 -25.22
C GLU A 428 33.67 -1.96 -25.20
N LEU A 429 33.57 -2.62 -26.35
CA LEU A 429 32.88 -3.91 -26.43
C LEU A 429 33.86 -5.01 -26.06
N LEU A 430 35.07 -4.93 -26.61
CA LEU A 430 36.12 -5.91 -26.34
C LEU A 430 36.60 -5.80 -24.90
N SER A 431 36.52 -4.61 -24.32
CA SER A 431 36.92 -4.41 -22.93
C SER A 431 35.82 -4.90 -22.00
N ALA A 432 34.71 -5.35 -22.59
CA ALA A 432 33.62 -5.94 -21.83
C ALA A 432 33.63 -7.46 -22.01
N LYS A 433 33.61 -7.90 -23.27
CA LYS A 433 33.67 -9.32 -23.59
C LYS A 433 34.79 -9.59 -24.59
N PRO A 434 36.02 -9.78 -24.08
CA PRO A 434 37.23 -9.94 -24.91
C PRO A 434 37.23 -11.20 -25.76
N ASP A 435 36.40 -12.17 -25.42
CA ASP A 435 36.32 -13.42 -26.19
C ASP A 435 35.65 -13.18 -27.54
N PHE A 436 35.04 -12.02 -27.70
CA PHE A 436 34.32 -11.68 -28.92
C PHE A 436 35.27 -11.43 -30.09
N ALA A 437 36.53 -11.20 -29.77
CA ALA A 437 37.54 -10.89 -30.80
C ALA A 437 37.74 -12.05 -31.77
N GLU A 438 37.41 -13.26 -31.33
CA GLU A 438 37.52 -14.45 -32.17
C GLU A 438 36.67 -14.32 -33.42
N LEU A 439 35.49 -13.73 -33.25
CA LEU A 439 34.58 -13.51 -34.37
C LEU A 439 35.22 -12.60 -35.42
N PHE A 440 35.85 -11.53 -34.95
CA PHE A 440 36.52 -10.58 -35.83
C PHE A 440 37.61 -11.27 -36.66
N VAL A 441 38.41 -12.10 -36.00
CA VAL A 441 39.49 -12.81 -36.67
C VAL A 441 38.96 -13.75 -37.74
N MET A 442 37.87 -14.45 -37.42
CA MET A 442 37.26 -15.39 -38.35
C MET A 442 36.74 -14.66 -39.60
N ILE A 443 36.20 -13.47 -39.39
CA ILE A 443 35.71 -12.66 -40.51
C ILE A 443 36.86 -12.27 -41.42
N GLY A 444 37.97 -11.82 -40.84
CA GLY A 444 39.15 -11.46 -41.60
C GLY A 444 39.75 -12.65 -42.33
N ARG A 445 39.35 -13.85 -41.91
CA ARG A 445 39.86 -15.07 -42.52
C ARG A 445 38.89 -15.59 -43.58
N LEU A 446 37.59 -15.32 -43.40
CA LEU A 446 36.56 -15.87 -44.28
C LEU A 446 35.79 -14.80 -45.06
N GLY A 447 35.58 -13.65 -44.44
CA GLY A 447 34.69 -12.62 -44.96
C GLY A 447 34.91 -12.22 -46.41
N ARG A 448 36.16 -12.28 -46.86
CA ARG A 448 36.49 -11.93 -48.23
C ARG A 448 35.82 -12.87 -49.23
N SER A 449 35.93 -14.17 -48.98
CA SER A 449 35.33 -15.17 -49.85
C SER A 449 33.83 -15.30 -49.61
N LEU A 450 33.42 -15.10 -48.36
CA LEU A 450 32.02 -15.24 -47.99
C LEU A 450 31.20 -14.01 -48.36
N GLY A 451 31.89 -12.94 -48.75
CA GLY A 451 31.23 -11.70 -49.11
C GLY A 451 30.77 -10.92 -47.89
N VAL A 452 31.47 -11.11 -46.78
CA VAL A 452 31.13 -10.40 -45.56
C VAL A 452 32.16 -9.31 -45.26
N HIS A 453 31.73 -8.06 -45.32
CA HIS A 453 32.61 -6.93 -45.09
C HIS A 453 32.37 -6.30 -43.73
N LEU A 454 33.46 -6.05 -43.00
CA LEU A 454 33.36 -5.51 -41.65
C LEU A 454 33.88 -4.08 -41.58
N LEU A 455 33.26 -3.28 -40.71
CA LEU A 455 33.74 -1.93 -40.43
C LEU A 455 33.69 -1.66 -38.94
N LEU A 456 34.85 -1.71 -38.30
CA LEU A 456 34.95 -1.47 -36.86
C LEU A 456 35.11 0.01 -36.57
N ALA A 457 34.17 0.57 -35.82
CA ALA A 457 34.21 1.98 -35.47
C ALA A 457 34.19 2.18 -33.96
N SER A 458 34.99 3.12 -33.49
CA SER A 458 35.03 3.42 -32.06
C SER A 458 35.30 4.88 -31.79
N GLN A 459 34.81 5.36 -30.65
CA GLN A 459 35.08 6.73 -30.21
C GLN A 459 36.55 6.89 -29.89
N ARG A 460 37.12 5.89 -29.23
CA ARG A 460 38.53 5.90 -28.85
C ARG A 460 39.12 4.50 -28.86
N LEU A 461 40.42 4.41 -29.14
CA LEU A 461 41.10 3.12 -29.29
C LEU A 461 42.40 3.04 -28.48
N GLU A 462 42.75 1.83 -28.08
CA GLU A 462 44.08 1.55 -27.54
C GLU A 462 44.70 0.39 -28.32
N GLU A 463 46.01 0.41 -28.48
CA GLU A 463 46.73 -0.44 -29.44
C GLU A 463 46.51 -1.94 -29.25
N GLY A 464 46.26 -2.35 -28.01
CA GLY A 464 46.07 -3.75 -27.71
C GLY A 464 44.84 -4.36 -28.33
N LYS A 465 43.84 -3.53 -28.61
CA LYS A 465 42.56 -4.00 -29.13
C LYS A 465 42.65 -4.58 -30.54
N LEU A 466 43.68 -4.17 -31.28
CA LEU A 466 43.83 -4.58 -32.67
C LEU A 466 44.71 -5.81 -32.82
N ARG A 467 44.77 -6.64 -31.79
CA ARG A 467 45.61 -7.83 -31.83
C ARG A 467 45.06 -8.86 -32.82
N GLY A 468 45.88 -9.21 -33.80
CA GLY A 468 45.48 -10.15 -34.84
C GLY A 468 44.41 -9.59 -35.77
N LEU A 469 44.17 -8.28 -35.66
CA LEU A 469 43.16 -7.61 -36.47
C LEU A 469 43.79 -6.54 -37.34
N ASP A 470 44.95 -6.06 -36.94
CA ASP A 470 45.62 -4.95 -37.61
C ASP A 470 45.98 -5.30 -39.06
N THR A 471 46.15 -6.59 -39.33
CA THR A 471 46.49 -7.04 -40.67
C THR A 471 45.29 -7.05 -41.59
N HIS A 472 44.16 -7.52 -41.07
CA HIS A 472 42.95 -7.70 -41.87
C HIS A 472 42.23 -6.38 -42.16
N LEU A 473 42.51 -5.36 -41.35
CA LEU A 473 41.90 -4.06 -41.56
C LEU A 473 42.68 -3.28 -42.62
N SER A 474 42.18 -3.30 -43.85
CA SER A 474 42.87 -2.67 -44.96
C SER A 474 42.81 -1.15 -44.90
N TYR A 475 41.63 -0.59 -45.15
CA TYR A 475 41.48 0.86 -45.13
C TYR A 475 41.25 1.37 -43.72
N ARG A 476 41.72 2.58 -43.44
CA ARG A 476 41.58 3.17 -42.12
C ARG A 476 41.15 4.62 -42.22
N ILE A 477 39.99 4.94 -41.63
CA ILE A 477 39.48 6.31 -41.63
C ILE A 477 39.70 6.95 -40.27
N GLY A 478 40.57 7.96 -40.23
CA GLY A 478 40.88 8.62 -38.99
C GLY A 478 40.35 10.03 -38.91
N LEU A 479 39.28 10.22 -38.13
CA LEU A 479 38.76 11.55 -37.85
C LEU A 479 39.60 12.16 -36.73
N ARG A 480 39.08 13.21 -36.11
CA ARG A 480 39.79 13.85 -35.01
C ARG A 480 39.86 12.92 -33.80
N THR A 481 41.07 12.46 -33.49
CA THR A 481 41.27 11.53 -32.39
C THR A 481 41.43 12.26 -31.06
N PHE A 482 41.49 11.49 -29.97
CA PHE A 482 41.63 12.06 -28.64
C PHE A 482 43.10 12.34 -28.32
N SER A 483 43.96 11.39 -28.61
CA SER A 483 45.38 11.53 -28.33
C SER A 483 46.20 11.42 -29.60
N ALA A 484 47.49 11.75 -29.50
CA ALA A 484 48.38 11.69 -30.65
C ALA A 484 48.69 10.23 -31.01
N MET A 485 48.78 9.37 -30.00
CA MET A 485 49.14 7.98 -30.22
C MET A 485 48.00 7.20 -30.90
N GLU A 486 46.77 7.52 -30.54
CA GLU A 486 45.60 6.88 -31.15
C GLU A 486 45.52 7.23 -32.63
N SER A 487 45.88 8.45 -32.95
CA SER A 487 45.99 8.88 -34.34
C SER A 487 47.09 8.08 -35.03
N ARG A 488 48.13 7.73 -34.29
CA ARG A 488 49.27 7.01 -34.84
C ARG A 488 48.95 5.54 -35.12
N VAL A 489 48.34 4.87 -34.15
CA VAL A 489 48.09 3.44 -34.27
C VAL A 489 47.13 3.09 -35.41
N VAL A 490 46.42 4.09 -35.91
CA VAL A 490 45.45 3.87 -36.99
C VAL A 490 45.86 4.56 -38.28
N LEU A 491 46.94 5.33 -38.25
CA LEU A 491 47.40 6.04 -39.45
C LEU A 491 48.92 5.96 -39.61
N GLY A 492 49.63 6.05 -38.49
CA GLY A 492 51.08 6.07 -38.53
C GLY A 492 51.60 7.46 -38.21
N VAL A 493 50.70 8.43 -38.19
CA VAL A 493 51.04 9.81 -37.90
C VAL A 493 50.01 10.44 -36.96
N PRO A 494 50.45 11.38 -36.10
CA PRO A 494 49.56 12.03 -35.14
C PRO A 494 48.74 13.16 -35.76
N ASP A 495 48.62 13.18 -37.07
CA ASP A 495 47.99 14.28 -37.78
C ASP A 495 46.50 14.43 -37.46
N ALA A 496 45.87 13.35 -37.06
CA ALA A 496 44.43 13.37 -36.75
C ALA A 496 44.16 14.12 -35.46
N TYR A 497 45.16 14.20 -34.59
CA TYR A 497 45.03 14.93 -33.33
C TYR A 497 44.89 16.43 -33.58
N GLU A 498 45.51 16.89 -34.66
CA GLU A 498 45.59 18.32 -34.94
C GLU A 498 44.47 18.80 -35.84
N LEU A 499 43.53 17.90 -36.15
CA LEU A 499 42.39 18.25 -36.98
C LEU A 499 41.48 19.24 -36.26
N PRO A 500 40.90 20.19 -37.02
CA PRO A 500 40.01 21.22 -36.46
C PRO A 500 38.85 20.63 -35.65
N PRO A 501 38.43 21.34 -34.59
CA PRO A 501 37.32 20.91 -33.74
C PRO A 501 36.02 20.75 -34.52
N SER A 502 35.91 21.45 -35.64
CA SER A 502 34.75 21.34 -36.51
C SER A 502 34.62 19.92 -37.04
N PRO A 503 33.41 19.36 -36.97
CA PRO A 503 33.16 17.97 -37.40
C PRO A 503 33.20 17.80 -38.91
N GLY A 504 33.61 16.62 -39.37
CA GLY A 504 33.63 16.34 -40.79
C GLY A 504 35.01 16.05 -41.33
N ASN A 505 36.03 16.67 -40.73
CA ASN A 505 37.40 16.51 -41.20
C ASN A 505 38.00 15.18 -40.77
N GLY A 506 38.83 14.59 -41.63
CA GLY A 506 39.47 13.32 -41.33
C GLY A 506 40.45 12.91 -42.40
N TYR A 507 41.16 11.82 -42.15
CA TYR A 507 42.12 11.28 -43.12
C TYR A 507 41.71 9.90 -43.59
N LEU A 508 42.33 9.43 -44.67
CA LEU A 508 42.03 8.12 -45.23
C LEU A 508 43.30 7.44 -45.69
N LYS A 509 43.75 6.45 -44.91
CA LYS A 509 44.98 5.72 -45.25
C LYS A 509 44.66 4.33 -45.78
N PHE A 510 45.39 3.92 -46.81
CA PHE A 510 45.29 2.57 -47.34
C PHE A 510 46.64 2.09 -47.85
N ALA A 511 47.08 0.95 -47.32
CA ALA A 511 48.33 0.31 -47.71
C ALA A 511 49.54 1.25 -47.59
N THR A 512 50.21 1.48 -48.71
CA THR A 512 51.45 2.27 -48.73
C THR A 512 51.24 3.61 -49.41
N GLU A 513 50.00 3.90 -49.74
CA GLU A 513 49.64 5.11 -50.46
C GLU A 513 49.29 6.26 -49.50
N PRO A 514 49.75 7.49 -49.81
CA PRO A 514 49.69 8.66 -48.93
C PRO A 514 48.33 8.92 -48.30
N LEU A 515 48.32 9.58 -47.14
CA LEU A 515 47.08 10.01 -46.51
C LEU A 515 46.33 10.95 -47.43
N VAL A 516 45.01 10.96 -47.30
CA VAL A 516 44.19 11.89 -48.06
C VAL A 516 43.21 12.57 -47.11
N ARG A 517 43.52 13.79 -46.71
CA ARG A 517 42.61 14.55 -45.86
C ARG A 517 41.37 14.91 -46.66
N PHE A 518 40.21 14.69 -46.06
CA PHE A 518 38.95 14.99 -46.71
C PHE A 518 37.99 15.67 -45.77
N LYS A 519 36.78 15.94 -46.27
CA LYS A 519 35.73 16.45 -45.42
C LYS A 519 34.41 15.78 -45.79
N ALA A 520 33.85 15.02 -44.84
CA ALA A 520 32.68 14.20 -45.09
C ALA A 520 31.45 15.02 -45.46
N ALA A 521 30.61 14.44 -46.31
CA ALA A 521 29.33 15.05 -46.66
C ALA A 521 28.32 14.76 -45.56
N TYR A 522 27.19 15.46 -45.60
CA TYR A 522 26.15 15.26 -44.60
C TYR A 522 24.84 14.80 -45.23
N VAL A 523 23.99 14.19 -44.42
CA VAL A 523 22.69 13.70 -44.88
C VAL A 523 21.59 14.11 -43.91
N SER A 524 21.98 14.72 -42.80
CA SER A 524 21.04 15.10 -41.76
C SER A 524 20.62 16.57 -41.87
N GLY A 525 20.72 17.11 -43.08
CA GLY A 525 20.31 18.48 -43.32
C GLY A 525 19.27 18.59 -44.41
N PRO A 526 18.82 19.83 -44.69
CA PRO A 526 17.88 20.09 -45.78
C PRO A 526 18.60 20.46 -47.07
N VAL A 527 17.85 20.75 -48.13
CA VAL A 527 18.44 21.28 -49.36
C VAL A 527 17.69 22.55 -49.76
N ASP A 528 18.38 23.45 -50.46
CA ASP A 528 17.92 24.83 -50.60
C ASP A 528 17.43 25.20 -52.00
N GLU A 529 16.87 26.39 -52.11
CA GLU A 529 16.45 26.95 -53.39
C GLU A 529 16.60 28.48 -53.35
N GLU A 530 16.81 29.11 -54.50
CA GLU A 530 17.04 30.55 -54.56
C GLU A 530 15.80 31.33 -54.13
N SER A 572 12.33 22.00 -40.82
CA SER A 572 11.82 21.36 -42.02
C SER A 572 11.92 19.83 -41.91
N GLU A 573 12.68 19.23 -42.81
CA GLU A 573 12.96 17.79 -42.75
C GLU A 573 14.33 17.48 -43.32
N SER A 574 15.03 16.55 -42.71
CA SER A 574 16.39 16.19 -43.13
C SER A 574 16.40 15.46 -44.46
N LEU A 575 17.53 15.54 -45.16
CA LEU A 575 17.70 14.85 -46.43
C LEU A 575 17.64 13.34 -46.22
N PHE A 576 18.08 12.90 -45.04
CA PHE A 576 18.04 11.50 -44.67
C PHE A 576 16.62 10.95 -44.75
N ASP A 577 15.70 11.63 -44.07
CA ASP A 577 14.31 11.21 -44.02
C ASP A 577 13.67 11.19 -45.41
N VAL A 578 13.99 12.19 -46.22
CA VAL A 578 13.44 12.30 -47.57
C VAL A 578 13.86 11.11 -48.43
N VAL A 579 15.13 10.73 -48.33
CA VAL A 579 15.66 9.62 -49.10
C VAL A 579 15.04 8.29 -48.68
N VAL A 580 15.19 7.95 -47.40
CA VAL A 580 14.69 6.69 -46.87
C VAL A 580 13.21 6.49 -47.13
N ARG A 581 12.45 7.57 -47.03
CA ARG A 581 11.01 7.54 -47.26
C ARG A 581 10.64 6.99 -48.63
N GLN A 582 11.49 7.28 -49.62
CA GLN A 582 11.22 6.86 -51.00
C GLN A 582 11.77 5.48 -51.30
N LEU A 583 12.88 5.12 -50.65
CA LEU A 583 13.52 3.83 -50.90
C LEU A 583 12.89 2.70 -50.11
N ALA A 584 12.23 3.04 -49.00
CA ALA A 584 11.60 2.04 -48.15
C ALA A 584 10.46 1.34 -48.89
N GLY A 585 10.45 0.02 -48.83
CA GLY A 585 9.38 -0.76 -49.44
C GLY A 585 9.74 -1.32 -50.80
N HIS A 586 10.91 -0.96 -51.31
CA HIS A 586 11.37 -1.44 -52.60
C HIS A 586 12.48 -2.46 -52.46
N GLY A 587 12.37 -3.57 -53.17
CA GLY A 587 13.40 -4.59 -53.17
C GLY A 587 13.08 -5.77 -52.26
N PRO A 588 13.76 -6.89 -52.48
CA PRO A 588 13.58 -8.13 -51.69
C PRO A 588 13.91 -7.92 -50.22
N GLU A 589 13.02 -8.38 -49.34
CA GLU A 589 13.27 -8.29 -47.90
C GLU A 589 14.45 -9.18 -47.52
N PRO A 590 15.32 -8.68 -46.62
CA PRO A 590 16.59 -9.34 -46.30
C PRO A 590 16.43 -10.60 -45.46
N HIS A 591 17.43 -11.47 -45.53
CA HIS A 591 17.48 -12.65 -44.68
C HIS A 591 17.74 -12.24 -43.24
N GLN A 592 16.87 -12.66 -42.33
CA GLN A 592 17.01 -12.31 -40.92
C GLN A 592 18.20 -12.99 -40.28
N ILE A 593 19.16 -12.19 -39.82
CA ILE A 593 20.32 -12.70 -39.11
C ILE A 593 20.09 -12.61 -37.62
N TRP A 594 19.31 -11.60 -37.22
CA TRP A 594 19.04 -11.34 -35.82
C TRP A 594 17.53 -11.32 -35.56
N LEU A 595 17.08 -12.17 -34.63
CA LEU A 595 15.67 -12.26 -34.31
C LEU A 595 15.39 -11.69 -32.93
N PRO A 596 14.17 -11.15 -32.72
CA PRO A 596 13.70 -10.62 -31.44
C PRO A 596 14.08 -11.52 -30.27
N PRO A 597 14.95 -11.01 -29.37
CA PRO A 597 15.64 -11.79 -28.35
C PRO A 597 14.83 -12.08 -27.08
N LEU A 598 13.75 -12.84 -27.21
CA LEU A 598 13.06 -13.42 -26.06
C LEU A 598 12.67 -12.41 -24.99
N ASP A 599 11.70 -11.55 -25.28
CA ASP A 599 11.21 -10.59 -24.30
C ASP A 599 9.76 -10.88 -23.93
N VAL A 600 8.87 -10.74 -24.91
CA VAL A 600 7.45 -10.99 -24.69
C VAL A 600 7.10 -12.45 -24.96
N PRO A 601 6.45 -13.10 -23.99
CA PRO A 601 6.06 -14.51 -24.10
C PRO A 601 4.94 -14.74 -25.11
N PRO A 602 4.91 -15.92 -25.73
CA PRO A 602 3.84 -16.29 -26.68
C PRO A 602 2.62 -16.85 -25.97
N THR A 603 1.55 -17.07 -26.71
CA THR A 603 0.37 -17.73 -26.16
C THR A 603 0.18 -19.08 -26.86
N LEU A 604 -0.73 -19.89 -26.35
CA LEU A 604 -0.93 -21.24 -26.87
C LEU A 604 -1.54 -21.23 -28.27
N ASP A 605 -2.38 -20.24 -28.55
CA ASP A 605 -2.97 -20.12 -29.88
C ASP A 605 -1.92 -19.64 -30.88
N GLU A 606 -0.88 -18.99 -30.37
CA GLU A 606 0.20 -18.49 -31.20
C GLU A 606 1.12 -19.63 -31.64
N LEU A 607 1.21 -20.66 -30.81
CA LEU A 607 2.10 -21.78 -31.08
C LEU A 607 1.35 -22.97 -31.66
N LEU A 608 0.06 -22.78 -31.93
CA LEU A 608 -0.77 -23.85 -32.43
C LEU A 608 -1.60 -23.42 -33.64
N PRO A 609 -1.96 -24.39 -34.51
CA PRO A 609 -2.90 -24.18 -35.62
C PRO A 609 -4.22 -23.57 -35.14
N PRO A 610 -5.01 -23.02 -36.08
CA PRO A 610 -6.31 -22.42 -35.71
C PRO A 610 -7.20 -23.41 -34.96
N LEU A 611 -7.65 -23.02 -33.77
CA LEU A 611 -8.44 -23.89 -32.92
C LEU A 611 -9.94 -23.65 -33.12
N SER A 612 -10.69 -24.73 -33.29
CA SER A 612 -12.12 -24.65 -33.57
C SER A 612 -12.91 -25.71 -32.82
N PRO A 613 -14.14 -25.38 -32.41
CA PRO A 613 -15.03 -26.33 -31.74
C PRO A 613 -15.41 -27.48 -32.66
N SER A 614 -14.73 -28.61 -32.52
CA SER A 614 -14.95 -29.76 -33.40
C SER A 614 -16.14 -30.60 -32.97
N ALA A 615 -16.57 -31.50 -33.84
CA ALA A 615 -17.66 -32.40 -33.55
C ALA A 615 -17.16 -33.62 -32.77
N ALA A 616 -17.61 -33.74 -31.53
CA ALA A 616 -17.22 -34.83 -30.64
C ALA A 616 -15.71 -34.93 -30.47
N HIS A 617 -15.04 -33.77 -30.42
CA HIS A 617 -13.61 -33.71 -30.18
C HIS A 617 -13.25 -32.48 -29.36
N GLY A 618 -14.24 -31.64 -29.11
CA GLY A 618 -14.06 -30.44 -28.31
C GLY A 618 -13.27 -29.37 -29.02
N TYR A 619 -12.99 -28.27 -28.32
CA TYR A 619 -12.22 -27.18 -28.87
C TYR A 619 -10.77 -27.61 -29.10
N THR A 620 -10.45 -27.95 -30.34
CA THR A 620 -9.14 -28.48 -30.67
C THR A 620 -8.77 -28.16 -32.12
N ALA A 621 -7.52 -28.46 -32.48
CA ALA A 621 -7.09 -28.32 -33.87
C ALA A 621 -7.72 -29.42 -34.71
N ASP A 622 -8.93 -29.16 -35.18
CA ASP A 622 -9.73 -30.17 -35.87
C ASP A 622 -9.02 -30.80 -37.06
N GLY A 623 -8.80 -32.10 -37.00
CA GLY A 623 -8.25 -32.85 -38.10
C GLY A 623 -6.73 -32.80 -38.21
N TRP A 624 -6.08 -32.16 -37.24
CA TRP A 624 -4.63 -32.02 -37.27
C TRP A 624 -3.96 -33.37 -37.06
N GLU A 625 -2.84 -33.57 -37.73
CA GLU A 625 -2.06 -34.81 -37.61
C GLU A 625 -1.57 -35.02 -36.18
N TRP A 626 -1.20 -33.92 -35.53
CA TRP A 626 -0.63 -33.99 -34.19
C TRP A 626 -1.65 -33.77 -33.08
N ARG A 627 -2.88 -34.19 -33.31
CA ARG A 627 -3.90 -34.12 -32.27
C ARG A 627 -4.09 -35.49 -31.64
N GLY A 628 -3.91 -35.56 -30.33
CA GLY A 628 -4.06 -36.80 -29.60
C GLY A 628 -2.86 -37.71 -29.75
N ARG A 629 -1.69 -37.11 -29.97
CA ARG A 629 -0.46 -37.86 -30.10
C ARG A 629 0.37 -37.76 -28.83
N LEU A 630 -0.27 -37.25 -27.77
CA LEU A 630 0.36 -37.01 -26.48
C LEU A 630 1.57 -36.08 -26.59
N HIS A 631 1.56 -35.21 -27.58
CA HIS A 631 2.57 -34.16 -27.68
C HIS A 631 1.99 -32.84 -27.23
N ALA A 632 2.78 -32.04 -26.52
CA ALA A 632 2.32 -30.77 -26.00
C ALA A 632 3.33 -29.67 -26.24
N VAL A 633 2.85 -28.52 -26.72
CA VAL A 633 3.70 -27.36 -26.93
C VAL A 633 3.69 -26.50 -25.67
N VAL A 634 4.87 -26.08 -25.23
CA VAL A 634 5.00 -25.38 -23.95
C VAL A 634 5.46 -23.93 -24.11
N GLY A 635 6.48 -23.70 -24.94
CA GLY A 635 7.00 -22.36 -25.10
C GLY A 635 7.72 -22.11 -26.40
N LEU A 636 8.72 -21.23 -26.35
CA LEU A 636 9.48 -20.86 -27.54
C LEU A 636 10.98 -20.92 -27.26
N VAL A 637 11.67 -21.83 -27.93
CA VAL A 637 13.11 -22.00 -27.75
C VAL A 637 13.89 -21.08 -28.66
N ASP A 638 14.94 -20.46 -28.14
CA ASP A 638 15.77 -19.57 -28.92
C ASP A 638 17.00 -20.29 -29.48
N ARG A 639 17.09 -20.36 -30.80
CA ARG A 639 18.25 -20.93 -31.46
C ARG A 639 18.91 -19.87 -32.36
N PRO A 640 19.69 -18.96 -31.75
CA PRO A 640 20.28 -17.83 -32.46
C PRO A 640 21.31 -18.27 -33.51
N PHE A 641 22.04 -19.34 -33.24
CA PHE A 641 23.03 -19.85 -34.18
C PHE A 641 22.36 -20.30 -35.48
N ASP A 642 21.21 -20.95 -35.35
CA ASP A 642 20.47 -21.44 -36.50
C ASP A 642 19.57 -20.33 -37.06
N GLN A 643 19.67 -19.15 -36.47
CA GLN A 643 18.94 -17.97 -36.92
C GLN A 643 17.43 -18.20 -36.93
N ARG A 644 16.93 -18.95 -35.96
CA ARG A 644 15.50 -19.19 -35.85
C ARG A 644 15.10 -19.39 -34.39
N ARG A 645 13.80 -19.50 -34.17
CA ARG A 645 13.28 -19.78 -32.83
C ARG A 645 12.20 -20.84 -32.92
N ASP A 646 12.43 -21.97 -32.27
CA ASP A 646 11.53 -23.10 -32.37
C ASP A 646 10.53 -23.17 -31.27
N PRO A 647 9.36 -23.69 -31.57
CA PRO A 647 8.38 -24.05 -30.55
C PRO A 647 8.92 -25.22 -29.78
N TYR A 648 8.59 -25.31 -28.50
CA TYR A 648 9.13 -26.32 -27.64
C TYR A 648 8.08 -27.37 -27.52
N TRP A 649 8.42 -28.62 -27.85
CA TRP A 649 7.46 -29.68 -27.86
C TRP A 649 7.92 -30.79 -27.03
N LEU A 650 6.97 -31.44 -26.37
CA LEU A 650 7.25 -32.51 -25.45
C LEU A 650 6.60 -33.79 -25.92
N ASP A 651 7.31 -34.89 -25.78
CA ASP A 651 6.83 -36.20 -26.22
C ASP A 651 6.50 -37.05 -25.01
N LEU A 652 5.27 -36.89 -24.50
CA LEU A 652 4.83 -37.63 -23.33
C LEU A 652 4.20 -38.96 -23.72
N SER A 653 4.48 -39.42 -24.94
CA SER A 653 3.90 -40.65 -25.46
C SER A 653 4.68 -41.89 -25.00
N GLY A 654 5.37 -41.77 -23.87
CA GLY A 654 6.13 -42.88 -23.34
C GLY A 654 7.59 -42.56 -23.13
N GLY A 655 8.19 -43.18 -22.12
CA GLY A 655 9.59 -42.93 -21.80
C GLY A 655 9.77 -41.62 -21.06
N ALA A 656 9.54 -40.52 -21.76
CA ALA A 656 9.64 -39.20 -21.18
C ALA A 656 8.27 -38.71 -20.73
N GLY A 657 7.38 -39.64 -20.44
CA GLY A 657 6.02 -39.33 -20.05
C GLY A 657 5.91 -38.62 -18.72
N HIS A 658 6.93 -38.76 -17.89
CA HIS A 658 6.97 -38.10 -16.59
C HIS A 658 7.61 -36.72 -16.71
N VAL A 659 6.93 -35.71 -16.16
CA VAL A 659 7.40 -34.33 -16.27
C VAL A 659 7.83 -33.78 -14.92
N GLY A 660 9.02 -33.18 -14.88
CA GLY A 660 9.52 -32.54 -13.69
C GLY A 660 9.82 -31.07 -13.93
N VAL A 661 9.51 -30.23 -12.95
CA VAL A 661 9.74 -28.79 -13.07
C VAL A 661 10.43 -28.24 -11.83
N ALA A 662 11.50 -27.48 -12.03
CA ALA A 662 12.21 -26.85 -10.93
C ALA A 662 12.44 -25.37 -11.20
N GLY A 663 12.66 -24.61 -10.13
CA GLY A 663 12.89 -23.19 -10.24
C GLY A 663 12.74 -22.50 -8.90
N GLY A 664 13.51 -21.43 -8.69
CA GLY A 664 13.46 -20.70 -7.44
C GLY A 664 12.13 -19.99 -7.24
N PRO A 665 12.01 -19.22 -6.14
CA PRO A 665 10.79 -18.48 -5.83
C PRO A 665 10.38 -17.53 -6.95
N GLN A 666 9.10 -17.54 -7.32
CA GLN A 666 8.54 -16.64 -8.32
C GLN A 666 9.28 -16.72 -9.65
N THR A 667 9.61 -17.93 -10.05
CA THR A 667 10.36 -18.18 -11.24
C THR A 667 9.43 -18.46 -12.39
N GLY A 668 8.24 -18.95 -12.09
CA GLY A 668 7.27 -19.24 -13.12
C GLY A 668 6.79 -20.68 -13.17
N LYS A 669 6.98 -21.42 -12.09
CA LYS A 669 6.54 -22.80 -12.09
C LYS A 669 5.02 -22.82 -12.26
N SER A 670 4.32 -22.46 -11.20
CA SER A 670 2.88 -22.57 -11.17
C SER A 670 2.24 -22.13 -12.50
N THR A 671 2.89 -21.23 -13.22
CA THR A 671 2.41 -20.80 -14.53
C THR A 671 2.68 -21.87 -15.57
N MET A 672 3.88 -22.44 -15.52
CA MET A 672 4.28 -23.50 -16.44
C MET A 672 3.32 -24.67 -16.43
N LEU A 673 2.98 -25.16 -15.24
CA LEU A 673 2.06 -26.27 -15.08
C LEU A 673 0.74 -26.01 -15.75
N ARG A 674 0.23 -24.79 -15.58
CA ARG A 674 -1.07 -24.41 -16.12
C ARG A 674 -1.07 -24.38 -17.65
N THR A 675 0.10 -24.08 -18.24
CA THR A 675 0.22 -24.10 -19.69
C THR A 675 0.20 -25.54 -20.20
N LEU A 676 1.01 -26.38 -19.58
CA LEU A 676 1.13 -27.78 -19.96
C LEU A 676 -0.22 -28.50 -19.91
N ILE A 677 -0.96 -28.27 -18.84
CA ILE A 677 -2.30 -28.83 -18.70
C ILE A 677 -3.21 -28.33 -19.81
N THR A 678 -3.22 -27.01 -19.99
CA THR A 678 -4.05 -26.38 -21.01
C THR A 678 -3.64 -26.83 -22.41
N SER A 679 -2.33 -26.92 -22.64
CA SER A 679 -1.80 -27.35 -23.93
C SER A 679 -2.29 -28.75 -24.27
N LEU A 680 -2.17 -29.67 -23.33
CA LEU A 680 -2.68 -31.03 -23.49
C LEU A 680 -4.19 -31.02 -23.64
N ALA A 681 -4.84 -30.11 -22.91
CA ALA A 681 -6.30 -30.00 -22.95
C ALA A 681 -6.78 -29.54 -24.32
N LEU A 682 -5.92 -28.83 -25.03
CA LEU A 682 -6.28 -28.31 -26.35
C LEU A 682 -6.10 -29.35 -27.45
N LEU A 683 -5.20 -30.30 -27.24
CA LEU A 683 -4.90 -31.30 -28.25
C LEU A 683 -5.50 -32.66 -27.91
N HIS A 684 -6.25 -32.72 -26.81
CA HIS A 684 -6.86 -33.97 -26.38
C HIS A 684 -8.25 -33.75 -25.82
N THR A 685 -9.08 -34.79 -25.89
CA THR A 685 -10.41 -34.75 -25.32
C THR A 685 -10.36 -35.26 -23.88
N PRO A 686 -11.31 -34.83 -23.04
CA PRO A 686 -11.35 -35.26 -21.63
C PRO A 686 -11.43 -36.78 -21.45
N GLN A 687 -11.76 -37.50 -22.51
CA GLN A 687 -11.77 -38.97 -22.46
C GLN A 687 -10.39 -39.54 -22.79
N GLU A 688 -9.51 -38.68 -23.28
CA GLU A 688 -8.16 -39.10 -23.65
C GLU A 688 -7.15 -38.77 -22.56
N VAL A 689 -7.39 -37.67 -21.85
CA VAL A 689 -6.52 -37.26 -20.75
C VAL A 689 -7.33 -36.82 -19.54
N GLN A 690 -6.78 -37.05 -18.35
CA GLN A 690 -7.39 -36.59 -17.11
C GLN A 690 -6.33 -36.02 -16.18
N PHE A 691 -6.70 -34.98 -15.42
CA PHE A 691 -5.75 -34.32 -14.54
C PHE A 691 -6.25 -34.27 -13.10
N TYR A 692 -5.38 -34.64 -12.18
CA TYR A 692 -5.69 -34.59 -10.76
C TYR A 692 -4.57 -33.88 -10.01
N CYS A 693 -4.89 -32.72 -9.45
CA CYS A 693 -3.86 -31.79 -8.99
C CYS A 693 -3.77 -31.66 -7.48
N LEU A 694 -2.54 -31.47 -7.00
CA LEU A 694 -2.26 -31.15 -5.61
C LEU A 694 -1.59 -29.78 -5.57
N ASP A 695 -2.40 -28.74 -5.47
CA ASP A 695 -1.86 -27.38 -5.57
C ASP A 695 -1.12 -26.99 -4.31
N PHE A 696 0.20 -27.18 -4.32
CA PHE A 696 1.03 -26.78 -3.19
C PHE A 696 1.93 -25.60 -3.54
N GLY A 697 1.61 -24.86 -4.59
CA GLY A 697 2.39 -23.70 -4.95
C GLY A 697 1.61 -22.47 -5.39
N GLY A 698 0.78 -21.93 -4.50
CA GLY A 698 0.09 -20.68 -4.79
C GLY A 698 -1.41 -20.75 -4.91
N GLY A 699 -1.94 -21.95 -5.15
CA GLY A 699 -3.37 -22.13 -5.29
C GLY A 699 -3.87 -21.63 -6.64
N THR A 700 -2.96 -21.49 -7.59
CA THR A 700 -3.29 -20.94 -8.91
C THR A 700 -3.96 -21.97 -9.80
N LEU A 701 -3.76 -23.25 -9.50
CA LEU A 701 -4.33 -24.33 -10.30
C LEU A 701 -5.85 -24.37 -10.22
N ALA A 702 -6.41 -23.74 -9.20
CA ALA A 702 -7.86 -23.76 -8.98
C ALA A 702 -8.62 -23.07 -10.11
N GLY A 703 -7.91 -22.32 -10.94
CA GLY A 703 -8.51 -21.64 -12.07
C GLY A 703 -8.88 -22.59 -13.19
N LEU A 704 -8.23 -23.74 -13.21
CA LEU A 704 -8.47 -24.74 -14.26
C LEU A 704 -9.43 -25.82 -13.79
N ALA A 705 -10.01 -25.63 -12.60
CA ALA A 705 -10.86 -26.64 -11.98
C ALA A 705 -12.13 -26.92 -12.78
N GLU A 706 -12.54 -25.95 -13.59
CA GLU A 706 -13.77 -26.10 -14.36
C GLU A 706 -13.52 -26.73 -15.73
N LEU A 707 -12.27 -27.05 -16.00
CA LEU A 707 -11.93 -27.78 -17.22
C LEU A 707 -12.57 -29.17 -17.19
N PRO A 708 -13.06 -29.64 -18.35
CA PRO A 708 -13.62 -30.98 -18.41
C PRO A 708 -12.54 -32.06 -18.33
N HIS A 709 -11.29 -31.64 -18.47
CA HIS A 709 -10.16 -32.57 -18.43
C HIS A 709 -9.70 -32.85 -17.00
N VAL A 710 -9.94 -31.90 -16.09
CA VAL A 710 -9.57 -32.09 -14.71
C VAL A 710 -10.70 -32.73 -13.92
N GLY A 711 -10.36 -33.45 -12.86
CA GLY A 711 -11.36 -34.13 -12.05
C GLY A 711 -11.28 -33.71 -10.61
N SER A 712 -10.13 -33.19 -10.20
CA SER A 712 -9.94 -32.76 -8.82
C SER A 712 -8.80 -31.76 -8.69
N VAL A 713 -9.04 -30.71 -7.91
CA VAL A 713 -8.00 -29.75 -7.56
C VAL A 713 -7.98 -29.54 -6.06
N ALA A 714 -7.02 -30.17 -5.39
CA ALA A 714 -6.95 -30.12 -3.93
C ALA A 714 -5.98 -29.05 -3.45
N THR A 715 -6.48 -28.16 -2.60
CA THR A 715 -5.63 -27.16 -1.97
C THR A 715 -4.97 -27.78 -0.74
N ARG A 716 -4.06 -27.04 -0.13
CA ARG A 716 -3.30 -27.55 1.01
C ARG A 716 -4.17 -27.76 2.25
N LEU A 717 -5.32 -27.11 2.29
CA LEU A 717 -6.19 -27.19 3.46
C LEU A 717 -7.14 -28.39 3.40
N ASP A 718 -7.28 -28.99 2.22
CA ASP A 718 -8.14 -30.15 2.05
C ASP A 718 -7.31 -31.42 2.12
N ALA A 719 -6.99 -31.85 3.33
CA ALA A 719 -6.14 -33.02 3.54
C ALA A 719 -6.84 -34.33 3.14
N ASP A 720 -8.15 -34.37 3.32
CA ASP A 720 -8.92 -35.57 3.00
C ASP A 720 -8.90 -35.86 1.50
N ARG A 721 -9.00 -34.82 0.69
CA ARG A 721 -9.03 -34.98 -0.75
C ARG A 721 -7.64 -35.26 -1.31
N ILE A 722 -6.62 -34.84 -0.58
CA ILE A 722 -5.24 -35.05 -0.99
C ILE A 722 -4.88 -36.54 -0.94
N ARG A 723 -5.23 -37.20 0.16
CA ARG A 723 -4.97 -38.62 0.30
C ARG A 723 -5.75 -39.43 -0.72
N ARG A 724 -6.99 -39.04 -0.95
CA ARG A 724 -7.87 -39.76 -1.87
C ARG A 724 -7.45 -39.58 -3.33
N THR A 725 -6.96 -38.39 -3.66
CA THR A 725 -6.49 -38.10 -5.01
C THR A 725 -5.36 -39.05 -5.38
N VAL A 726 -4.49 -39.34 -4.42
CA VAL A 726 -3.38 -40.27 -4.64
C VAL A 726 -3.88 -41.71 -4.57
N ALA A 727 -4.82 -41.96 -3.67
CA ALA A 727 -5.38 -43.30 -3.49
C ALA A 727 -6.17 -43.75 -4.71
N GLU A 728 -6.86 -42.81 -5.36
CA GLU A 728 -7.65 -43.11 -6.54
C GLU A 728 -6.78 -43.57 -7.70
N VAL A 729 -5.66 -42.88 -7.90
CA VAL A 729 -4.74 -43.20 -8.97
C VAL A 729 -4.00 -44.50 -8.68
N SER A 730 -3.65 -44.71 -7.40
CA SER A 730 -2.98 -45.93 -6.97
C SER A 730 -3.85 -47.14 -7.27
N ALA A 731 -5.15 -46.99 -7.07
CA ALA A 731 -6.10 -48.07 -7.33
C ALA A 731 -6.23 -48.34 -8.82
N LEU A 732 -6.25 -47.28 -9.62
CA LEU A 732 -6.34 -47.42 -11.06
C LEU A 732 -5.11 -48.12 -11.63
N LEU A 733 -3.95 -47.83 -11.05
CA LEU A 733 -2.71 -48.45 -11.47
C LEU A 733 -2.75 -49.95 -11.22
N GLU A 734 -3.19 -50.34 -10.02
CA GLU A 734 -3.29 -51.74 -9.66
C GLU A 734 -4.33 -52.45 -10.52
N GLN A 735 -5.39 -51.74 -10.87
CA GLN A 735 -6.43 -52.29 -11.73
C GLN A 735 -5.90 -52.54 -13.13
N ARG A 736 -5.20 -51.56 -13.69
CA ARG A 736 -4.62 -51.69 -15.01
C ARG A 736 -3.46 -52.68 -15.04
N GLU A 737 -2.82 -52.87 -13.89
CA GLU A 737 -1.73 -53.83 -13.78
C GLU A 737 -2.22 -55.25 -14.02
N GLN A 738 -3.44 -55.53 -13.56
CA GLN A 738 -4.02 -56.86 -13.69
C GLN A 738 -4.82 -57.00 -14.98
N GLU A 739 -5.66 -56.02 -15.27
CA GLU A 739 -6.56 -56.10 -16.40
C GLU A 739 -5.85 -56.14 -17.76
N PHE A 740 -4.78 -55.36 -17.90
CA PHE A 740 -4.03 -55.32 -19.16
C PHE A 740 -3.48 -56.69 -19.56
N THR A 741 -3.15 -57.51 -18.57
CA THR A 741 -2.65 -58.85 -18.83
C THR A 741 -3.80 -59.81 -19.09
N GLU A 742 -4.94 -59.55 -18.45
CA GLU A 742 -6.14 -60.36 -18.64
C GLU A 742 -6.67 -60.17 -20.06
N ARG A 743 -6.81 -58.91 -20.46
CA ARG A 743 -7.18 -58.60 -21.84
C ARG A 743 -5.97 -58.75 -22.74
N GLY A 744 -6.15 -58.50 -24.03
CA GLY A 744 -5.05 -58.65 -24.97
C GLY A 744 -4.25 -57.38 -25.16
N ILE A 745 -4.01 -56.67 -24.06
CA ILE A 745 -3.36 -55.36 -24.11
C ILE A 745 -1.89 -55.46 -23.75
N ASP A 746 -1.02 -55.28 -24.74
CA ASP A 746 0.42 -55.45 -24.55
C ASP A 746 1.09 -54.17 -24.05
N SER A 747 0.55 -53.02 -24.46
CA SER A 747 1.12 -51.73 -24.07
C SER A 747 0.04 -50.67 -23.91
N MET A 748 0.42 -49.52 -23.38
CA MET A 748 -0.50 -48.41 -23.22
C MET A 748 -0.86 -47.84 -24.59
N ALA A 749 0.04 -47.99 -25.55
CA ALA A 749 -0.19 -47.54 -26.91
C ALA A 749 -1.38 -48.28 -27.53
N THR A 750 -1.49 -49.56 -27.20
CA THR A 750 -2.59 -50.39 -27.69
C THR A 750 -3.91 -49.95 -27.06
N TYR A 751 -3.88 -49.70 -25.75
CA TYR A 751 -5.07 -49.25 -25.04
C TYR A 751 -5.59 -47.95 -25.60
N ARG A 752 -4.67 -47.02 -25.89
CA ARG A 752 -5.04 -45.75 -26.49
C ARG A 752 -5.66 -45.97 -27.86
N ARG A 753 -5.18 -47.01 -28.55
CA ARG A 753 -5.64 -47.33 -29.90
C ARG A 753 -6.98 -48.02 -29.86
N LEU A 754 -7.26 -48.75 -28.77
CA LEU A 754 -8.53 -49.44 -28.61
C LEU A 754 -9.65 -48.44 -28.34
N ARG A 755 -9.42 -47.52 -27.42
CA ARG A 755 -10.41 -46.50 -27.09
C ARG A 755 -10.61 -45.54 -28.25
N ALA A 756 -9.60 -45.41 -29.10
CA ALA A 756 -9.66 -44.53 -30.25
C ALA A 756 -10.72 -44.99 -31.25
N THR A 757 -10.96 -46.29 -31.29
CA THR A 757 -11.97 -46.85 -32.18
C THR A 757 -13.37 -46.43 -31.75
N GLY A 758 -13.50 -46.03 -30.49
CA GLY A 758 -14.78 -45.63 -29.94
C GLY A 758 -15.68 -46.83 -29.73
N GLU A 759 -15.06 -48.00 -29.60
CA GLU A 759 -15.80 -49.23 -29.38
C GLU A 759 -15.34 -49.92 -28.10
N TYR A 760 -14.48 -49.24 -27.35
CA TYR A 760 -13.91 -49.82 -26.14
C TYR A 760 -14.03 -48.84 -24.97
N ALA A 761 -14.45 -49.35 -23.82
CA ALA A 761 -14.61 -48.53 -22.62
C ALA A 761 -13.38 -48.59 -21.73
N GLY A 762 -12.92 -49.81 -21.47
CA GLY A 762 -11.72 -50.01 -20.66
C GLY A 762 -11.94 -49.74 -19.19
N ASP A 763 -11.17 -48.80 -18.64
CA ASP A 763 -11.25 -48.47 -17.23
C ASP A 763 -12.16 -47.29 -16.99
N GLY A 764 -12.46 -46.55 -18.06
CA GLY A 764 -13.18 -45.30 -17.94
C GLY A 764 -12.20 -44.15 -17.95
N PHE A 765 -10.92 -44.49 -17.89
CA PHE A 765 -9.85 -43.50 -17.89
C PHE A 765 -9.04 -43.57 -19.18
N GLY A 766 -8.29 -42.51 -19.44
CA GLY A 766 -7.33 -42.50 -20.54
C GLY A 766 -5.93 -42.40 -19.98
N ASP A 767 -5.21 -41.35 -20.37
CA ASP A 767 -3.92 -41.05 -19.76
C ASP A 767 -4.12 -40.13 -18.58
N VAL A 768 -3.82 -40.63 -17.38
CA VAL A 768 -4.04 -39.86 -16.17
C VAL A 768 -2.79 -39.12 -15.73
N PHE A 769 -2.95 -37.85 -15.39
CA PHE A 769 -1.83 -37.02 -14.96
C PHE A 769 -2.01 -36.56 -13.52
N LEU A 770 -1.08 -36.95 -12.66
CA LEU A 770 -1.09 -36.51 -11.26
C LEU A 770 -0.15 -35.32 -11.08
N VAL A 771 -0.73 -34.16 -10.80
CA VAL A 771 0.06 -32.92 -10.71
C VAL A 771 0.28 -32.49 -9.27
N VAL A 772 1.54 -32.26 -8.92
CA VAL A 772 1.90 -31.72 -7.62
C VAL A 772 2.69 -30.43 -7.80
N ASP A 773 2.20 -29.34 -7.24
CA ASP A 773 2.79 -28.03 -7.47
C ASP A 773 4.08 -27.81 -6.69
N ASN A 774 4.09 -28.18 -5.42
CA ASN A 774 5.29 -28.06 -4.60
C ASN A 774 5.61 -29.38 -3.92
N TRP A 775 6.53 -30.13 -4.52
CA TRP A 775 6.89 -31.45 -4.02
C TRP A 775 7.45 -31.39 -2.61
N LEU A 776 8.14 -30.30 -2.28
CA LEU A 776 8.70 -30.12 -0.96
C LEU A 776 7.61 -30.09 0.10
N THR A 777 6.55 -29.34 -0.18
CA THR A 777 5.41 -29.23 0.72
C THR A 777 4.78 -30.61 0.95
N LEU A 778 4.78 -31.43 -0.10
CA LEU A 778 4.19 -32.75 -0.03
C LEU A 778 4.97 -33.70 0.88
N ARG A 779 6.29 -33.72 0.72
CA ARG A 779 7.13 -34.64 1.48
C ARG A 779 7.40 -34.14 2.89
N GLN A 780 6.65 -33.11 3.32
CA GLN A 780 6.74 -32.61 4.68
C GLN A 780 5.44 -32.85 5.42
N ASP A 781 4.35 -32.37 4.83
CA ASP A 781 3.03 -32.49 5.45
C ASP A 781 2.44 -33.88 5.23
N TYR A 782 2.91 -34.56 4.18
CA TYR A 782 2.40 -35.88 3.83
C TYR A 782 3.55 -36.80 3.40
N GLU A 783 4.40 -37.18 4.35
CA GLU A 783 5.54 -38.03 4.06
C GLU A 783 5.10 -39.38 3.47
N ALA A 784 3.97 -39.88 3.94
CA ALA A 784 3.44 -41.16 3.48
C ALA A 784 3.17 -41.16 1.98
N LEU A 785 2.81 -40.01 1.45
CA LEU A 785 2.46 -39.88 0.04
C LEU A 785 3.70 -39.74 -0.85
N GLU A 786 4.85 -39.50 -0.24
CA GLU A 786 6.09 -39.39 -1.00
C GLU A 786 6.44 -40.73 -1.64
N ASP A 787 6.45 -41.77 -0.82
CA ASP A 787 6.76 -43.12 -1.31
C ASP A 787 5.61 -43.66 -2.14
N SER A 788 4.40 -43.17 -1.85
CA SER A 788 3.21 -43.57 -2.59
C SER A 788 3.29 -43.10 -4.03
N ILE A 789 3.39 -41.80 -4.23
CA ILE A 789 3.49 -41.21 -5.56
C ILE A 789 4.76 -41.66 -6.27
N THR A 790 5.79 -41.97 -5.49
CA THR A 790 7.05 -42.43 -6.06
C THR A 790 6.88 -43.73 -6.83
N GLN A 791 6.15 -44.68 -6.24
CA GLN A 791 5.92 -45.96 -6.89
C GLN A 791 4.95 -45.82 -8.06
N LEU A 792 4.08 -44.82 -7.99
CA LEU A 792 3.21 -44.49 -9.13
C LEU A 792 4.07 -44.17 -10.34
N ALA A 793 5.13 -43.41 -10.12
CA ALA A 793 6.03 -43.00 -11.19
C ALA A 793 6.90 -44.17 -11.64
N ALA A 794 7.19 -45.09 -10.74
CA ALA A 794 8.14 -46.17 -10.99
C ALA A 794 7.59 -47.23 -11.94
N ARG A 795 6.29 -47.19 -12.22
CA ARG A 795 5.68 -48.22 -13.07
C ARG A 795 4.38 -47.75 -13.72
N GLY A 796 4.13 -46.44 -13.67
CA GLY A 796 2.89 -45.90 -14.18
C GLY A 796 2.86 -45.62 -15.67
N LEU A 797 4.02 -45.29 -16.23
CA LEU A 797 4.10 -44.92 -17.64
C LEU A 797 3.67 -46.03 -18.58
N GLY A 798 3.95 -47.27 -18.18
CA GLY A 798 3.58 -48.43 -18.98
C GLY A 798 2.08 -48.67 -18.94
N TYR A 799 1.40 -48.03 -18.00
CA TYR A 799 -0.03 -48.21 -17.83
C TYR A 799 -0.78 -46.89 -17.95
N GLY A 800 -0.12 -45.88 -18.51
CA GLY A 800 -0.78 -44.61 -18.78
C GLY A 800 -0.97 -43.71 -17.59
N ILE A 801 -0.17 -43.89 -16.54
CA ILE A 801 -0.21 -43.01 -15.39
C ILE A 801 1.04 -42.13 -15.39
N HIS A 802 0.84 -40.82 -15.51
CA HIS A 802 1.94 -39.88 -15.53
C HIS A 802 1.97 -39.05 -14.27
N VAL A 803 3.17 -38.69 -13.83
CA VAL A 803 3.31 -37.73 -12.74
C VAL A 803 3.88 -36.43 -13.29
N VAL A 804 3.33 -35.32 -12.82
CA VAL A 804 3.84 -34.01 -13.18
C VAL A 804 4.18 -33.25 -11.90
N LEU A 805 5.44 -33.34 -11.51
CA LEU A 805 5.88 -32.83 -10.21
C LEU A 805 6.70 -31.56 -10.34
N SER A 806 6.49 -30.63 -9.43
CA SER A 806 7.25 -29.38 -9.41
C SER A 806 7.75 -29.05 -8.02
N SER A 807 8.90 -28.41 -7.96
CA SER A 807 9.50 -27.99 -6.69
C SER A 807 10.45 -26.83 -6.90
N ASN A 808 11.12 -26.41 -5.84
CA ASN A 808 12.07 -25.30 -5.92
C ASN A 808 13.42 -25.75 -6.48
N LYS A 809 14.01 -26.74 -5.83
CA LYS A 809 15.31 -27.25 -6.25
C LYS A 809 15.22 -28.71 -6.64
N TRP A 810 16.07 -29.14 -7.57
CA TRP A 810 16.12 -30.55 -7.96
C TRP A 810 16.50 -31.42 -6.78
N SER A 811 17.28 -30.84 -5.86
CA SER A 811 17.72 -31.56 -4.67
C SER A 811 16.56 -31.86 -3.73
N GLU A 812 15.42 -31.19 -3.94
CA GLU A 812 14.24 -31.42 -3.11
C GLU A 812 13.52 -32.69 -3.57
N PHE A 813 13.80 -33.12 -4.80
CA PHE A 813 13.38 -34.43 -5.25
C PHE A 813 14.39 -35.47 -4.80
N ARG A 814 13.92 -36.55 -4.19
CA ARG A 814 14.81 -37.62 -3.79
C ARG A 814 15.49 -38.23 -5.00
N THR A 815 16.68 -38.78 -4.79
CA THR A 815 17.48 -39.35 -5.88
C THR A 815 16.75 -40.48 -6.59
N SER A 816 15.83 -41.13 -5.89
CA SER A 816 15.10 -42.26 -6.44
C SER A 816 14.03 -41.84 -7.44
N ILE A 817 13.34 -40.74 -7.16
CA ILE A 817 12.23 -40.30 -7.99
C ILE A 817 12.64 -39.23 -9.00
N ARG A 818 13.72 -38.51 -8.70
CA ARG A 818 14.20 -37.45 -9.59
C ARG A 818 14.63 -38.01 -10.94
N ASP A 819 15.16 -39.23 -10.93
CA ASP A 819 15.62 -39.87 -12.14
C ASP A 819 14.47 -40.40 -12.98
N LEU A 820 13.30 -40.53 -12.37
CA LEU A 820 12.13 -41.06 -13.07
C LEU A 820 11.46 -39.99 -13.93
N LEU A 821 11.76 -38.73 -13.64
CA LEU A 821 11.22 -37.62 -14.42
C LEU A 821 11.97 -37.49 -15.74
N GLY A 822 11.43 -38.13 -16.78
CA GLY A 822 12.05 -38.13 -18.09
C GLY A 822 12.15 -36.74 -18.71
N THR A 823 11.03 -36.03 -18.75
CA THR A 823 11.00 -34.68 -19.29
C THR A 823 11.18 -33.66 -18.18
N LYS A 824 12.36 -33.08 -18.08
CA LYS A 824 12.64 -32.08 -17.06
C LYS A 824 12.58 -30.68 -17.66
N LEU A 825 11.75 -29.83 -17.05
CA LEU A 825 11.62 -28.45 -17.49
C LEU A 825 12.24 -27.52 -16.46
N GLU A 826 13.47 -27.11 -16.71
CA GLU A 826 14.23 -26.32 -15.76
C GLU A 826 14.13 -24.82 -16.04
N LEU A 827 13.86 -24.05 -15.00
CA LEU A 827 13.79 -22.60 -15.10
C LEU A 827 15.00 -21.96 -14.42
N ARG A 828 14.84 -20.72 -13.97
CA ARG A 828 15.90 -20.07 -13.23
C ARG A 828 15.94 -20.57 -11.80
N LEU A 829 17.10 -21.08 -11.38
CA LEU A 829 17.24 -21.64 -10.04
C LEU A 829 17.88 -20.63 -9.09
N GLY A 830 17.72 -20.87 -7.79
CA GLY A 830 18.39 -20.07 -6.78
C GLY A 830 19.89 -20.31 -6.80
N ASP A 831 20.29 -21.40 -7.45
CA ASP A 831 21.70 -21.74 -7.65
C ASP A 831 21.83 -22.31 -9.08
N PRO A 832 22.78 -21.76 -9.85
CA PRO A 832 23.19 -22.24 -11.17
C PRO A 832 23.75 -23.66 -11.16
N TYR A 833 24.47 -24.02 -10.09
CA TYR A 833 24.83 -25.43 -9.87
C TYR A 833 23.57 -26.09 -9.35
N GLU A 834 23.58 -27.41 -9.22
CA GLU A 834 22.42 -28.23 -8.88
C GLU A 834 21.49 -28.31 -10.08
N SER A 835 21.91 -27.70 -11.19
CA SER A 835 21.14 -27.73 -12.42
C SER A 835 21.27 -29.08 -13.08
N GLU A 836 20.30 -29.42 -13.92
CA GLU A 836 20.25 -30.74 -14.54
C GLU A 836 20.60 -30.69 -16.02
N VAL A 837 20.95 -29.50 -16.51
CA VAL A 837 21.42 -29.36 -17.88
C VAL A 837 22.88 -28.93 -17.96
N ASP A 838 23.14 -27.63 -17.77
CA ASP A 838 24.50 -27.13 -17.73
C ASP A 838 24.66 -26.16 -16.56
N ARG A 839 25.71 -26.32 -15.77
CA ARG A 839 25.89 -25.41 -14.66
C ARG A 839 26.09 -24.04 -15.24
N LYS A 840 26.92 -23.96 -16.26
CA LYS A 840 27.28 -22.67 -16.80
C LYS A 840 26.11 -21.97 -17.38
N LYS A 841 25.34 -22.68 -18.19
CA LYS A 841 24.27 -22.06 -18.91
C LYS A 841 23.25 -21.56 -17.93
N ALA A 842 23.05 -22.35 -16.89
CA ALA A 842 22.03 -22.06 -15.90
C ALA A 842 22.23 -20.68 -15.28
N ALA A 843 23.50 -20.28 -15.15
CA ALA A 843 23.83 -19.00 -14.55
C ALA A 843 23.46 -17.84 -15.48
N ASN A 844 23.46 -18.10 -16.77
CA ASN A 844 23.15 -17.08 -17.76
C ASN A 844 21.66 -16.83 -17.92
N VAL A 845 20.86 -17.68 -17.27
CA VAL A 845 19.42 -17.51 -17.27
C VAL A 845 19.03 -16.29 -16.45
N PRO A 846 18.29 -15.34 -17.06
CA PRO A 846 17.86 -14.10 -16.42
C PRO A 846 17.25 -14.31 -15.04
N GLU A 847 17.77 -13.61 -14.04
CA GLU A 847 17.34 -13.78 -12.66
C GLU A 847 15.88 -13.38 -12.44
N ASN A 848 15.56 -12.14 -12.78
CA ASN A 848 14.23 -11.62 -12.50
C ASN A 848 13.38 -11.45 -13.77
N ARG A 849 13.36 -12.49 -14.59
CA ARG A 849 12.53 -12.52 -15.78
C ARG A 849 11.76 -13.83 -15.84
N PRO A 850 10.56 -13.86 -15.24
CA PRO A 850 9.76 -15.08 -15.08
C PRO A 850 9.37 -15.72 -16.41
N GLY A 851 9.49 -17.05 -16.48
CA GLY A 851 9.15 -17.78 -17.68
C GLY A 851 10.38 -18.27 -18.42
N ARG A 852 11.52 -17.65 -18.14
CA ARG A 852 12.77 -18.05 -18.78
C ARG A 852 13.25 -19.38 -18.23
N GLY A 853 13.88 -20.19 -19.08
CA GLY A 853 14.37 -21.49 -18.68
C GLY A 853 15.49 -22.02 -19.54
N LEU A 854 15.75 -23.31 -19.43
CA LEU A 854 16.82 -23.97 -20.16
C LEU A 854 16.36 -25.30 -20.75
N THR A 855 16.27 -25.35 -22.08
CA THR A 855 15.80 -26.53 -22.80
C THR A 855 16.79 -27.69 -22.65
N ARG A 856 16.28 -28.93 -22.63
CA ARG A 856 17.10 -30.13 -22.46
C ARG A 856 18.37 -30.16 -23.33
N ASP A 857 18.30 -29.54 -24.51
CA ASP A 857 19.45 -29.51 -25.41
C ASP A 857 20.45 -28.45 -24.97
N GLY A 858 20.01 -27.58 -24.07
CA GLY A 858 20.88 -26.55 -23.51
C GLY A 858 20.64 -25.18 -24.09
N TYR A 859 19.39 -24.86 -24.38
CA TYR A 859 19.05 -23.58 -25.01
C TYR A 859 18.05 -22.79 -24.17
N HIS A 860 18.14 -21.47 -24.26
CA HIS A 860 17.21 -20.59 -23.55
C HIS A 860 15.84 -20.61 -24.20
N PHE A 861 14.80 -20.72 -23.39
CA PHE A 861 13.44 -20.66 -23.90
C PHE A 861 12.57 -19.81 -22.99
N LEU A 862 11.36 -19.51 -23.46
CA LEU A 862 10.41 -18.71 -22.71
C LEU A 862 9.04 -19.36 -22.70
N THR A 863 8.58 -19.75 -21.52
CA THR A 863 7.31 -20.46 -21.38
C THR A 863 6.15 -19.61 -21.87
N ALA A 864 5.30 -20.21 -22.71
CA ALA A 864 4.13 -19.52 -23.22
C ALA A 864 3.12 -19.29 -22.11
N LEU A 865 2.06 -18.55 -22.43
CA LEU A 865 1.00 -18.28 -21.46
C LEU A 865 -0.22 -19.13 -21.78
N PRO A 866 -0.89 -19.66 -20.74
CA PRO A 866 -2.04 -20.55 -20.93
C PRO A 866 -3.27 -19.81 -21.46
N ARG A 867 -3.12 -19.15 -22.60
CA ARG A 867 -4.20 -18.34 -23.17
C ARG A 867 -4.45 -18.70 -24.63
N ILE A 868 -5.67 -18.47 -25.08
CA ILE A 868 -6.01 -18.64 -26.50
C ILE A 868 -6.65 -17.37 -27.04
N ASP A 869 -6.52 -16.28 -26.27
CA ASP A 869 -7.09 -15.00 -26.67
C ASP A 869 -6.14 -14.22 -27.58
N GLY A 870 -4.85 -14.25 -27.25
CA GLY A 870 -3.85 -13.55 -28.04
C GLY A 870 -3.09 -12.52 -27.23
N ASP A 871 -3.70 -12.04 -26.15
CA ASP A 871 -3.05 -11.07 -25.28
C ASP A 871 -1.86 -11.71 -24.58
N THR A 872 -0.71 -11.02 -24.63
CA THR A 872 0.51 -11.56 -24.08
C THR A 872 0.95 -10.80 -22.84
N SER A 873 -0.02 -10.22 -22.15
CA SER A 873 0.27 -9.40 -20.98
C SER A 873 -0.01 -10.19 -19.71
N ALA A 874 0.98 -10.27 -18.83
CA ALA A 874 0.88 -11.10 -17.63
C ALA A 874 -0.09 -10.55 -16.60
N GLU A 875 -0.36 -9.25 -16.66
CA GLU A 875 -1.24 -8.61 -15.69
C GLU A 875 -2.71 -8.96 -15.96
N THR A 876 -3.03 -9.25 -17.22
CA THR A 876 -4.37 -9.66 -17.57
C THR A 876 -4.44 -11.17 -17.82
N LEU A 877 -3.64 -11.92 -17.08
CA LEU A 877 -3.59 -13.36 -17.24
C LEU A 877 -4.83 -14.04 -16.64
N THR A 878 -5.26 -13.56 -15.48
CA THR A 878 -6.39 -14.14 -14.77
C THR A 878 -7.66 -14.12 -15.61
N GLU A 879 -7.92 -12.98 -16.26
CA GLU A 879 -9.09 -12.86 -17.12
C GLU A 879 -8.93 -13.70 -18.37
N GLY A 880 -7.69 -13.93 -18.76
CA GLY A 880 -7.39 -14.72 -19.96
C GLY A 880 -7.66 -16.19 -19.76
N ILE A 881 -7.14 -16.75 -18.67
CA ILE A 881 -7.30 -18.17 -18.37
C ILE A 881 -8.77 -18.55 -18.23
N ALA A 882 -9.53 -17.70 -17.55
CA ALA A 882 -10.95 -17.96 -17.30
C ALA A 882 -11.74 -18.06 -18.61
N THR A 883 -11.31 -17.33 -19.62
CA THR A 883 -11.99 -17.35 -20.92
C THR A 883 -11.62 -18.57 -21.74
N THR A 884 -10.40 -19.06 -21.55
CA THR A 884 -9.94 -20.26 -22.24
C THR A 884 -10.68 -21.49 -21.74
N VAL A 885 -10.76 -21.63 -20.42
CA VAL A 885 -11.48 -22.73 -19.79
C VAL A 885 -12.94 -22.72 -20.20
N LYS A 886 -13.52 -21.53 -20.23
CA LYS A 886 -14.91 -21.36 -20.65
C LYS A 886 -15.13 -21.86 -22.07
N THR A 887 -14.14 -21.62 -22.93
CA THR A 887 -14.23 -22.00 -24.33
C THR A 887 -14.17 -23.52 -24.51
N ILE A 888 -13.25 -24.15 -23.78
CA ILE A 888 -13.05 -25.60 -23.89
C ILE A 888 -14.22 -26.38 -23.31
N ARG A 889 -14.73 -25.94 -22.17
CA ARG A 889 -15.82 -26.63 -21.50
C ARG A 889 -17.10 -26.60 -22.34
N GLU A 890 -17.42 -25.43 -22.88
CA GLU A 890 -18.65 -25.26 -23.65
C GLU A 890 -18.55 -25.91 -25.03
N ALA A 891 -17.34 -26.26 -25.44
CA ALA A 891 -17.13 -26.91 -26.72
C ALA A 891 -17.21 -28.44 -26.58
N TRP A 892 -17.15 -28.91 -25.34
CA TRP A 892 -17.21 -30.34 -25.07
C TRP A 892 -18.57 -30.73 -24.49
N HIS A 893 -19.28 -31.59 -25.20
CA HIS A 893 -20.61 -32.03 -24.78
C HIS A 893 -20.66 -33.54 -24.57
N GLY A 894 -19.74 -34.04 -23.76
CA GLY A 894 -19.67 -35.46 -23.46
C GLY A 894 -19.29 -35.71 -22.01
N PRO A 895 -18.92 -36.96 -21.69
CA PRO A 895 -18.52 -37.32 -20.32
C PRO A 895 -17.25 -36.58 -19.90
N THR A 896 -17.28 -35.99 -18.72
CA THR A 896 -16.13 -35.24 -18.21
C THR A 896 -15.13 -36.18 -17.54
N ALA A 897 -14.13 -35.59 -16.89
CA ALA A 897 -13.13 -36.37 -16.16
C ALA A 897 -13.72 -36.93 -14.89
N PRO A 898 -13.49 -38.23 -14.63
CA PRO A 898 -14.00 -38.91 -13.43
C PRO A 898 -13.51 -38.25 -12.16
N PRO A 899 -14.43 -37.95 -11.23
CA PRO A 899 -14.07 -37.27 -9.99
C PRO A 899 -13.37 -38.19 -9.00
N VAL A 900 -12.69 -37.61 -8.01
CA VAL A 900 -12.09 -38.40 -6.96
C VAL A 900 -13.12 -38.70 -5.88
N ARG A 901 -13.52 -39.96 -5.79
CA ARG A 901 -14.49 -40.38 -4.78
C ARG A 901 -13.84 -40.41 -3.41
N MET A 902 -14.58 -39.97 -2.39
CA MET A 902 -14.02 -39.83 -1.06
C MET A 902 -14.90 -40.50 0.00
N LEU A 903 -14.41 -40.49 1.24
CA LEU A 903 -15.18 -41.02 2.36
C LEU A 903 -16.45 -40.22 2.55
N PRO A 904 -17.61 -40.90 2.53
CA PRO A 904 -18.91 -40.25 2.69
C PRO A 904 -19.06 -39.59 4.05
N ASN A 905 -19.78 -38.48 4.11
CA ASN A 905 -20.12 -37.86 5.37
C ASN A 905 -21.05 -38.77 6.15
N VAL A 906 -21.91 -39.48 5.41
CA VAL A 906 -22.80 -40.47 6.00
C VAL A 906 -22.81 -41.73 5.14
N LEU A 907 -22.44 -42.86 5.74
CA LEU A 907 -22.43 -44.12 5.04
C LEU A 907 -23.57 -45.01 5.53
N PRO A 908 -24.55 -45.28 4.66
CA PRO A 908 -25.67 -46.15 5.03
C PRO A 908 -25.21 -47.58 5.28
N ALA A 909 -25.78 -48.23 6.30
CA ALA A 909 -25.42 -49.60 6.63
C ALA A 909 -25.86 -50.57 5.55
N ALA A 910 -26.77 -50.12 4.71
CA ALA A 910 -27.31 -50.96 3.63
C ALA A 910 -26.30 -51.19 2.53
N GLN A 911 -25.35 -50.27 2.40
CA GLN A 911 -24.30 -50.39 1.38
C GLN A 911 -23.25 -51.40 1.81
N LEU A 912 -23.26 -51.76 3.08
CA LEU A 912 -22.36 -52.79 3.60
C LEU A 912 -22.86 -54.16 3.17
N PRO A 913 -21.93 -55.08 2.89
CA PRO A 913 -22.24 -56.46 2.51
C PRO A 913 -23.24 -57.12 3.46
N SER A 914 -24.12 -57.93 2.90
CA SER A 914 -25.13 -58.61 3.69
C SER A 914 -24.51 -59.75 4.49
N ALA A 915 -25.30 -60.33 5.40
CA ALA A 915 -24.85 -61.46 6.20
C ALA A 915 -24.62 -62.68 5.30
N ALA A 916 -25.39 -62.76 4.22
CA ALA A 916 -25.28 -63.87 3.29
C ALA A 916 -24.06 -63.74 2.38
N GLU A 917 -23.46 -62.56 2.39
CA GLU A 917 -22.27 -62.30 1.59
C GLU A 917 -20.99 -62.43 2.41
N SER A 918 -20.97 -61.77 3.56
CA SER A 918 -19.78 -61.70 4.39
C SER A 918 -19.56 -62.97 5.21
N GLY A 919 -20.65 -63.58 5.66
CA GLY A 919 -20.56 -64.72 6.54
C GLY A 919 -20.60 -64.25 7.98
N THR A 920 -19.90 -64.96 8.86
CA THR A 920 -19.87 -64.61 10.27
C THR A 920 -19.14 -63.29 10.53
N ARG A 921 -18.40 -62.81 9.53
CA ARG A 921 -17.72 -61.53 9.63
C ARG A 921 -18.74 -60.39 9.58
N ILE A 922 -18.46 -59.33 10.31
CA ILE A 922 -19.38 -58.20 10.40
C ILE A 922 -18.74 -56.91 9.90
N PRO A 923 -19.18 -56.42 8.74
CA PRO A 923 -18.68 -55.15 8.21
C PRO A 923 -19.16 -53.98 9.06
N ILE A 924 -18.27 -53.04 9.35
CA ILE A 924 -18.62 -51.89 10.17
C ILE A 924 -18.46 -50.59 9.40
N GLY A 925 -17.80 -50.67 8.25
CA GLY A 925 -17.59 -49.49 7.42
C GLY A 925 -16.56 -49.72 6.33
N ILE A 926 -16.15 -48.64 5.68
CA ILE A 926 -15.13 -48.72 4.63
C ILE A 926 -13.95 -47.82 4.96
N ASP A 927 -12.77 -48.22 4.51
CA ASP A 927 -11.55 -47.47 4.81
C ASP A 927 -11.29 -46.38 3.78
N GLU A 928 -10.33 -45.52 4.07
CA GLU A 928 -9.97 -44.44 3.17
C GLU A 928 -9.06 -44.95 2.06
N ASP A 929 -8.34 -46.03 2.35
CA ASP A 929 -7.30 -46.54 1.46
C ASP A 929 -7.86 -46.96 0.10
N SER A 930 -8.86 -47.82 0.10
CA SER A 930 -9.42 -48.35 -1.14
C SER A 930 -10.94 -48.35 -1.15
N LEU A 931 -11.53 -47.72 -0.15
CA LEU A 931 -12.99 -47.65 0.01
C LEU A 931 -13.62 -49.04 0.04
N SER A 932 -12.89 -50.00 0.57
CA SER A 932 -13.39 -51.37 0.69
C SER A 932 -13.84 -51.65 2.12
N PRO A 933 -14.83 -52.54 2.29
CA PRO A 933 -15.40 -52.85 3.61
C PRO A 933 -14.37 -53.29 4.66
N VAL A 934 -14.61 -52.88 5.90
CA VAL A 934 -13.77 -53.28 7.02
C VAL A 934 -14.56 -54.20 7.93
N TYR A 935 -14.03 -55.39 8.21
CA TYR A 935 -14.78 -56.40 8.94
C TYR A 935 -14.30 -56.62 10.36
N LEU A 936 -15.18 -57.20 11.17
CA LEU A 936 -14.83 -57.67 12.51
C LEU A 936 -15.17 -59.15 12.61
N ASP A 937 -14.16 -59.98 12.82
CA ASP A 937 -14.36 -61.41 12.89
C ASP A 937 -14.14 -61.93 14.32
N PHE A 938 -15.23 -62.19 15.02
CA PHE A 938 -15.17 -62.60 16.42
C PHE A 938 -14.78 -64.07 16.60
N ASN A 939 -14.34 -64.70 15.52
CA ASN A 939 -13.82 -66.06 15.59
C ASN A 939 -12.30 -66.05 15.67
N THR A 940 -11.72 -64.90 15.35
CA THR A 940 -10.27 -64.73 15.39
C THR A 940 -9.86 -63.93 16.62
N ASP A 941 -10.44 -62.74 16.76
CA ASP A 941 -10.20 -61.90 17.93
C ASP A 941 -11.52 -61.62 18.65
N PRO A 942 -11.61 -62.06 19.91
CA PRO A 942 -12.86 -62.08 20.69
C PRO A 942 -13.40 -60.71 21.12
N HIS A 943 -12.53 -59.71 21.25
CA HIS A 943 -12.95 -58.43 21.83
C HIS A 943 -12.87 -57.26 20.85
N PHE A 944 -13.51 -56.16 21.23
CA PHE A 944 -13.45 -54.93 20.45
C PHE A 944 -13.65 -53.71 21.36
N LEU A 945 -12.94 -52.63 21.05
CA LEU A 945 -12.94 -51.43 21.89
C LEU A 945 -12.94 -50.16 21.06
N VAL A 946 -13.74 -49.18 21.45
CA VAL A 946 -13.84 -47.94 20.68
C VAL A 946 -13.88 -46.69 21.57
N PHE A 947 -13.01 -45.73 21.28
CA PHE A 947 -12.99 -44.44 21.97
C PHE A 947 -13.53 -43.34 21.08
N GLY A 948 -14.09 -42.30 21.68
CA GLY A 948 -14.62 -41.17 20.94
C GLY A 948 -15.32 -40.15 21.82
N ASP A 949 -15.22 -38.88 21.43
CA ASP A 949 -15.82 -37.80 22.21
C ASP A 949 -17.34 -37.81 22.14
N THR A 950 -17.97 -36.82 22.75
CA THR A 950 -19.42 -36.73 22.77
C THR A 950 -19.99 -36.51 21.38
N GLU A 951 -21.02 -37.28 21.05
CA GLU A 951 -21.69 -37.21 19.75
C GLU A 951 -20.71 -37.39 18.59
N CYS A 952 -20.08 -38.56 18.54
CA CYS A 952 -19.16 -38.88 17.45
C CYS A 952 -19.67 -40.08 16.67
N GLY A 953 -20.36 -40.98 17.36
CA GLY A 953 -20.93 -42.15 16.72
C GLY A 953 -20.69 -43.44 17.47
N LYS A 954 -20.50 -43.34 18.79
CA LYS A 954 -20.24 -44.53 19.60
C LYS A 954 -21.46 -45.43 19.67
N SER A 955 -22.55 -44.91 20.20
CA SER A 955 -23.79 -45.67 20.38
C SER A 955 -24.30 -46.26 19.06
N ASN A 956 -24.15 -45.50 17.99
CA ASN A 956 -24.57 -45.96 16.67
C ASN A 956 -23.76 -47.16 16.21
N LEU A 957 -22.44 -47.09 16.41
CA LEU A 957 -21.56 -48.18 16.05
C LEU A 957 -21.86 -49.43 16.87
N LEU A 958 -22.26 -49.22 18.11
CA LEU A 958 -22.59 -50.33 19.01
C LEU A 958 -23.85 -51.04 18.55
N ARG A 959 -24.83 -50.27 18.09
CA ARG A 959 -26.07 -50.84 17.56
C ARG A 959 -25.81 -51.52 16.22
N LEU A 960 -24.89 -50.98 15.45
CA LEU A 960 -24.52 -51.56 14.16
C LEU A 960 -23.89 -52.93 14.34
N ILE A 961 -22.91 -53.02 15.22
CA ILE A 961 -22.21 -54.28 15.48
C ILE A 961 -23.18 -55.30 16.07
N THR A 962 -24.03 -54.85 16.98
CA THR A 962 -25.01 -55.72 17.61
C THR A 962 -25.95 -56.33 16.57
N ALA A 963 -26.55 -55.47 15.76
CA ALA A 963 -27.47 -55.90 14.71
C ALA A 963 -26.80 -56.89 13.76
N GLY A 964 -25.50 -56.75 13.58
CA GLY A 964 -24.75 -57.68 12.76
C GLY A 964 -24.68 -59.06 13.37
N ILE A 965 -24.62 -59.11 14.70
CA ILE A 965 -24.57 -60.36 15.43
C ILE A 965 -25.91 -61.08 15.35
N ILE A 966 -27.00 -60.32 15.40
CA ILE A 966 -28.35 -60.87 15.29
C ILE A 966 -28.53 -61.59 13.95
N GLU A 967 -28.10 -60.95 12.87
CA GLU A 967 -28.32 -61.48 11.53
C GLU A 967 -27.42 -62.66 11.19
N ARG A 968 -26.41 -62.91 12.01
CA ARG A 968 -25.42 -63.92 11.68
C ARG A 968 -25.37 -65.07 12.69
N TYR A 969 -26.01 -64.88 13.84
CA TYR A 969 -26.06 -65.91 14.87
C TYR A 969 -27.48 -66.18 15.34
N THR A 970 -27.77 -67.44 15.65
CA THR A 970 -29.04 -67.80 16.26
C THR A 970 -28.89 -67.70 17.77
N PRO A 971 -30.01 -67.46 18.49
CA PRO A 971 -29.98 -67.34 19.95
C PRO A 971 -29.38 -68.56 20.66
N GLN A 972 -29.25 -69.68 19.96
CA GLN A 972 -28.60 -70.86 20.51
C GLN A 972 -27.12 -70.88 20.13
N GLN A 973 -26.71 -69.92 19.31
CA GLN A 973 -25.32 -69.78 18.90
C GLN A 973 -24.63 -68.65 19.65
N ALA A 974 -25.38 -67.58 19.91
CA ALA A 974 -24.83 -66.41 20.59
C ALA A 974 -25.93 -65.61 21.28
N ARG A 975 -25.67 -65.19 22.52
CA ARG A 975 -26.63 -64.41 23.28
C ARG A 975 -26.03 -63.07 23.69
N LEU A 976 -26.88 -62.14 24.10
CA LEU A 976 -26.44 -60.78 24.38
C LEU A 976 -26.78 -60.33 25.80
N ILE A 977 -25.91 -59.53 26.38
CA ILE A 977 -26.17 -58.85 27.65
C ILE A 977 -25.69 -57.41 27.56
N PHE A 978 -26.57 -56.47 27.84
CA PHE A 978 -26.28 -55.06 27.64
C PHE A 978 -26.05 -54.29 28.94
N ILE A 979 -25.07 -53.40 28.93
CA ILE A 979 -24.88 -52.45 30.01
C ILE A 979 -24.99 -51.04 29.45
N ASP A 980 -26.20 -50.50 29.48
CA ASP A 980 -26.47 -49.22 28.85
C ASP A 980 -27.14 -48.26 29.81
N TYR A 981 -26.33 -47.57 30.62
CA TYR A 981 -26.83 -46.62 31.60
C TYR A 981 -27.64 -45.50 30.97
N SER A 982 -27.20 -45.04 29.80
CA SER A 982 -27.87 -43.96 29.10
C SER A 982 -29.10 -44.46 28.35
N ARG A 983 -29.24 -45.78 28.31
CA ARG A 983 -30.33 -46.43 27.58
C ARG A 983 -30.39 -45.92 26.15
N SER A 984 -29.36 -46.29 25.37
CA SER A 984 -29.25 -45.89 23.97
C SER A 984 -29.42 -47.10 23.06
N LEU A 985 -29.46 -48.28 23.66
CA LEU A 985 -29.40 -49.53 22.91
C LEU A 985 -30.70 -50.32 22.97
N LEU A 986 -31.82 -49.64 23.24
CA LEU A 986 -33.11 -50.29 23.30
C LEU A 986 -33.50 -50.89 21.96
N ASP A 987 -33.06 -50.24 20.89
CA ASP A 987 -33.45 -50.61 19.54
C ASP A 987 -32.96 -52.01 19.14
N VAL A 988 -31.94 -52.50 19.84
CA VAL A 988 -31.33 -53.78 19.49
C VAL A 988 -31.38 -54.80 20.63
N ALA A 989 -32.08 -54.47 21.70
CA ALA A 989 -32.13 -55.36 22.87
C ALA A 989 -33.46 -56.08 22.99
N THR A 990 -34.20 -56.13 21.89
CA THR A 990 -35.55 -56.71 21.91
C THR A 990 -35.59 -58.15 21.41
N THR A 991 -34.50 -58.60 20.81
CA THR A 991 -34.45 -59.94 20.23
C THR A 991 -34.45 -61.04 21.28
N GLU A 992 -34.46 -62.29 20.83
CA GLU A 992 -34.45 -63.44 21.71
C GLU A 992 -33.06 -63.66 22.29
N HIS A 993 -32.05 -63.14 21.60
CA HIS A 993 -30.67 -63.23 22.06
C HIS A 993 -30.50 -62.54 23.41
N GLN A 994 -31.33 -61.52 23.63
CA GLN A 994 -31.33 -60.75 24.87
C GLN A 994 -31.42 -61.64 26.10
N ILE A 995 -30.51 -61.43 27.04
CA ILE A 995 -30.49 -62.18 28.29
C ILE A 995 -30.63 -61.25 29.48
N GLY A 996 -29.77 -60.23 29.53
CA GLY A 996 -29.79 -59.28 30.62
C GLY A 996 -29.59 -57.85 30.15
N TYR A 997 -30.43 -56.95 30.64
CA TYR A 997 -30.32 -55.53 30.32
C TYR A 997 -30.23 -54.72 31.60
N ALA A 998 -29.17 -53.92 31.73
CA ALA A 998 -28.93 -53.17 32.95
C ALA A 998 -28.84 -51.67 32.69
N ALA A 999 -29.65 -50.90 33.42
CA ALA A 999 -29.63 -49.45 33.31
C ALA A 999 -29.18 -48.82 34.62
N SER A 1000 -28.77 -49.66 35.57
CA SER A 1000 -28.32 -49.19 36.87
C SER A 1000 -27.11 -49.98 37.34
N SER A 1001 -26.36 -49.40 38.29
CA SER A 1001 -25.16 -50.04 38.83
C SER A 1001 -25.48 -51.34 39.55
N THR A 1002 -26.64 -51.38 40.21
CA THR A 1002 -27.06 -52.56 40.95
C THR A 1002 -27.40 -53.71 40.01
N ALA A 1003 -28.23 -53.42 39.01
CA ALA A 1003 -28.62 -54.42 38.03
C ALA A 1003 -27.42 -54.89 37.22
N ALA A 1004 -26.44 -54.00 37.06
CA ALA A 1004 -25.23 -54.32 36.31
C ALA A 1004 -24.40 -55.38 37.02
N SER A 1005 -23.96 -55.06 38.24
CA SER A 1005 -23.12 -55.96 39.02
C SER A 1005 -23.83 -57.27 39.33
N SER A 1006 -25.16 -57.25 39.33
CA SER A 1006 -25.94 -58.46 39.52
C SER A 1006 -25.79 -59.38 38.31
N LEU A 1007 -25.73 -58.78 37.13
CA LEU A 1007 -25.60 -59.55 35.89
C LEU A 1007 -24.16 -60.02 35.68
N VAL A 1008 -23.23 -59.47 36.46
CA VAL A 1008 -21.83 -59.87 36.36
C VAL A 1008 -21.58 -61.13 37.19
N ARG A 1009 -22.26 -61.23 38.33
CA ARG A 1009 -22.06 -62.33 39.26
C ARG A 1009 -22.42 -63.69 38.65
N ASP A 1010 -23.54 -63.74 37.94
CA ASP A 1010 -24.04 -65.00 37.39
C ASP A 1010 -23.32 -65.39 36.10
N ILE A 1011 -22.81 -64.42 35.36
CA ILE A 1011 -22.09 -64.74 34.14
C ILE A 1011 -20.62 -65.04 34.42
N LYS A 1012 -20.12 -64.53 35.54
CA LYS A 1012 -18.78 -64.88 35.97
C LYS A 1012 -18.74 -66.37 36.25
N GLY A 1013 -19.57 -66.81 37.19
CA GLY A 1013 -19.68 -68.22 37.53
C GLY A 1013 -20.05 -69.09 36.34
N ALA A 1014 -20.73 -68.50 35.37
CA ALA A 1014 -21.11 -69.22 34.16
C ALA A 1014 -19.89 -69.51 33.30
N MET A 1015 -19.10 -68.48 33.02
CA MET A 1015 -17.90 -68.64 32.19
C MET A 1015 -16.83 -69.42 32.94
N GLU A 1016 -16.87 -69.35 34.27
CA GLU A 1016 -15.94 -70.13 35.09
C GLU A 1016 -16.20 -71.62 34.95
N ALA A 1017 -17.44 -71.98 34.64
CA ALA A 1017 -17.79 -73.37 34.44
C ALA A 1017 -17.23 -73.91 33.13
N ARG A 1018 -17.00 -73.00 32.18
CA ARG A 1018 -16.50 -73.39 30.86
C ARG A 1018 -14.97 -73.44 30.84
N LEU A 1019 -14.35 -73.08 31.96
CA LEU A 1019 -12.89 -73.09 32.06
C LEU A 1019 -12.32 -74.48 31.80
N PRO A 1020 -11.23 -74.54 31.02
CA PRO A 1020 -10.63 -75.80 30.57
C PRO A 1020 -10.06 -76.65 31.69
N PRO A 1021 -10.44 -77.94 31.76
CA PRO A 1021 -9.77 -78.92 32.61
C PRO A 1021 -8.28 -79.00 32.24
N PRO A 1022 -7.42 -79.28 33.23
CA PRO A 1022 -5.97 -79.25 33.07
C PRO A 1022 -5.42 -80.22 32.03
N ASP A 1023 -6.07 -81.37 31.86
CA ASP A 1023 -5.51 -82.46 31.06
C ASP A 1023 -6.08 -82.55 29.64
N LEU A 1024 -6.64 -81.45 29.14
CA LEU A 1024 -7.25 -81.45 27.82
C LEU A 1024 -6.21 -81.61 26.71
N THR A 1025 -6.56 -82.39 25.69
CA THR A 1025 -5.73 -82.54 24.51
C THR A 1025 -5.86 -81.28 23.66
N PRO A 1026 -4.80 -80.92 22.92
CA PRO A 1026 -4.82 -79.76 22.02
C PRO A 1026 -6.05 -79.71 21.11
N GLU A 1027 -6.51 -80.88 20.68
CA GLU A 1027 -7.69 -80.97 19.82
C GLU A 1027 -8.94 -80.52 20.58
N GLN A 1028 -9.06 -80.95 21.83
CA GLN A 1028 -10.19 -80.55 22.66
C GLN A 1028 -10.20 -79.05 22.92
N LEU A 1029 -9.01 -78.46 23.00
CA LEU A 1029 -8.88 -77.03 23.28
C LEU A 1029 -9.33 -76.17 22.11
N ARG A 1030 -8.87 -76.50 20.91
CA ARG A 1030 -9.17 -75.69 19.73
C ARG A 1030 -10.58 -75.97 19.19
N SER A 1031 -11.21 -77.03 19.69
CA SER A 1031 -12.54 -77.39 19.23
C SER A 1031 -13.61 -77.00 20.24
N ARG A 1032 -13.17 -76.70 21.47
CA ARG A 1032 -14.08 -76.32 22.55
C ARG A 1032 -15.15 -77.40 22.76
N SER A 1033 -14.70 -78.62 22.99
CA SER A 1033 -15.59 -79.76 23.09
C SER A 1033 -16.18 -79.94 24.49
N TRP A 1034 -15.40 -79.57 25.50
CA TRP A 1034 -15.75 -79.86 26.90
C TRP A 1034 -16.96 -79.07 27.38
N TRP A 1035 -17.40 -78.09 26.61
CA TRP A 1035 -18.60 -77.33 26.96
C TRP A 1035 -19.47 -77.09 25.75
N THR A 1036 -20.78 -76.97 25.98
CA THR A 1036 -21.73 -76.67 24.93
C THR A 1036 -22.57 -75.47 25.30
N GLY A 1037 -23.29 -74.92 24.33
CA GLY A 1037 -24.12 -73.75 24.56
C GLY A 1037 -23.73 -72.62 23.63
N ALA A 1038 -24.30 -71.45 23.88
CA ALA A 1038 -24.05 -70.28 23.04
C ALA A 1038 -22.88 -69.46 23.53
N GLU A 1039 -22.35 -68.61 22.66
CA GLU A 1039 -21.32 -67.66 23.04
C GLU A 1039 -21.97 -66.42 23.62
N LEU A 1040 -21.25 -65.70 24.47
CA LEU A 1040 -21.81 -64.52 25.12
C LEU A 1040 -21.15 -63.24 24.64
N PHE A 1041 -21.97 -62.30 24.19
CA PHE A 1041 -21.48 -60.99 23.78
C PHE A 1041 -21.90 -59.93 24.80
N LEU A 1042 -20.92 -59.44 25.56
CA LEU A 1042 -21.18 -58.40 26.54
C LEU A 1042 -21.03 -57.02 25.92
N VAL A 1043 -22.15 -56.38 25.63
CA VAL A 1043 -22.15 -55.08 25.00
C VAL A 1043 -22.23 -53.97 26.05
N VAL A 1044 -21.16 -53.20 26.19
CA VAL A 1044 -21.10 -52.14 27.18
C VAL A 1044 -20.96 -50.77 26.54
N ASP A 1045 -21.96 -49.92 26.74
CA ASP A 1045 -21.93 -48.56 26.21
C ASP A 1045 -21.66 -47.58 27.35
N ASP A 1046 -20.96 -46.50 27.04
CA ASP A 1046 -20.59 -45.49 28.02
C ASP A 1046 -19.83 -46.11 29.20
N TYR A 1047 -18.66 -46.65 28.90
CA TYR A 1047 -17.86 -47.36 29.90
C TYR A 1047 -17.31 -46.43 30.98
N GLU A 1048 -17.17 -45.15 30.65
CA GLU A 1048 -16.63 -44.19 31.60
C GLU A 1048 -17.60 -43.97 32.75
N MET A 1049 -18.88 -44.25 32.52
CA MET A 1049 -19.91 -44.07 33.53
C MET A 1049 -20.13 -45.35 34.35
N VAL A 1050 -19.51 -46.44 33.91
CA VAL A 1050 -19.63 -47.71 34.61
C VAL A 1050 -18.30 -48.05 35.29
N ALA A 1051 -17.27 -47.27 35.00
CA ALA A 1051 -15.95 -47.48 35.58
C ALA A 1051 -15.74 -46.57 36.79
N THR A 1052 -16.65 -46.64 37.75
CA THR A 1052 -16.56 -45.84 38.96
C THR A 1052 -15.54 -46.44 39.93
N SER A 1053 -15.60 -46.02 41.19
CA SER A 1053 -14.74 -46.56 42.22
C SER A 1053 -15.00 -48.05 42.40
N ASP A 1054 -16.28 -48.42 42.38
CA ASP A 1054 -16.69 -49.82 42.44
C ASP A 1054 -17.22 -50.26 41.08
N ASN A 1055 -16.31 -50.60 40.17
CA ASN A 1055 -16.69 -51.01 38.82
C ASN A 1055 -17.23 -52.43 38.78
N PRO A 1056 -18.46 -52.59 38.28
CA PRO A 1056 -19.14 -53.89 38.20
C PRO A 1056 -18.45 -54.87 37.26
N LEU A 1057 -17.71 -54.36 36.28
CA LEU A 1057 -17.06 -55.21 35.28
C LEU A 1057 -15.74 -55.80 35.79
N ARG A 1058 -15.27 -55.29 36.93
CA ARG A 1058 -13.98 -55.69 37.49
C ARG A 1058 -13.76 -57.21 37.66
N PRO A 1059 -14.76 -57.96 38.17
CA PRO A 1059 -14.50 -59.39 38.37
C PRO A 1059 -14.15 -60.17 37.10
N LEU A 1060 -14.61 -59.69 35.95
CA LEU A 1060 -14.41 -60.41 34.69
C LEU A 1060 -13.02 -60.20 34.10
N ALA A 1061 -12.22 -59.36 34.75
CA ALA A 1061 -10.90 -58.98 34.23
C ALA A 1061 -9.95 -60.17 34.14
N GLU A 1062 -10.14 -61.17 34.99
CA GLU A 1062 -9.26 -62.32 35.04
C GLU A 1062 -9.67 -63.39 34.03
N LEU A 1063 -10.81 -63.20 33.39
CA LEU A 1063 -11.34 -64.18 32.44
C LEU A 1063 -11.04 -63.78 31.00
N LEU A 1064 -10.82 -62.49 30.79
CA LEU A 1064 -10.59 -61.95 29.45
C LEU A 1064 -9.44 -62.59 28.67
N PRO A 1065 -8.34 -62.97 29.34
CA PRO A 1065 -7.33 -63.70 28.55
C PRO A 1065 -7.82 -65.09 28.12
N GLN A 1066 -8.63 -65.72 28.96
CA GLN A 1066 -9.15 -67.06 28.67
C GLN A 1066 -10.45 -67.00 27.88
N ALA A 1067 -10.77 -65.81 27.36
CA ALA A 1067 -12.04 -65.60 26.67
C ALA A 1067 -12.12 -66.36 25.35
N ARG A 1068 -10.99 -66.85 24.87
CA ARG A 1068 -10.96 -67.58 23.61
C ARG A 1068 -11.33 -69.05 23.82
N ASP A 1069 -10.85 -69.62 24.92
CA ASP A 1069 -11.16 -71.01 25.25
C ASP A 1069 -12.60 -71.15 25.72
N ILE A 1070 -13.21 -70.03 26.08
CA ILE A 1070 -14.63 -70.01 26.43
C ILE A 1070 -15.38 -69.17 25.41
N GLY A 1071 -16.64 -68.87 25.67
CA GLY A 1071 -17.46 -68.13 24.73
C GLY A 1071 -17.72 -66.70 25.12
N LEU A 1072 -16.68 -66.00 25.57
CA LEU A 1072 -16.82 -64.64 26.06
C LEU A 1072 -16.37 -63.60 25.04
N HIS A 1073 -17.13 -62.51 24.93
CA HIS A 1073 -16.79 -61.42 24.04
C HIS A 1073 -17.10 -60.07 24.68
N LEU A 1074 -16.14 -59.15 24.62
CA LEU A 1074 -16.33 -57.82 25.18
C LEU A 1074 -16.39 -56.75 24.10
N ILE A 1075 -17.50 -56.03 24.05
CA ILE A 1075 -17.66 -54.93 23.11
C ILE A 1075 -17.92 -53.65 23.89
N ILE A 1076 -16.91 -52.79 23.94
CA ILE A 1076 -16.92 -51.64 24.85
C ILE A 1076 -16.77 -50.30 24.13
N ALA A 1077 -17.59 -49.34 24.55
CA ALA A 1077 -17.45 -47.96 24.07
C ALA A 1077 -17.19 -47.03 25.25
N ARG A 1078 -16.21 -46.14 25.10
CA ARG A 1078 -15.89 -45.20 26.17
C ARG A 1078 -15.71 -43.79 25.64
N SER A 1079 -16.09 -42.80 26.43
CA SER A 1079 -15.92 -41.40 26.06
C SER A 1079 -14.44 -41.04 25.95
N MET A 1080 -14.17 -39.85 25.46
CA MET A 1080 -12.81 -39.42 25.20
C MET A 1080 -12.11 -38.90 26.45
N GLY A 1081 -12.89 -38.26 27.32
CA GLY A 1081 -12.35 -37.64 28.52
C GLY A 1081 -11.66 -38.59 29.47
N GLY A 1082 -10.37 -38.34 29.72
CA GLY A 1082 -9.60 -39.15 30.65
C GLY A 1082 -9.40 -40.58 30.19
N ALA A 1083 -9.55 -40.81 28.89
CA ALA A 1083 -9.39 -42.14 28.33
C ALA A 1083 -7.93 -42.60 28.43
N GLY A 1084 -7.01 -41.67 28.23
CA GLY A 1084 -5.59 -41.98 28.26
C GLY A 1084 -5.13 -42.58 29.58
N ARG A 1085 -5.69 -42.10 30.67
CA ARG A 1085 -5.36 -42.61 31.99
C ARG A 1085 -6.15 -43.87 32.30
N ALA A 1086 -7.21 -44.10 31.53
CA ALA A 1086 -8.05 -45.27 31.70
C ALA A 1086 -7.42 -46.48 31.02
N LEU A 1087 -6.32 -46.26 30.32
CA LEU A 1087 -5.60 -47.33 29.64
C LEU A 1087 -4.94 -48.29 30.63
N TYR A 1088 -4.96 -47.92 31.91
CA TYR A 1088 -4.28 -48.69 32.95
C TYR A 1088 -5.27 -49.45 33.83
N GLU A 1089 -6.56 -49.27 33.54
CA GLU A 1089 -7.60 -50.00 34.24
C GLU A 1089 -7.54 -51.48 33.86
N PRO A 1090 -7.72 -52.38 34.86
CA PRO A 1090 -7.58 -53.83 34.70
C PRO A 1090 -8.30 -54.39 33.47
N ILE A 1091 -9.53 -53.96 33.24
CA ILE A 1091 -10.31 -54.42 32.09
C ILE A 1091 -9.67 -53.97 30.77
N ILE A 1092 -9.54 -52.66 30.60
CA ILE A 1092 -9.04 -52.09 29.36
C ILE A 1092 -7.58 -52.44 29.10
N GLN A 1093 -6.76 -52.42 30.15
CA GLN A 1093 -5.33 -52.64 30.00
C GLN A 1093 -5.03 -54.05 29.48
N ARG A 1094 -5.93 -54.99 29.75
CA ARG A 1094 -5.73 -56.36 29.31
C ARG A 1094 -6.34 -56.57 27.92
N ILE A 1095 -7.42 -55.85 27.63
CA ILE A 1095 -8.01 -55.87 26.29
C ILE A 1095 -7.01 -55.37 25.27
N LYS A 1096 -6.38 -54.24 25.58
CA LYS A 1096 -5.37 -53.66 24.71
C LYS A 1096 -4.14 -54.56 24.63
N GLU A 1097 -3.83 -55.22 25.74
CA GLU A 1097 -2.64 -56.05 25.81
C GLU A 1097 -2.74 -57.26 24.90
N MET A 1098 -3.94 -57.83 24.79
CA MET A 1098 -4.14 -59.01 23.96
C MET A 1098 -4.45 -58.64 22.51
N ALA A 1099 -4.10 -57.41 22.16
CA ALA A 1099 -4.17 -56.91 20.77
C ALA A 1099 -5.55 -57.05 20.15
N SER A 1100 -6.58 -56.63 20.89
CA SER A 1100 -7.93 -56.65 20.37
C SER A 1100 -8.11 -55.54 19.33
N PRO A 1101 -8.96 -55.78 18.32
CA PRO A 1101 -9.27 -54.75 17.32
C PRO A 1101 -9.90 -53.54 17.99
N GLY A 1102 -9.55 -52.34 17.52
CA GLY A 1102 -10.04 -51.13 18.15
C GLY A 1102 -10.34 -50.02 17.19
N LEU A 1103 -11.04 -49.00 17.67
CA LEU A 1103 -11.36 -47.83 16.87
C LEU A 1103 -11.19 -46.55 17.68
N VAL A 1104 -10.41 -45.61 17.14
CA VAL A 1104 -10.23 -44.32 17.78
C VAL A 1104 -10.89 -43.23 16.95
N MET A 1105 -11.99 -42.68 17.45
CA MET A 1105 -12.75 -41.68 16.71
C MET A 1105 -12.29 -40.26 17.04
N SER A 1106 -13.23 -39.33 17.01
CA SER A 1106 -12.93 -37.92 17.27
C SER A 1106 -12.51 -37.71 18.72
N GLY A 1107 -11.50 -36.88 18.92
CA GLY A 1107 -11.02 -36.56 20.25
C GLY A 1107 -9.98 -35.47 20.26
N ASN A 1108 -9.12 -35.48 21.26
CA ASN A 1108 -8.01 -34.53 21.32
C ASN A 1108 -6.71 -35.22 21.71
N LYS A 1109 -5.61 -34.53 21.49
CA LYS A 1109 -4.27 -35.09 21.59
C LYS A 1109 -3.78 -35.07 23.03
N ASP A 1110 -4.54 -34.40 23.89
CA ASP A 1110 -4.22 -34.33 25.31
C ASP A 1110 -4.21 -35.70 25.96
N GLU A 1111 -4.99 -36.62 25.39
CA GLU A 1111 -5.12 -37.96 25.94
C GLU A 1111 -4.01 -38.87 25.44
N GLY A 1112 -3.21 -38.37 24.51
CA GLY A 1112 -2.08 -39.13 23.97
C GLY A 1112 -2.53 -40.33 23.16
N ILE A 1113 -1.57 -41.17 22.79
CA ILE A 1113 -1.86 -42.37 22.01
C ILE A 1113 -2.72 -43.36 22.80
N LEU A 1114 -3.91 -43.64 22.27
CA LEU A 1114 -4.79 -44.62 22.87
C LEU A 1114 -4.57 -45.99 22.23
N LEU A 1115 -4.78 -46.05 20.91
CA LEU A 1115 -4.58 -47.28 20.16
C LEU A 1115 -3.81 -46.99 18.87
N GLY A 1116 -2.99 -47.94 18.46
CA GLY A 1116 -2.23 -47.81 17.23
C GLY A 1116 -1.12 -46.78 17.33
N ASN A 1117 -0.80 -46.17 16.19
CA ASN A 1117 0.31 -45.22 16.13
C ASN A 1117 -0.13 -43.80 15.80
N VAL A 1118 -1.41 -43.51 16.00
CA VAL A 1118 -1.94 -42.18 15.70
C VAL A 1118 -2.61 -41.56 16.92
N LYS A 1119 -2.20 -40.35 17.27
CA LYS A 1119 -2.82 -39.61 18.37
C LYS A 1119 -4.14 -39.01 17.91
N PRO A 1120 -5.17 -39.12 18.75
CA PRO A 1120 -6.54 -38.64 18.47
C PRO A 1120 -6.60 -37.17 18.08
N HIS A 1121 -7.65 -36.80 17.36
CA HIS A 1121 -7.89 -35.41 16.98
C HIS A 1121 -9.33 -35.25 16.51
N LYS A 1122 -9.70 -34.01 16.17
CA LYS A 1122 -11.07 -33.70 15.76
C LYS A 1122 -11.44 -34.37 14.45
N LEU A 1123 -12.36 -35.33 14.50
CA LEU A 1123 -12.83 -36.04 13.32
C LEU A 1123 -14.33 -35.86 13.15
N PRO A 1124 -14.80 -35.89 11.89
CA PRO A 1124 -16.24 -35.85 11.62
C PRO A 1124 -16.96 -37.06 12.19
N GLN A 1125 -18.28 -36.98 12.30
CA GLN A 1125 -19.07 -38.04 12.90
C GLN A 1125 -18.94 -39.36 12.14
N GLY A 1126 -18.73 -40.44 12.88
CA GLY A 1126 -18.65 -41.77 12.29
C GLY A 1126 -17.25 -42.18 11.90
N ARG A 1127 -16.39 -41.20 11.64
CA ARG A 1127 -15.03 -41.47 11.19
C ARG A 1127 -14.10 -41.76 12.37
N GLY A 1128 -13.15 -42.67 12.15
CA GLY A 1128 -12.19 -43.02 13.17
C GLY A 1128 -11.02 -43.82 12.60
N TYR A 1129 -10.05 -44.12 13.45
CA TYR A 1129 -8.88 -44.90 13.03
C TYR A 1129 -8.99 -46.34 13.49
N PHE A 1130 -9.23 -47.25 12.54
CA PHE A 1130 -9.36 -48.66 12.85
C PHE A 1130 -8.01 -49.30 13.10
N VAL A 1131 -7.82 -49.84 14.30
CA VAL A 1131 -6.56 -50.48 14.65
C VAL A 1131 -6.73 -51.98 14.80
N GLU A 1132 -6.00 -52.72 13.98
CA GLU A 1132 -6.00 -54.18 14.02
C GLU A 1132 -4.56 -54.66 14.10
N ARG A 1133 -4.34 -55.84 14.68
CA ARG A 1133 -3.00 -56.40 14.81
C ARG A 1133 -2.34 -56.50 13.44
N ARG A 1134 -3.09 -57.00 12.47
CA ARG A 1134 -2.62 -57.00 11.09
C ARG A 1134 -3.20 -55.76 10.42
N SER A 1135 -2.55 -55.33 9.34
CA SER A 1135 -2.91 -54.10 8.62
C SER A 1135 -2.69 -52.84 9.47
N GLY A 1136 -2.49 -53.00 10.77
CA GLY A 1136 -2.16 -51.91 11.66
C GLY A 1136 -3.24 -50.85 11.79
N THR A 1137 -2.82 -49.60 11.72
CA THR A 1137 -3.72 -48.46 11.83
C THR A 1137 -4.25 -48.07 10.45
N ARG A 1138 -5.54 -47.76 10.39
CA ARG A 1138 -6.18 -47.48 9.12
C ARG A 1138 -7.38 -46.55 9.31
N LEU A 1139 -7.43 -45.47 8.56
CA LEU A 1139 -8.53 -44.53 8.64
C LEU A 1139 -9.77 -45.06 7.93
N ILE A 1140 -10.86 -45.21 8.66
CA ILE A 1140 -12.09 -45.74 8.09
C ILE A 1140 -13.29 -44.83 8.39
N GLN A 1141 -14.41 -45.14 7.75
CA GLN A 1141 -15.67 -44.44 8.01
C GLN A 1141 -16.75 -45.46 8.38
N THR A 1142 -17.28 -45.35 9.59
CA THR A 1142 -18.29 -46.29 10.06
C THR A 1142 -19.64 -46.00 9.44
N ALA A 1143 -20.52 -47.01 9.42
CA ALA A 1143 -21.81 -46.89 8.77
C ALA A 1143 -22.90 -46.39 9.72
N TYR A 1144 -23.86 -45.66 9.16
CA TYR A 1144 -24.95 -45.11 9.94
C TYR A 1144 -26.19 -46.00 9.89
N ARG A 1145 -26.75 -46.30 11.05
CA ARG A 1145 -27.91 -47.17 11.15
C ARG A 1145 -29.10 -46.42 11.74
N GLU A 1146 -30.12 -46.18 10.91
CA GLU A 1146 -31.30 -45.45 11.36
C GLU A 1146 -32.10 -46.23 12.39
N SER A 1147 -32.86 -45.51 13.19
CA SER A 1147 -33.68 -46.08 14.26
C SER A 1147 -32.84 -46.91 15.22
N SER B 246 49.46 -0.75 40.47
CA SER B 246 48.34 -0.16 39.76
C SER B 246 47.30 -1.22 39.39
N ALA B 247 46.66 -1.79 40.40
CA ALA B 247 45.61 -2.77 40.19
C ALA B 247 44.25 -2.15 40.49
N ASN B 248 43.19 -2.88 40.14
CA ASN B 248 41.83 -2.38 40.33
C ASN B 248 41.42 -2.35 41.80
N MET B 249 40.84 -1.23 42.22
CA MET B 249 40.43 -1.05 43.61
C MET B 249 38.97 -0.59 43.69
N THR B 250 38.20 -1.24 44.55
CA THR B 250 36.78 -0.90 44.72
C THR B 250 36.60 0.40 45.49
N LEU B 251 35.52 1.09 45.21
CA LEU B 251 35.21 2.35 45.89
C LEU B 251 34.70 2.09 47.31
N THR B 252 34.08 0.93 47.50
CA THR B 252 33.57 0.55 48.81
C THR B 252 34.69 0.43 49.83
N SER B 253 35.89 0.14 49.35
CA SER B 253 37.06 0.01 50.22
C SER B 253 37.58 1.38 50.62
N LEU B 254 37.54 2.33 49.69
CA LEU B 254 38.07 3.67 49.93
C LEU B 254 37.15 4.48 50.84
N LEU B 255 35.92 4.02 51.01
CA LEU B 255 34.96 4.70 51.87
C LEU B 255 34.80 3.97 53.18
N HIS B 256 35.64 2.95 53.39
CA HIS B 256 35.67 2.18 54.63
C HIS B 256 34.31 1.57 54.94
N ILE B 257 33.82 0.74 54.03
CA ILE B 257 32.55 0.06 54.20
C ILE B 257 32.74 -1.45 54.24
N ASP B 258 32.57 -2.03 55.40
CA ASP B 258 32.74 -3.47 55.59
C ASP B 258 31.74 -4.26 54.77
N ASN B 259 30.48 -3.85 54.81
CA ASN B 259 29.41 -4.58 54.13
C ASN B 259 28.61 -3.69 53.20
N PRO B 260 28.82 -3.86 51.88
CA PRO B 260 28.09 -3.08 50.87
C PRO B 260 26.60 -3.38 50.84
N TYR B 261 26.22 -4.60 51.23
CA TYR B 261 24.84 -5.05 51.05
C TYR B 261 23.94 -4.63 52.21
N ASN B 262 24.55 -4.11 53.28
CA ASN B 262 23.77 -3.57 54.37
C ASN B 262 24.19 -2.14 54.65
N LEU B 263 23.95 -1.26 53.68
CA LEU B 263 24.17 0.15 53.89
C LEU B 263 23.00 0.73 54.66
N ASP B 264 23.25 1.89 55.25
CA ASP B 264 22.23 2.60 55.98
C ASP B 264 22.40 4.05 55.57
N PRO B 265 21.36 4.66 55.00
CA PRO B 265 21.39 6.06 54.59
C PRO B 265 21.73 7.01 55.75
N ALA B 266 21.35 6.65 56.97
CA ALA B 266 21.69 7.47 58.12
C ALA B 266 23.13 7.20 58.62
N VAL B 267 23.77 6.13 58.12
CA VAL B 267 25.19 5.92 58.46
C VAL B 267 26.12 6.24 57.28
N LEU B 268 25.57 6.83 56.22
CA LEU B 268 26.41 7.26 55.11
C LEU B 268 26.37 8.77 54.94
N TRP B 269 25.24 9.37 55.28
CA TRP B 269 25.01 10.78 55.02
C TRP B 269 25.17 11.62 56.28
N ARG B 270 25.83 11.07 57.29
CA ARG B 270 26.13 11.81 58.50
C ARG B 270 26.89 13.08 58.16
N PRO B 271 26.60 14.18 58.86
CA PRO B 271 27.23 15.47 58.57
C PRO B 271 28.75 15.37 58.67
N ARG B 272 29.44 15.99 57.71
CA ARG B 272 30.89 15.85 57.60
C ARG B 272 31.60 17.16 57.93
N PRO B 273 32.85 17.07 58.41
CA PRO B 273 33.68 18.25 58.66
C PRO B 273 33.79 19.13 57.41
N GLN B 274 34.03 20.42 57.62
CA GLN B 274 34.03 21.40 56.54
C GLN B 274 34.86 20.97 55.32
N ARG B 275 36.02 20.39 55.57
CA ARG B 275 36.90 20.00 54.47
C ARG B 275 36.43 18.72 53.78
N ASN B 276 35.75 17.86 54.54
CA ASN B 276 35.24 16.61 53.97
C ASN B 276 33.94 16.80 53.20
N ARG B 277 33.40 18.00 53.25
CA ARG B 277 32.25 18.34 52.43
C ARG B 277 32.69 18.39 50.97
N LEU B 278 31.93 17.75 50.09
CA LEU B 278 32.24 17.72 48.67
C LEU B 278 33.67 17.26 48.41
N ARG B 279 34.16 16.37 49.27
CA ARG B 279 35.49 15.81 49.14
C ARG B 279 35.43 14.30 49.22
N VAL B 280 35.67 13.65 48.09
CA VAL B 280 35.57 12.20 48.00
C VAL B 280 36.76 11.60 47.28
N PRO B 281 37.13 10.36 47.63
CA PRO B 281 38.23 9.68 46.94
C PRO B 281 37.82 9.13 45.58
N ILE B 282 38.72 9.22 44.60
CA ILE B 282 38.43 8.70 43.27
C ILE B 282 39.36 7.54 42.93
N GLY B 283 40.46 7.43 43.66
CA GLY B 283 41.42 6.36 43.44
C GLY B 283 42.62 6.46 44.36
N LEU B 284 43.73 5.88 43.94
CA LEU B 284 44.96 5.89 44.73
C LEU B 284 46.09 6.56 43.95
N ASP B 285 47.05 7.13 44.66
CA ASP B 285 48.18 7.77 44.00
C ASP B 285 49.32 6.77 43.81
N ALA B 286 50.50 7.28 43.48
CA ALA B 286 51.65 6.42 43.18
C ALA B 286 52.12 5.63 44.40
N ASP B 287 52.18 6.31 45.54
CA ASP B 287 52.73 5.70 46.74
C ASP B 287 51.69 4.87 47.50
N GLY B 288 50.43 5.29 47.44
CA GLY B 288 49.37 4.52 48.06
C GLY B 288 48.31 5.33 48.80
N ARG B 289 48.56 6.63 48.94
CA ARG B 289 47.60 7.50 49.62
C ARG B 289 46.44 7.83 48.71
N PRO B 290 45.20 7.56 49.17
CA PRO B 290 44.00 7.81 48.37
C PRO B 290 43.90 9.26 47.90
N LEU B 291 43.65 9.44 46.62
CA LEU B 291 43.52 10.78 46.05
C LEU B 291 42.07 11.24 46.12
N GLU B 292 41.85 12.41 46.71
CA GLU B 292 40.51 12.94 46.87
C GLU B 292 40.26 14.13 45.95
N LEU B 293 38.99 14.38 45.67
CA LEU B 293 38.60 15.51 44.85
C LEU B 293 37.77 16.50 45.66
N ASP B 294 38.27 17.72 45.80
CA ASP B 294 37.57 18.74 46.57
C ASP B 294 37.00 19.81 45.64
N ILE B 295 35.71 19.69 45.33
CA ILE B 295 35.08 20.62 44.40
C ILE B 295 34.55 21.86 45.12
N LYS B 296 34.79 21.93 46.42
CA LYS B 296 34.47 23.14 47.19
C LYS B 296 35.29 24.31 46.67
N GLU B 297 34.76 25.52 46.82
CA GLU B 297 35.47 26.72 46.39
C GLU B 297 36.81 26.86 47.11
N SER B 298 37.70 27.66 46.54
CA SER B 298 39.06 27.80 47.04
C SER B 298 39.14 28.28 48.48
N ALA B 299 38.29 29.23 48.84
CA ALA B 299 38.30 29.80 50.19
C ALA B 299 37.78 28.81 51.22
N GLN B 300 37.18 27.71 50.76
CA GLN B 300 36.61 26.73 51.66
C GLN B 300 37.42 25.44 51.63
N GLY B 301 38.49 25.45 50.85
CA GLY B 301 39.35 24.28 50.72
C GLY B 301 40.34 24.45 49.58
N GLY B 302 40.12 23.71 48.51
CA GLY B 302 41.00 23.78 47.35
C GLY B 302 40.35 23.30 46.08
N MET B 303 41.12 23.30 45.00
CA MET B 303 40.68 22.82 43.69
C MET B 303 39.45 23.55 43.16
N GLY B 304 39.13 24.70 43.76
CA GLY B 304 38.05 25.56 43.30
C GLY B 304 36.70 24.91 43.11
N PRO B 305 35.75 25.65 42.53
CA PRO B 305 34.38 25.18 42.34
C PRO B 305 34.17 24.38 41.04
N HIS B 306 34.85 24.74 39.97
CA HIS B 306 34.62 24.11 38.67
C HIS B 306 35.86 23.39 38.16
N GLY B 307 35.65 22.36 37.34
CA GLY B 307 36.75 21.57 36.83
C GLY B 307 36.57 21.04 35.42
N LEU B 308 37.51 20.19 34.99
CA LEU B 308 37.53 19.67 33.64
C LEU B 308 38.09 18.26 33.60
N CYS B 309 37.53 17.41 32.73
CA CYS B 309 38.01 16.05 32.57
C CYS B 309 38.08 15.64 31.10
N ILE B 310 39.29 15.36 30.62
CA ILE B 310 39.46 14.92 29.24
C ILE B 310 40.00 13.50 29.19
N GLY B 311 39.32 12.65 28.43
CA GLY B 311 39.73 11.26 28.31
C GLY B 311 39.23 10.59 27.06
N ALA B 312 40.17 10.12 26.23
CA ALA B 312 39.82 9.40 25.01
C ALA B 312 39.12 8.08 25.34
N THR B 313 38.63 7.41 24.31
CA THR B 313 37.91 6.15 24.50
C THR B 313 38.87 5.06 24.98
N GLY B 314 38.45 4.32 25.99
CA GLY B 314 39.26 3.24 26.54
C GLY B 314 40.11 3.69 27.70
N SER B 315 40.03 4.96 28.04
CA SER B 315 40.79 5.52 29.14
C SER B 315 40.06 5.33 30.46
N GLY B 316 38.75 5.10 30.38
CA GLY B 316 37.93 4.89 31.56
C GLY B 316 37.25 6.17 32.03
N LYS B 317 37.02 7.09 31.11
CA LYS B 317 36.37 8.35 31.43
C LYS B 317 34.95 8.13 31.93
N SER B 318 34.29 7.12 31.37
CA SER B 318 32.94 6.77 31.80
C SER B 318 32.95 6.30 33.25
N GLU B 319 33.84 5.36 33.55
CA GLU B 319 33.92 4.77 34.88
C GLU B 319 34.31 5.79 35.94
N LEU B 320 35.06 6.80 35.53
CA LEU B 320 35.50 7.85 36.44
C LEU B 320 34.34 8.74 36.86
N LEU B 321 33.54 9.16 35.88
CA LEU B 321 32.41 10.04 36.13
C LEU B 321 31.32 9.32 36.94
N ARG B 322 31.18 8.03 36.72
CA ARG B 322 30.24 7.22 37.49
C ARG B 322 30.68 7.13 38.94
N THR B 323 31.98 6.96 39.13
CA THR B 323 32.57 6.82 40.46
C THR B 323 32.41 8.10 41.28
N LEU B 324 32.79 9.22 40.69
CA LEU B 324 32.71 10.52 41.35
C LEU B 324 31.30 10.83 41.83
N VAL B 325 30.32 10.57 40.98
CA VAL B 325 28.92 10.83 41.32
C VAL B 325 28.42 9.87 42.39
N LEU B 326 28.72 8.58 42.23
CA LEU B 326 28.28 7.58 43.20
C LEU B 326 28.93 7.82 44.56
N ALA B 327 30.20 8.21 44.55
CA ALA B 327 30.91 8.52 45.78
C ALA B 327 30.25 9.68 46.50
N LEU B 328 30.01 10.76 45.77
CA LEU B 328 29.35 11.94 46.33
C LEU B 328 27.93 11.61 46.79
N ALA B 329 27.33 10.61 46.17
CA ALA B 329 25.99 10.19 46.53
C ALA B 329 26.00 9.39 47.83
N MET B 330 27.08 8.66 48.06
CA MET B 330 27.21 7.82 49.24
C MET B 330 27.74 8.58 50.45
N THR B 331 28.15 9.83 50.22
CA THR B 331 28.73 10.63 51.29
C THR B 331 27.86 11.82 51.66
N HIS B 332 26.94 12.18 50.76
CA HIS B 332 26.09 13.35 50.97
C HIS B 332 24.61 13.00 50.83
N SER B 333 23.80 13.57 51.72
CA SER B 333 22.35 13.38 51.66
C SER B 333 21.78 14.15 50.46
N PRO B 334 20.68 13.64 49.88
CA PRO B 334 20.01 14.33 48.77
C PRO B 334 19.59 15.75 49.12
N GLU B 335 19.44 16.03 50.42
CA GLU B 335 19.00 17.33 50.88
C GLU B 335 20.13 18.37 50.76
N VAL B 336 21.37 17.91 50.77
CA VAL B 336 22.51 18.82 50.71
C VAL B 336 23.26 18.77 49.39
N LEU B 337 22.85 17.87 48.50
CA LEU B 337 23.50 17.75 47.20
C LEU B 337 22.57 17.20 46.12
N ASN B 338 22.56 17.85 44.97
CA ASN B 338 21.78 17.39 43.82
C ASN B 338 22.60 17.35 42.55
N PHE B 339 22.31 16.39 41.68
CA PHE B 339 23.05 16.21 40.44
C PHE B 339 22.24 16.55 39.20
N VAL B 340 22.93 17.06 38.18
CA VAL B 340 22.35 17.20 36.85
C VAL B 340 23.29 16.53 35.86
N LEU B 341 22.94 15.31 35.47
CA LEU B 341 23.80 14.50 34.61
C LEU B 341 23.50 14.76 33.14
N VAL B 342 24.53 15.10 32.38
CA VAL B 342 24.35 15.49 30.98
C VAL B 342 25.37 14.84 30.05
N ASP B 343 24.88 14.18 29.00
CA ASP B 343 25.74 13.71 27.91
C ASP B 343 25.19 14.22 26.59
N PHE B 344 26.04 14.87 25.82
CA PHE B 344 25.69 15.39 24.50
C PHE B 344 25.44 14.26 23.51
N LYS B 345 26.05 13.10 23.76
CA LYS B 345 25.88 11.94 22.89
C LYS B 345 25.02 10.87 23.54
N GLY B 346 25.06 9.67 22.97
CA GLY B 346 24.24 8.57 23.45
C GLY B 346 24.96 7.67 24.43
N GLY B 347 25.61 8.28 25.41
CA GLY B 347 26.35 7.53 26.41
C GLY B 347 25.46 7.04 27.53
N ALA B 348 25.60 5.76 27.87
CA ALA B 348 24.88 5.17 28.99
C ALA B 348 25.70 5.33 30.26
N THR B 349 26.47 6.41 30.34
CA THR B 349 27.33 6.70 31.48
C THR B 349 26.54 6.73 32.78
N PHE B 350 25.39 7.39 32.76
CA PHE B 350 24.61 7.59 33.96
C PHE B 350 23.44 6.62 34.07
N LEU B 351 23.52 5.52 33.34
CA LEU B 351 22.43 4.54 33.33
C LEU B 351 22.31 3.82 34.68
N GLY B 352 21.18 4.01 35.35
CA GLY B 352 20.93 3.36 36.61
C GLY B 352 20.79 4.32 37.78
N MET B 353 21.09 5.59 37.52
CA MET B 353 21.12 6.60 38.58
C MET B 353 19.77 7.29 38.80
N GLU B 354 18.72 6.78 38.18
CA GLU B 354 17.41 7.43 38.29
C GLU B 354 16.80 7.22 39.68
N GLY B 355 17.23 6.18 40.37
CA GLY B 355 16.70 5.85 41.69
C GLY B 355 17.21 6.79 42.77
N LEU B 356 18.39 7.35 42.55
CA LEU B 356 19.00 8.26 43.51
C LEU B 356 18.23 9.57 43.62
N ARG B 357 17.77 9.87 44.83
CA ARG B 357 17.00 11.09 45.08
C ARG B 357 17.86 12.35 44.91
N HIS B 358 19.17 12.14 44.70
CA HIS B 358 20.08 13.25 44.47
C HIS B 358 19.86 13.85 43.08
N VAL B 359 19.76 12.98 42.08
CA VAL B 359 19.63 13.41 40.70
C VAL B 359 18.25 13.98 40.40
N SER B 360 18.20 15.26 40.05
CA SER B 360 16.95 15.91 39.69
C SER B 360 16.45 15.37 38.36
N ALA B 361 17.33 15.32 37.37
CA ALA B 361 16.99 14.81 36.05
C ALA B 361 18.23 14.42 35.27
N ILE B 362 18.12 13.37 34.46
CA ILE B 362 19.22 12.92 33.62
C ILE B 362 18.97 13.30 32.17
N ILE B 363 19.87 14.09 31.60
CA ILE B 363 19.71 14.56 30.24
C ILE B 363 20.69 13.86 29.30
N THR B 364 20.17 13.25 28.24
CA THR B 364 21.02 12.47 27.35
C THR B 364 20.64 12.63 25.88
N ASN B 365 21.53 12.16 25.00
CA ASN B 365 21.25 12.02 23.57
C ASN B 365 20.77 13.33 22.95
N LEU B 366 21.50 14.41 23.24
CA LEU B 366 21.16 15.74 22.72
C LEU B 366 21.72 15.95 21.31
N GLU B 367 22.56 15.02 20.88
CA GLU B 367 23.15 15.08 19.56
C GLU B 367 22.05 14.93 18.50
N GLU B 368 20.97 14.26 18.88
CA GLU B 368 19.87 13.99 17.99
C GLU B 368 18.93 15.18 17.85
N GLU B 369 18.56 15.78 18.98
CA GLU B 369 17.57 16.83 18.99
C GLU B 369 18.13 18.14 19.53
N LEU B 370 18.75 18.92 18.65
CA LEU B 370 19.38 20.18 19.01
C LEU B 370 18.45 21.27 19.61
N PRO B 371 17.15 21.27 19.25
CA PRO B 371 16.29 22.22 19.95
C PRO B 371 16.21 21.99 21.46
N LEU B 372 16.51 20.77 21.90
CA LEU B 372 16.57 20.48 23.33
C LEU B 372 17.77 21.17 23.97
N VAL B 373 18.80 21.45 23.17
CA VAL B 373 20.06 21.97 23.72
C VAL B 373 19.93 23.33 24.44
N ASP B 374 19.44 24.37 23.78
CA ASP B 374 19.23 25.64 24.48
C ASP B 374 17.83 25.72 25.10
N ARG B 375 17.10 24.61 25.06
CA ARG B 375 16.06 24.43 26.04
C ARG B 375 16.77 24.20 27.35
N MET B 376 17.82 23.39 27.29
CA MET B 376 18.65 23.09 28.45
C MET B 376 19.46 24.31 28.87
N TYR B 377 20.04 25.02 27.90
CA TYR B 377 20.77 26.27 28.17
C TYR B 377 19.98 27.15 29.10
N ASP B 378 18.71 27.36 28.74
CA ASP B 378 17.88 28.31 29.41
C ASP B 378 17.22 27.64 30.62
N ALA B 379 17.08 26.31 30.56
CA ALA B 379 16.60 25.54 31.68
C ALA B 379 17.54 25.65 32.87
N LEU B 380 18.83 25.71 32.58
CA LEU B 380 19.83 25.90 33.62
C LEU B 380 19.88 27.37 34.02
N HIS B 381 19.70 28.25 33.04
CA HIS B 381 19.66 29.68 33.28
C HIS B 381 18.55 30.03 34.25
N GLY B 382 17.43 29.31 34.14
CA GLY B 382 16.29 29.53 35.02
C GLY B 382 16.58 29.12 36.45
N GLU B 383 17.45 28.13 36.62
CA GLU B 383 17.83 27.66 37.94
C GLU B 383 18.73 28.68 38.63
N MET B 384 19.65 29.26 37.86
CA MET B 384 20.55 30.28 38.37
C MET B 384 19.78 31.45 38.96
N VAL B 385 18.84 31.99 38.19
CA VAL B 385 18.04 33.12 38.62
C VAL B 385 17.13 32.74 39.79
N ARG B 386 16.66 31.49 39.79
CA ARG B 386 15.80 31.00 40.86
C ARG B 386 16.52 31.05 42.20
N ARG B 387 17.73 30.49 42.22
CA ARG B 387 18.56 30.49 43.44
C ARG B 387 18.92 31.91 43.83
N GLN B 388 19.33 32.70 42.85
CA GLN B 388 19.76 34.08 43.09
C GLN B 388 18.64 34.92 43.70
N GLU B 389 17.41 34.71 43.24
CA GLU B 389 16.27 35.39 43.82
C GLU B 389 15.97 34.82 45.20
N HIS B 390 16.22 33.53 45.36
CA HIS B 390 16.06 32.86 46.65
C HIS B 390 17.16 33.31 47.61
N LEU B 391 18.12 34.06 47.09
CA LEU B 391 19.18 34.61 47.91
C LEU B 391 18.94 36.08 48.22
N ARG B 392 18.22 36.77 47.34
CA ARG B 392 17.89 38.17 47.61
C ARG B 392 16.71 38.25 48.59
N HIS B 393 15.74 37.34 48.44
CA HIS B 393 14.70 37.10 49.45
C HIS B 393 15.24 36.00 50.35
N SER B 394 14.63 35.82 51.53
CA SER B 394 15.03 34.90 52.61
C SER B 394 16.22 35.53 53.32
N GLY B 395 16.16 36.87 53.40
CA GLY B 395 17.30 37.68 53.78
C GLY B 395 18.22 37.76 52.58
N ASN B 396 18.67 38.96 52.23
CA ASN B 396 19.59 39.11 51.12
C ASN B 396 20.91 38.48 51.51
N TYR B 397 21.10 37.23 51.12
CA TYR B 397 22.38 36.55 51.31
C TYR B 397 23.16 36.66 50.02
N ALA B 398 24.47 36.49 50.08
CA ALA B 398 25.31 36.64 48.89
C ALA B 398 26.00 35.35 48.51
N SER B 399 25.66 34.26 49.22
CA SER B 399 26.20 32.95 48.89
C SER B 399 25.40 31.83 49.54
N LEU B 400 25.49 30.64 48.96
CA LEU B 400 24.80 29.47 49.49
C LEU B 400 25.35 29.08 50.87
N ARG B 401 26.64 29.32 51.07
CA ARG B 401 27.26 29.01 52.35
C ARG B 401 26.70 29.88 53.46
N ASP B 402 26.63 31.19 53.21
CA ASP B 402 26.04 32.13 54.15
C ASP B 402 24.59 31.79 54.39
N TYR B 403 23.93 31.32 53.33
CA TYR B 403 22.57 30.80 53.46
C TYR B 403 22.59 29.60 54.38
N GLU B 404 23.42 28.63 54.09
CA GLU B 404 23.40 27.40 54.88
C GLU B 404 23.79 27.62 56.32
N LYS B 405 24.79 28.47 56.56
CA LYS B 405 25.31 28.57 57.89
C LYS B 405 24.19 29.06 58.76
N ALA B 406 23.46 30.03 58.26
CA ALA B 406 22.33 30.55 59.01
C ALA B 406 21.39 29.40 59.18
N ARG B 407 21.30 28.60 58.14
CA ARG B 407 20.34 27.53 58.11
C ARG B 407 20.65 26.60 59.26
N MET B 408 21.93 26.35 59.49
CA MET B 408 22.32 25.47 60.57
C MET B 408 21.94 26.02 61.93
N GLU B 409 21.92 27.34 62.03
CA GLU B 409 21.76 28.01 63.30
C GLU B 409 20.44 27.60 63.90
N GLY B 410 19.53 27.12 63.06
CA GLY B 410 18.21 26.78 63.51
C GLY B 410 17.24 27.90 63.23
N ALA B 411 17.74 28.96 62.61
CA ALA B 411 16.87 29.94 61.98
C ALA B 411 16.20 29.15 60.88
N PRO B 412 14.82 29.30 60.74
CA PRO B 412 14.23 28.27 59.89
C PRO B 412 14.10 28.70 58.45
N LEU B 413 14.78 27.95 57.60
CA LEU B 413 14.81 28.22 56.17
C LEU B 413 14.82 26.92 55.39
N PRO B 414 14.31 26.93 54.15
CA PRO B 414 14.32 25.71 53.34
C PRO B 414 15.72 25.30 52.92
N PRO B 415 16.06 24.02 53.12
CA PRO B 415 17.38 23.48 52.77
C PRO B 415 17.67 23.56 51.27
N MET B 416 18.66 24.36 50.90
CA MET B 416 19.04 24.48 49.50
C MET B 416 20.34 23.75 49.21
N PRO B 417 20.24 22.56 48.60
CA PRO B 417 21.38 21.70 48.30
C PRO B 417 22.32 22.29 47.26
N THR B 418 23.56 21.84 47.26
CA THR B 418 24.54 22.25 46.26
C THR B 418 24.27 21.51 44.96
N LEU B 419 24.47 22.18 43.84
CA LEU B 419 24.15 21.58 42.54
C LEU B 419 25.41 21.26 41.74
N PHE B 420 25.58 19.98 41.41
CA PHE B 420 26.73 19.53 40.64
C PHE B 420 26.34 19.26 39.19
N ILE B 421 26.88 20.05 38.27
CA ILE B 421 26.60 19.89 36.85
C ILE B 421 27.75 19.19 36.14
N VAL B 422 27.51 17.97 35.68
CA VAL B 422 28.50 17.24 34.89
C VAL B 422 28.03 17.11 33.45
N LEU B 423 28.87 17.55 32.51
CA LEU B 423 28.51 17.58 31.11
C LEU B 423 29.49 16.81 30.25
N ASP B 424 29.07 15.64 29.77
CA ASP B 424 29.92 14.82 28.92
C ASP B 424 29.86 15.30 27.47
N GLU B 425 31.00 15.24 26.79
CA GLU B 425 31.12 15.67 25.39
C GLU B 425 30.70 17.13 25.20
N PHE B 426 31.35 18.03 25.90
CA PHE B 426 31.03 19.46 25.81
C PHE B 426 31.77 20.11 24.63
N SER B 427 32.73 19.40 24.06
CA SER B 427 33.52 19.93 22.95
C SER B 427 32.72 19.93 21.66
N GLU B 428 32.00 18.84 21.43
CA GLU B 428 31.17 18.71 20.25
C GLU B 428 29.89 19.53 20.37
N LEU B 429 29.42 19.68 21.61
CA LEU B 429 28.21 20.46 21.87
C LEU B 429 28.48 21.95 21.61
N LEU B 430 29.69 22.39 21.94
CA LEU B 430 30.05 23.79 21.80
C LEU B 430 30.28 24.17 20.34
N SER B 431 30.69 23.18 19.54
CA SER B 431 30.89 23.39 18.12
C SER B 431 29.55 23.29 17.38
N ALA B 432 28.54 22.77 18.09
CA ALA B 432 27.21 22.67 17.54
C ALA B 432 26.42 23.94 17.82
N LYS B 433 26.50 24.40 19.06
CA LYS B 433 25.79 25.62 19.49
C LYS B 433 26.71 26.52 20.30
N PRO B 434 27.55 27.31 19.62
CA PRO B 434 28.60 28.14 20.22
C PRO B 434 28.11 29.14 21.27
N ASP B 435 26.85 29.55 21.20
CA ASP B 435 26.31 30.51 22.16
C ASP B 435 25.87 29.83 23.46
N PHE B 436 26.19 28.55 23.58
CA PHE B 436 25.96 27.82 24.82
C PHE B 436 27.12 28.12 25.78
N ALA B 437 28.20 28.65 25.22
CA ALA B 437 29.43 28.88 25.97
C ALA B 437 29.28 29.96 27.04
N GLU B 438 28.42 30.94 26.82
CA GLU B 438 28.26 32.02 27.79
C GLU B 438 27.34 31.60 28.94
N LEU B 439 26.73 30.43 28.83
CA LEU B 439 26.07 29.83 29.99
C LEU B 439 27.15 29.42 30.97
N PHE B 440 28.22 28.85 30.44
CA PHE B 440 29.36 28.42 31.23
C PHE B 440 30.01 29.61 31.93
N VAL B 441 30.26 30.67 31.16
CA VAL B 441 30.91 31.87 31.68
C VAL B 441 30.08 32.49 32.80
N MET B 442 28.76 32.43 32.67
CA MET B 442 27.88 32.93 33.71
C MET B 442 28.02 32.10 34.98
N ILE B 443 28.15 30.78 34.82
CA ILE B 443 28.38 29.89 35.94
C ILE B 443 29.75 30.16 36.55
N GLY B 444 30.75 30.37 35.70
CA GLY B 444 32.10 30.62 36.14
C GLY B 444 32.28 31.92 36.91
N ARG B 445 31.18 32.67 37.07
CA ARG B 445 31.20 33.91 37.83
C ARG B 445 30.18 33.90 38.96
N LEU B 446 29.10 33.14 38.78
CA LEU B 446 28.01 33.13 39.75
C LEU B 446 27.81 31.76 40.38
N GLY B 447 28.51 30.75 39.86
CA GLY B 447 28.39 29.41 40.39
C GLY B 447 28.92 29.29 41.80
N ARG B 448 30.00 30.00 42.07
CA ARG B 448 30.61 30.03 43.41
C ARG B 448 29.62 30.51 44.46
N SER B 449 28.92 31.60 44.16
CA SER B 449 27.97 32.19 45.08
C SER B 449 26.70 31.35 45.20
N LEU B 450 26.14 31.01 44.04
CA LEU B 450 24.86 30.32 43.99
C LEU B 450 24.97 28.87 44.45
N GLY B 451 26.19 28.33 44.45
CA GLY B 451 26.41 26.96 44.87
C GLY B 451 26.18 25.98 43.74
N VAL B 452 26.69 26.31 42.56
CA VAL B 452 26.57 25.45 41.40
C VAL B 452 27.94 25.13 40.83
N HIS B 453 28.33 23.86 40.90
CA HIS B 453 29.65 23.43 40.45
C HIS B 453 29.57 22.68 39.13
N LEU B 454 30.48 23.02 38.22
CA LEU B 454 30.46 22.45 36.88
C LEU B 454 31.66 21.55 36.60
N LEU B 455 31.40 20.41 35.97
CA LEU B 455 32.46 19.53 35.51
C LEU B 455 32.26 19.19 34.04
N LEU B 456 33.26 19.54 33.23
CA LEU B 456 33.16 19.33 31.78
C LEU B 456 33.95 18.12 31.34
N ALA B 457 33.33 17.28 30.52
CA ALA B 457 33.97 16.06 30.05
C ALA B 457 33.94 15.94 28.54
N SER B 458 34.97 15.31 27.98
CA SER B 458 35.06 15.08 26.55
C SER B 458 36.10 14.00 26.27
N GLN B 459 35.94 13.39 25.11
CA GLN B 459 36.94 12.56 24.50
C GLN B 459 38.09 13.38 24.00
N ARG B 460 37.79 14.54 23.42
CA ARG B 460 38.83 15.32 22.78
C ARG B 460 38.59 16.80 22.92
N LEU B 461 39.64 17.57 22.72
CA LEU B 461 39.55 18.98 22.90
C LEU B 461 40.58 19.71 22.09
N GLU B 462 40.34 20.98 21.89
CA GLU B 462 41.21 21.83 21.12
C GLU B 462 41.44 23.09 21.91
N GLU B 463 42.53 23.76 21.64
CA GLU B 463 43.06 24.78 22.52
C GLU B 463 41.98 25.80 22.70
N GLY B 464 41.24 26.02 21.64
CA GLY B 464 40.17 26.99 21.70
C GLY B 464 39.09 26.61 22.70
N LYS B 465 38.72 25.34 22.79
CA LYS B 465 37.46 25.13 23.48
C LYS B 465 37.44 25.73 24.89
N LEU B 466 38.62 25.89 25.48
CA LEU B 466 38.72 26.35 26.86
C LEU B 466 38.91 27.87 26.95
N ARG B 467 38.41 28.59 25.95
CA ARG B 467 38.55 30.04 25.93
C ARG B 467 37.70 30.69 27.03
N GLY B 468 38.36 31.42 27.91
CA GLY B 468 37.70 32.07 29.03
C GLY B 468 37.17 31.08 30.06
N LEU B 469 37.60 29.83 29.93
CA LEU B 469 37.17 28.77 30.83
C LEU B 469 38.35 28.17 31.58
N ASP B 470 39.53 28.37 31.02
CA ASP B 470 40.70 27.87 31.69
C ASP B 470 40.72 28.60 33.02
N THR B 471 40.43 29.88 32.97
CA THR B 471 40.47 30.66 34.18
C THR B 471 39.43 30.08 35.11
N HIS B 472 38.27 29.79 34.56
CA HIS B 472 37.17 29.31 35.36
C HIS B 472 37.32 27.95 35.97
N LEU B 473 37.96 27.03 35.28
CA LEU B 473 38.07 25.68 35.79
C LEU B 473 39.30 25.52 36.64
N SER B 474 39.11 25.23 37.92
CA SER B 474 40.23 25.15 38.83
C SER B 474 41.06 23.90 38.67
N TYR B 475 40.41 22.77 38.50
CA TYR B 475 41.13 21.52 38.49
C TYR B 475 40.97 20.77 37.20
N ARG B 476 42.07 20.22 36.72
CA ARG B 476 42.07 19.51 35.47
C ARG B 476 42.37 18.06 35.66
N ILE B 477 41.57 17.19 35.06
CA ILE B 477 41.81 15.77 35.04
C ILE B 477 42.06 15.30 33.61
N GLY B 478 43.19 14.62 33.42
CA GLY B 478 43.53 14.09 32.12
C GLY B 478 43.81 12.61 32.19
N LEU B 479 42.97 11.83 31.53
CA LEU B 479 43.25 10.41 31.33
C LEU B 479 44.12 10.34 30.07
N ARG B 480 44.12 9.20 29.39
CA ARG B 480 44.89 9.10 28.16
C ARG B 480 44.43 10.14 27.15
N THR B 481 45.34 11.05 26.83
CA THR B 481 45.11 12.05 25.82
C THR B 481 45.81 11.64 24.53
N PHE B 482 45.19 11.97 23.39
CA PHE B 482 45.49 11.36 22.09
C PHE B 482 46.87 11.69 21.50
N SER B 483 47.29 12.95 21.59
CA SER B 483 48.61 13.32 21.06
C SER B 483 49.39 14.01 22.18
N ALA B 484 50.14 15.04 21.83
CA ALA B 484 50.98 15.71 22.79
C ALA B 484 50.43 17.08 23.18
N MET B 485 49.60 17.62 22.30
CA MET B 485 49.23 19.03 22.38
C MET B 485 48.06 19.27 23.35
N GLU B 486 47.28 18.23 23.61
CA GLU B 486 46.13 18.33 24.51
C GLU B 486 46.56 18.19 25.96
N SER B 487 47.44 17.24 26.23
CA SER B 487 48.06 17.11 27.56
C SER B 487 48.60 18.47 27.99
N ARG B 488 49.14 19.21 27.04
CA ARG B 488 49.63 20.56 27.30
C ARG B 488 48.51 21.55 27.58
N VAL B 489 47.35 21.36 26.96
CA VAL B 489 46.26 22.33 27.11
C VAL B 489 45.40 22.06 28.34
N VAL B 490 45.36 20.82 28.82
CA VAL B 490 44.61 20.55 30.05
C VAL B 490 45.53 20.50 31.27
N LEU B 491 46.80 20.14 31.07
CA LEU B 491 47.74 20.07 32.19
C LEU B 491 48.83 21.13 32.08
N GLY B 492 49.60 21.07 30.99
CA GLY B 492 50.70 22.01 30.79
C GLY B 492 51.93 21.31 30.26
N VAL B 493 51.96 19.98 30.40
CA VAL B 493 53.08 19.18 29.93
C VAL B 493 52.58 17.97 29.15
N PRO B 494 53.27 17.61 28.06
CA PRO B 494 52.86 16.49 27.19
C PRO B 494 53.05 15.12 27.86
N ASP B 495 52.40 14.92 29.01
CA ASP B 495 52.63 13.70 29.79
C ASP B 495 51.46 12.72 29.75
N ALA B 496 50.25 13.23 29.53
CA ALA B 496 49.06 12.39 29.60
C ALA B 496 48.94 11.44 28.42
N TYR B 497 49.81 11.60 27.43
CA TYR B 497 49.81 10.75 26.25
C TYR B 497 50.42 9.38 26.56
N GLU B 498 51.55 9.38 27.26
CA GLU B 498 52.32 8.17 27.49
C GLU B 498 51.66 7.23 28.51
N LEU B 499 50.42 7.52 28.87
CA LEU B 499 49.67 6.66 29.79
C LEU B 499 49.34 5.31 29.16
N PRO B 500 49.52 4.23 29.94
CA PRO B 500 49.30 2.85 29.51
C PRO B 500 47.91 2.58 28.93
N PRO B 501 47.79 1.55 28.08
CA PRO B 501 46.53 1.15 27.43
C PRO B 501 45.40 0.83 28.41
N SER B 502 45.73 0.46 29.64
CA SER B 502 44.72 0.13 30.63
C SER B 502 43.95 1.37 31.07
N PRO B 503 42.64 1.22 31.34
CA PRO B 503 41.80 2.35 31.78
C PRO B 503 41.96 2.66 33.26
N GLY B 504 41.89 3.94 33.61
CA GLY B 504 42.01 4.36 34.99
C GLY B 504 43.20 5.26 35.24
N ASN B 505 44.27 5.04 34.49
CA ASN B 505 45.48 5.85 34.61
C ASN B 505 45.23 7.29 34.19
N GLY B 506 45.45 8.22 35.12
CA GLY B 506 45.22 9.63 34.84
C GLY B 506 46.07 10.55 35.70
N TYR B 507 46.04 11.84 35.35
CA TYR B 507 46.77 12.85 36.11
C TYR B 507 45.78 13.82 36.76
N LEU B 508 46.29 14.69 37.63
CA LEU B 508 45.45 15.70 38.28
C LEU B 508 46.26 16.95 38.57
N LYS B 509 45.69 18.10 38.22
CA LYS B 509 46.34 19.39 38.44
C LYS B 509 45.40 20.36 39.17
N PHE B 510 45.88 20.92 40.28
CA PHE B 510 45.13 21.92 41.01
C PHE B 510 45.98 23.18 41.21
N ALA B 511 45.63 24.23 40.49
CA ALA B 511 46.32 25.52 40.54
C ALA B 511 47.80 25.39 40.18
N THR B 512 48.67 25.74 41.12
CA THR B 512 50.11 25.79 40.88
C THR B 512 50.82 24.51 41.32
N GLU B 513 50.15 23.74 42.17
CA GLU B 513 50.73 22.52 42.72
C GLU B 513 51.01 21.47 41.62
N PRO B 514 52.07 20.67 41.81
CA PRO B 514 52.50 19.68 40.81
C PRO B 514 51.43 18.63 40.49
N LEU B 515 51.66 17.88 39.41
CA LEU B 515 50.68 16.89 38.95
C LEU B 515 50.63 15.69 39.88
N VAL B 516 49.52 14.95 39.81
CA VAL B 516 49.35 13.76 40.64
C VAL B 516 48.94 12.56 39.79
N ARG B 517 49.91 11.74 39.42
CA ARG B 517 49.64 10.49 38.73
C ARG B 517 48.84 9.57 39.63
N PHE B 518 47.68 9.14 39.16
CA PHE B 518 46.81 8.29 39.98
C PHE B 518 46.16 7.18 39.17
N LYS B 519 45.41 6.35 39.88
CA LYS B 519 44.68 5.22 39.28
C LYS B 519 43.27 5.20 39.82
N ALA B 520 42.31 5.63 38.99
CA ALA B 520 40.92 5.74 39.42
C ALA B 520 40.38 4.42 39.94
N ALA B 521 39.63 4.49 41.04
CA ALA B 521 38.91 3.34 41.56
C ALA B 521 37.78 2.99 40.59
N TYR B 522 37.17 1.84 40.78
CA TYR B 522 36.06 1.47 39.91
C TYR B 522 34.78 1.22 40.70
N VAL B 523 33.67 1.75 40.19
CA VAL B 523 32.37 1.27 40.63
C VAL B 523 32.09 0.01 39.82
N SER B 524 31.82 0.16 38.52
CA SER B 524 31.70 -0.94 37.57
C SER B 524 30.61 -1.95 37.93
N GLY B 525 31.04 -3.17 38.23
CA GLY B 525 30.10 -4.25 38.49
C GLY B 525 30.34 -5.06 39.76
N PRO B 526 31.53 -5.67 39.89
CA PRO B 526 31.59 -6.81 40.82
C PRO B 526 31.94 -6.47 42.27
N VAL B 527 31.22 -7.11 43.19
CA VAL B 527 31.65 -7.19 44.57
C VAL B 527 32.50 -8.46 44.69
N ASP B 528 33.34 -8.54 45.71
CA ASP B 528 34.16 -9.71 45.94
C ASP B 528 34.05 -10.17 47.40
N GLU B 529 34.36 -11.43 47.64
CA GLU B 529 34.30 -11.98 48.99
C GLU B 529 35.35 -13.06 49.20
N GLU B 573 25.57 -10.26 41.89
CA GLU B 573 25.86 -9.04 41.12
C GLU B 573 24.73 -8.02 41.28
N SER B 574 25.04 -6.71 41.29
CA SER B 574 26.39 -6.14 41.15
C SER B 574 26.44 -4.73 41.80
N LEU B 575 27.57 -4.38 42.41
CA LEU B 575 27.69 -3.26 43.38
C LEU B 575 26.88 -1.98 43.11
N PHE B 576 26.83 -1.53 41.87
CA PHE B 576 26.18 -0.28 41.53
C PHE B 576 24.70 -0.47 41.79
N ASP B 577 24.18 -1.58 41.30
CA ASP B 577 22.82 -1.98 41.60
C ASP B 577 22.70 -2.23 43.11
N VAL B 578 23.76 -2.76 43.71
CA VAL B 578 23.78 -3.00 45.14
C VAL B 578 23.73 -1.70 45.94
N VAL B 579 24.52 -0.71 45.51
CA VAL B 579 24.53 0.58 46.19
C VAL B 579 23.24 1.36 45.95
N VAL B 580 22.89 1.55 44.68
CA VAL B 580 21.74 2.36 44.31
C VAL B 580 20.42 1.82 44.87
N ARG B 581 20.28 0.50 44.87
CA ARG B 581 19.07 -0.15 45.38
C ARG B 581 18.75 0.26 46.82
N GLN B 582 19.80 0.39 47.63
CA GLN B 582 19.62 0.72 49.05
C GLN B 582 19.45 2.21 49.26
N LEU B 583 20.06 3.01 48.40
CA LEU B 583 19.97 4.46 48.50
C LEU B 583 18.63 4.98 47.96
N ALA B 584 18.16 4.36 46.89
CA ALA B 584 16.90 4.76 46.27
C ALA B 584 15.72 4.57 47.21
N GLY B 585 14.93 5.63 47.35
CA GLY B 585 13.77 5.58 48.23
C GLY B 585 14.02 6.29 49.54
N HIS B 586 15.23 6.83 49.70
CA HIS B 586 15.61 7.53 50.91
C HIS B 586 15.99 8.98 50.63
N GLY B 587 15.47 9.89 51.44
CA GLY B 587 15.79 11.30 51.31
C GLY B 587 14.73 12.09 50.57
N PRO B 588 14.83 13.42 50.62
CA PRO B 588 13.91 14.35 49.94
C PRO B 588 13.98 14.18 48.43
N GLU B 589 12.84 14.23 47.76
CA GLU B 589 12.84 14.15 46.30
C GLU B 589 13.29 15.47 45.71
N PRO B 590 14.19 15.41 44.72
CA PRO B 590 14.90 16.59 44.19
C PRO B 590 14.01 17.61 43.50
N HIS B 591 14.40 18.87 43.59
CA HIS B 591 13.71 19.93 42.87
C HIS B 591 13.89 19.74 41.37
N GLN B 592 12.78 19.58 40.66
CA GLN B 592 12.82 19.29 39.23
C GLN B 592 13.27 20.49 38.42
N ILE B 593 14.47 20.39 37.86
CA ILE B 593 15.04 21.45 37.05
C ILE B 593 14.70 21.23 35.58
N TRP B 594 14.64 19.97 35.19
CA TRP B 594 14.32 19.59 33.83
C TRP B 594 13.06 18.75 33.77
N LEU B 595 12.01 19.30 33.17
CA LEU B 595 10.77 18.57 32.98
C LEU B 595 10.84 17.80 31.68
N PRO B 596 10.19 16.62 31.63
CA PRO B 596 10.20 15.84 30.39
C PRO B 596 9.61 16.67 29.25
N PRO B 597 10.39 16.88 28.18
CA PRO B 597 9.86 17.69 27.08
C PRO B 597 8.65 17.02 26.48
N LEU B 598 7.53 17.06 27.20
CA LEU B 598 6.33 16.31 26.84
C LEU B 598 5.99 16.42 25.34
N ASP B 599 5.98 15.27 24.67
CA ASP B 599 5.56 15.17 23.28
C ASP B 599 4.31 14.27 23.16
N VAL B 600 3.64 14.04 24.29
CA VAL B 600 2.36 13.33 24.31
C VAL B 600 1.24 14.29 24.74
N PRO B 601 0.24 14.49 23.88
CA PRO B 601 -0.84 15.47 24.09
C PRO B 601 -1.73 15.16 25.29
N PRO B 602 -2.30 16.21 25.90
CA PRO B 602 -3.18 16.03 27.05
C PRO B 602 -4.66 15.89 26.68
N THR B 603 -5.42 15.29 27.58
CA THR B 603 -6.88 15.18 27.46
C THR B 603 -7.51 16.42 28.12
N LEU B 604 -8.68 16.84 27.66
CA LEU B 604 -9.35 18.00 28.24
C LEU B 604 -9.57 17.91 29.75
N ASP B 605 -10.03 16.77 30.25
CA ASP B 605 -10.29 16.66 31.68
C ASP B 605 -9.00 16.47 32.47
N GLU B 606 -7.88 16.39 31.76
CA GLU B 606 -6.58 16.48 32.40
C GLU B 606 -6.28 17.94 32.66
N LEU B 607 -6.72 18.80 31.73
CA LEU B 607 -6.48 20.23 31.80
C LEU B 607 -7.62 20.95 32.49
N LEU B 608 -8.65 20.20 32.87
CA LEU B 608 -9.81 20.76 33.54
C LEU B 608 -10.12 19.98 34.81
N PRO B 609 -10.74 20.65 35.79
CA PRO B 609 -11.23 19.97 36.99
C PRO B 609 -12.20 18.84 36.63
N PRO B 610 -12.39 17.87 37.53
CA PRO B 610 -13.31 16.75 37.26
C PRO B 610 -14.71 17.24 36.94
N LEU B 611 -15.20 16.91 35.75
CA LEU B 611 -16.51 17.39 35.29
C LEU B 611 -17.62 16.42 35.66
N SER B 612 -18.84 16.93 35.74
CA SER B 612 -19.98 16.14 36.15
C SER B 612 -21.29 16.69 35.58
N PRO B 613 -22.24 15.79 35.28
CA PRO B 613 -23.57 16.18 34.80
C PRO B 613 -24.28 17.12 35.77
N SER B 614 -24.37 18.40 35.41
CA SER B 614 -24.97 19.41 36.28
C SER B 614 -26.49 19.27 36.34
N ALA B 615 -27.12 20.19 37.07
CA ALA B 615 -28.57 20.20 37.20
C ALA B 615 -29.21 21.09 36.12
N ALA B 616 -28.46 22.11 35.69
CA ALA B 616 -28.96 23.03 34.68
C ALA B 616 -27.81 23.64 33.88
N HIS B 617 -26.68 22.94 33.83
CA HIS B 617 -25.52 23.44 33.11
C HIS B 617 -24.84 22.34 32.30
N GLY B 618 -25.47 21.17 32.25
CA GLY B 618 -24.93 20.05 31.48
C GLY B 618 -23.64 19.52 32.03
N TYR B 619 -22.96 18.69 31.24
CA TYR B 619 -21.70 18.09 31.67
C TYR B 619 -20.60 19.14 31.73
N THR B 620 -20.50 19.82 32.87
CA THR B 620 -19.52 20.87 33.05
C THR B 620 -18.93 20.85 34.45
N ALA B 621 -17.80 21.51 34.64
CA ALA B 621 -17.19 21.64 35.96
C ALA B 621 -18.09 22.48 36.87
N ASP B 622 -19.07 21.82 37.47
CA ASP B 622 -20.10 22.50 38.26
C ASP B 622 -19.53 23.37 39.37
N GLY B 623 -20.06 24.58 39.48
CA GLY B 623 -19.70 25.48 40.57
C GLY B 623 -18.42 26.27 40.37
N TRP B 624 -17.64 25.90 39.36
CA TRP B 624 -16.36 26.55 39.10
C TRP B 624 -16.54 28.03 38.79
N GLU B 625 -15.56 28.84 39.18
CA GLU B 625 -15.63 30.29 39.00
C GLU B 625 -15.27 30.70 37.58
N TRP B 626 -14.46 29.89 36.91
CA TRP B 626 -14.07 30.17 35.53
C TRP B 626 -14.95 29.43 34.54
N ARG B 627 -16.17 29.11 34.97
CA ARG B 627 -17.12 28.45 34.09
C ARG B 627 -18.11 29.49 33.56
N GLY B 628 -18.32 29.49 32.24
CA GLY B 628 -19.21 30.45 31.63
C GLY B 628 -18.61 31.83 31.59
N ARG B 629 -17.29 31.90 31.42
CA ARG B 629 -16.62 33.18 31.31
C ARG B 629 -15.89 33.31 29.97
N LEU B 630 -16.34 32.52 29.01
CA LEU B 630 -15.79 32.52 27.66
C LEU B 630 -14.29 32.27 27.63
N HIS B 631 -13.81 31.44 28.55
CA HIS B 631 -12.43 31.02 28.55
C HIS B 631 -12.35 29.54 28.23
N ALA B 632 -11.32 29.15 27.47
CA ALA B 632 -11.21 27.76 27.02
C ALA B 632 -9.76 27.30 26.98
N VAL B 633 -9.54 26.05 27.37
CA VAL B 633 -8.22 25.44 27.28
C VAL B 633 -7.93 25.01 25.85
N VAL B 634 -6.65 25.01 25.50
CA VAL B 634 -6.23 24.62 24.16
C VAL B 634 -5.20 23.50 24.25
N GLY B 635 -4.30 23.61 25.22
CA GLY B 635 -3.30 22.60 25.46
C GLY B 635 -2.35 22.94 26.59
N LEU B 636 -1.06 22.86 26.31
CA LEU B 636 -0.06 23.08 27.33
C LEU B 636 1.14 23.83 26.78
N VAL B 637 1.55 24.91 27.45
CA VAL B 637 2.67 25.73 26.98
C VAL B 637 3.99 25.28 27.60
N ASP B 638 5.03 25.18 26.77
CA ASP B 638 6.30 24.68 27.27
C ASP B 638 7.26 25.75 27.73
N ARG B 639 7.42 25.76 29.03
CA ARG B 639 8.57 26.23 29.74
C ARG B 639 9.94 25.91 29.16
N PRO B 640 10.76 26.96 28.94
CA PRO B 640 12.20 26.78 29.15
C PRO B 640 12.85 27.64 30.26
N PHE B 641 12.25 28.75 30.72
CA PHE B 641 12.84 29.57 31.81
C PHE B 641 12.36 29.41 33.26
N ASP B 642 11.05 29.28 33.48
CA ASP B 642 10.40 29.32 34.82
C ASP B 642 10.08 27.97 35.52
N GLN B 643 10.75 26.89 35.12
CA GLN B 643 10.53 25.48 35.54
C GLN B 643 9.11 24.98 35.91
N ARG B 644 8.19 24.95 34.94
CA ARG B 644 6.83 24.42 35.17
C ARG B 644 6.05 24.18 33.87
N ARG B 645 4.88 23.55 33.93
CA ARG B 645 4.04 23.47 32.73
C ARG B 645 2.80 24.34 32.86
N ASP B 646 2.55 25.20 31.88
CA ASP B 646 1.39 26.08 31.91
C ASP B 646 0.42 25.79 30.77
N PRO B 647 -0.86 25.56 31.12
CA PRO B 647 -1.90 25.31 30.11
C PRO B 647 -2.23 26.56 29.30
N TYR B 648 -2.24 26.43 27.98
CA TYR B 648 -2.64 27.55 27.12
C TYR B 648 -4.10 27.85 27.34
N TRP B 649 -4.40 29.07 27.81
CA TRP B 649 -5.78 29.50 28.01
C TRP B 649 -6.15 30.56 26.99
N LEU B 650 -7.44 30.70 26.73
CA LEU B 650 -7.92 31.67 25.77
C LEU B 650 -9.00 32.57 26.37
N ASP B 651 -8.79 33.88 26.26
CA ASP B 651 -9.74 34.85 26.77
C ASP B 651 -10.55 35.45 25.63
N LEU B 652 -11.73 34.89 25.39
CA LEU B 652 -12.58 35.34 24.30
C LEU B 652 -13.72 36.19 24.81
N SER B 653 -13.54 36.76 26.00
CA SER B 653 -14.55 37.62 26.60
C SER B 653 -14.76 38.89 25.79
N GLY B 654 -13.69 39.36 25.17
CA GLY B 654 -13.74 40.55 24.33
C GLY B 654 -12.42 40.78 23.63
N GLY B 655 -12.42 41.64 22.63
CA GLY B 655 -11.20 42.01 21.93
C GLY B 655 -10.49 40.87 21.22
N ALA B 656 -10.19 39.81 21.96
CA ALA B 656 -9.51 38.65 21.41
C ALA B 656 -10.50 37.58 20.99
N GLY B 657 -11.78 37.95 20.90
CA GLY B 657 -12.84 37.01 20.62
C GLY B 657 -12.74 36.29 19.28
N HIS B 658 -11.95 36.83 18.36
CA HIS B 658 -11.76 36.21 17.06
C HIS B 658 -10.52 35.32 17.05
N VAL B 659 -10.69 34.07 16.63
CA VAL B 659 -9.61 33.10 16.62
C VAL B 659 -9.12 32.82 15.20
N GLY B 660 -7.80 32.74 15.03
CA GLY B 660 -7.22 32.48 13.72
C GLY B 660 -6.13 31.44 13.77
N VAL B 661 -6.38 30.28 13.15
CA VAL B 661 -5.43 29.18 13.17
C VAL B 661 -4.70 29.06 11.82
N ALA B 662 -3.43 28.65 11.86
CA ALA B 662 -2.67 28.43 10.64
C ALA B 662 -1.80 27.19 10.77
N GLY B 663 -1.04 26.89 9.72
CA GLY B 663 -0.17 25.74 9.71
C GLY B 663 -0.30 24.92 8.44
N GLY B 664 0.77 24.22 8.07
CA GLY B 664 0.77 23.42 6.86
C GLY B 664 -0.07 22.16 6.95
N PRO B 665 0.13 21.23 5.99
CA PRO B 665 -0.62 19.97 5.89
C PRO B 665 -0.51 19.09 7.13
N GLN B 666 -1.66 18.63 7.63
CA GLN B 666 -1.75 17.79 8.82
C GLN B 666 -0.84 18.24 9.94
N THR B 667 -1.02 19.48 10.40
CA THR B 667 -0.21 20.01 11.48
C THR B 667 -1.03 20.16 12.75
N GLY B 668 -2.29 19.73 12.69
CA GLY B 668 -3.16 19.76 13.87
C GLY B 668 -4.22 20.83 13.84
N LYS B 669 -4.49 21.37 12.65
CA LYS B 669 -5.45 22.46 12.50
C LYS B 669 -6.88 22.03 12.80
N SER B 670 -7.35 21.01 12.09
CA SER B 670 -8.71 20.53 12.25
C SER B 670 -8.94 19.94 13.64
N THR B 671 -7.88 19.43 14.25
CA THR B 671 -7.96 18.87 15.59
C THR B 671 -8.04 20.00 16.62
N MET B 672 -7.31 21.08 16.35
CA MET B 672 -7.35 22.27 17.20
C MET B 672 -8.77 22.82 17.28
N LEU B 673 -9.40 22.97 16.11
CA LEU B 673 -10.75 23.51 16.02
C LEU B 673 -11.74 22.67 16.81
N ARG B 674 -11.49 21.37 16.88
CA ARG B 674 -12.35 20.47 17.64
C ARG B 674 -12.14 20.64 19.14
N THR B 675 -10.89 20.87 19.53
CA THR B 675 -10.55 21.09 20.93
C THR B 675 -11.19 22.36 21.47
N LEU B 676 -11.12 23.42 20.68
CA LEU B 676 -11.67 24.71 21.09
C LEU B 676 -13.17 24.65 21.29
N ILE B 677 -13.86 23.96 20.39
CA ILE B 677 -15.31 23.83 20.46
C ILE B 677 -15.71 22.95 21.64
N THR B 678 -15.03 21.82 21.80
CA THR B 678 -15.30 20.90 22.89
C THR B 678 -15.03 21.56 24.25
N SER B 679 -13.92 22.30 24.33
CA SER B 679 -13.55 22.99 25.56
C SER B 679 -14.61 24.00 25.96
N LEU B 680 -15.02 24.83 25.00
CA LEU B 680 -16.03 25.85 25.26
C LEU B 680 -17.37 25.22 25.63
N ALA B 681 -17.66 24.05 25.07
CA ALA B 681 -18.89 23.34 25.37
C ALA B 681 -18.85 22.73 26.76
N LEU B 682 -17.65 22.41 27.23
CA LEU B 682 -17.46 21.83 28.55
C LEU B 682 -17.55 22.87 29.66
N LEU B 683 -17.53 24.15 29.27
CA LEU B 683 -17.55 25.24 30.23
C LEU B 683 -18.76 26.13 30.05
N HIS B 684 -19.59 25.81 29.06
CA HIS B 684 -20.79 26.60 28.78
C HIS B 684 -21.98 25.72 28.45
N THR B 685 -23.18 26.27 28.63
CA THR B 685 -24.39 25.59 28.22
C THR B 685 -24.70 25.94 26.78
N PRO B 686 -25.46 25.08 26.07
CA PRO B 686 -25.85 25.35 24.69
C PRO B 686 -26.59 26.69 24.50
N GLN B 687 -27.17 27.21 25.58
CA GLN B 687 -27.85 28.50 25.52
C GLN B 687 -26.85 29.67 25.61
N GLU B 688 -25.63 29.36 26.03
CA GLU B 688 -24.62 30.40 26.22
C GLU B 688 -23.73 30.57 25.01
N VAL B 689 -23.43 29.46 24.33
CA VAL B 689 -22.65 29.51 23.11
C VAL B 689 -23.30 28.68 22.00
N GLN B 690 -23.08 29.09 20.76
CA GLN B 690 -23.58 28.35 19.61
C GLN B 690 -22.51 28.28 18.52
N PHE B 691 -22.45 27.14 17.83
CA PHE B 691 -21.44 26.93 16.80
C PHE B 691 -22.07 26.64 15.45
N TYR B 692 -21.50 27.23 14.40
CA TYR B 692 -21.96 27.01 13.04
C TYR B 692 -20.75 26.91 12.12
N CYS B 693 -20.49 25.70 11.63
CA CYS B 693 -19.20 25.40 11.01
C CYS B 693 -19.25 25.25 9.50
N LEU B 694 -18.18 25.68 8.85
CA LEU B 694 -18.00 25.52 7.41
C LEU B 694 -16.73 24.72 7.15
N ASP B 695 -16.86 23.40 7.12
CA ASP B 695 -15.69 22.53 6.99
C ASP B 695 -15.19 22.41 5.55
N PHE B 696 -13.91 22.66 5.36
CA PHE B 696 -13.26 22.51 4.06
C PHE B 696 -11.93 21.78 4.19
N GLY B 697 -11.81 20.95 5.22
CA GLY B 697 -10.58 20.21 5.47
C GLY B 697 -10.81 18.94 6.26
N GLY B 698 -10.81 17.81 5.56
CA GLY B 698 -10.96 16.52 6.21
C GLY B 698 -12.41 16.12 6.44
N GLY B 699 -13.25 17.11 6.76
CA GLY B 699 -14.65 16.84 7.04
C GLY B 699 -14.85 16.33 8.46
N THR B 700 -13.77 16.39 9.25
CA THR B 700 -13.77 15.81 10.59
C THR B 700 -14.61 16.59 11.59
N LEU B 701 -15.01 17.81 11.23
CA LEU B 701 -15.84 18.62 12.11
C LEU B 701 -17.22 18.02 12.28
N ALA B 702 -17.60 17.14 11.37
CA ALA B 702 -18.92 16.52 11.37
C ALA B 702 -19.13 15.61 12.59
N GLY B 703 -18.03 15.21 13.23
CA GLY B 703 -18.12 14.34 14.39
C GLY B 703 -18.78 15.01 15.57
N LEU B 704 -18.72 16.33 15.61
CA LEU B 704 -19.27 17.10 16.72
C LEU B 704 -20.68 17.61 16.42
N ALA B 705 -21.24 17.17 15.30
CA ALA B 705 -22.50 17.71 14.81
C ALA B 705 -23.69 17.42 15.72
N GLU B 706 -23.55 16.42 16.59
CA GLU B 706 -24.65 16.04 17.48
C GLU B 706 -24.56 16.74 18.83
N LEU B 707 -23.50 17.52 19.01
CA LEU B 707 -23.38 18.37 20.18
C LEU B 707 -24.55 19.35 20.21
N PRO B 708 -25.15 19.54 21.39
CA PRO B 708 -26.26 20.50 21.51
C PRO B 708 -25.80 21.93 21.34
N HIS B 709 -24.49 22.14 21.24
CA HIS B 709 -23.92 23.47 21.08
C HIS B 709 -23.82 23.88 19.62
N VAL B 710 -23.71 22.90 18.72
CA VAL B 710 -23.65 23.19 17.30
C VAL B 710 -25.04 23.14 16.69
N GLY B 711 -25.27 23.96 15.67
CA GLY B 711 -26.56 24.02 15.01
C GLY B 711 -26.47 23.57 13.57
N SER B 712 -25.28 23.66 12.99
CA SER B 712 -25.08 23.30 11.60
C SER B 712 -23.63 23.04 11.25
N VAL B 713 -23.40 21.98 10.47
CA VAL B 713 -22.08 21.71 9.90
C VAL B 713 -22.22 21.47 8.40
N ALA B 714 -21.71 22.40 7.60
CA ALA B 714 -21.79 22.29 6.16
C ALA B 714 -20.52 21.68 5.59
N THR B 715 -20.68 20.75 4.65
CA THR B 715 -19.53 20.13 3.98
C THR B 715 -19.22 20.89 2.70
N ARG B 716 -18.15 20.50 2.02
CA ARG B 716 -17.70 21.20 0.83
C ARG B 716 -18.74 21.12 -0.30
N LEU B 717 -19.46 20.01 -0.37
CA LEU B 717 -20.44 19.80 -1.42
C LEU B 717 -21.74 20.59 -1.18
N ASP B 718 -22.23 20.56 0.05
CA ASP B 718 -23.46 21.27 0.39
C ASP B 718 -23.21 22.77 0.37
N ALA B 719 -23.59 23.41 -0.74
CA ALA B 719 -23.37 24.84 -0.89
C ALA B 719 -24.60 25.65 -0.46
N ASP B 720 -25.74 24.98 -0.33
CA ASP B 720 -26.95 25.66 0.09
C ASP B 720 -26.91 25.98 1.58
N ARG B 721 -26.31 25.08 2.36
CA ARG B 721 -26.20 25.27 3.80
C ARG B 721 -25.08 26.25 4.11
N ILE B 722 -24.08 26.30 3.22
CA ILE B 722 -22.96 27.22 3.37
C ILE B 722 -23.43 28.67 3.29
N ARG B 723 -24.10 29.01 2.19
CA ARG B 723 -24.54 30.37 1.96
C ARG B 723 -25.63 30.81 2.94
N ARG B 724 -26.41 29.85 3.43
CA ARG B 724 -27.46 30.16 4.39
C ARG B 724 -26.89 30.34 5.80
N THR B 725 -25.79 29.64 6.08
CA THR B 725 -25.14 29.75 7.38
C THR B 725 -24.64 31.16 7.62
N VAL B 726 -23.79 31.64 6.73
CA VAL B 726 -23.28 33.01 6.78
C VAL B 726 -24.41 34.03 6.82
N ALA B 727 -25.41 33.82 5.97
CA ALA B 727 -26.55 34.73 5.89
C ALA B 727 -27.38 34.73 7.16
N GLU B 728 -27.35 33.61 7.89
CA GLU B 728 -28.10 33.48 9.13
C GLU B 728 -27.45 34.31 10.23
N VAL B 729 -26.12 34.29 10.28
CA VAL B 729 -25.38 35.04 11.29
C VAL B 729 -25.52 36.54 11.06
N SER B 730 -25.41 36.96 9.80
CA SER B 730 -25.54 38.36 9.44
C SER B 730 -26.89 38.91 9.85
N ALA B 731 -27.92 38.08 9.76
CA ALA B 731 -29.27 38.46 10.16
C ALA B 731 -29.33 38.72 11.66
N LEU B 732 -28.49 38.01 12.42
CA LEU B 732 -28.43 38.16 13.86
C LEU B 732 -27.62 39.40 14.23
N LEU B 733 -26.52 39.60 13.53
CA LEU B 733 -25.68 40.78 13.74
C LEU B 733 -26.48 42.05 13.49
N GLU B 734 -27.17 42.11 12.36
CA GLU B 734 -27.98 43.26 12.01
C GLU B 734 -29.13 43.45 13.00
N GLN B 735 -29.64 42.35 13.52
CA GLN B 735 -30.71 42.39 14.51
C GLN B 735 -30.22 42.99 15.82
N ARG B 736 -29.09 42.49 16.30
CA ARG B 736 -28.52 42.94 17.56
C ARG B 736 -28.02 44.38 17.47
N GLU B 737 -27.52 44.76 16.30
CA GLU B 737 -27.03 46.12 16.09
C GLU B 737 -28.10 47.17 16.37
N GLN B 738 -29.36 46.78 16.25
CA GLN B 738 -30.47 47.69 16.49
C GLN B 738 -31.15 47.41 17.82
N GLU B 739 -31.40 46.13 18.10
CA GLU B 739 -32.12 45.75 19.32
C GLU B 739 -31.37 46.09 20.59
N PHE B 740 -30.04 46.01 20.55
CA PHE B 740 -29.22 46.37 21.70
C PHE B 740 -29.43 47.84 22.05
N THR B 741 -29.42 48.70 21.03
CA THR B 741 -29.65 50.12 21.23
C THR B 741 -31.07 50.37 21.72
N GLU B 742 -32.03 49.59 21.22
CA GLU B 742 -33.42 49.74 21.61
C GLU B 742 -33.62 49.37 23.07
N ARG B 743 -32.95 48.31 23.52
CA ARG B 743 -32.96 47.93 24.92
C ARG B 743 -31.88 48.70 25.67
N GLY B 744 -31.70 48.39 26.95
CA GLY B 744 -30.68 49.04 27.75
C GLY B 744 -29.38 48.26 27.73
N ILE B 745 -29.01 47.78 26.55
CA ILE B 745 -27.81 46.96 26.41
C ILE B 745 -26.65 47.76 25.82
N ASP B 746 -25.62 47.96 26.63
CA ASP B 746 -24.48 48.79 26.25
C ASP B 746 -23.36 47.98 25.61
N SER B 747 -23.22 46.73 26.04
CA SER B 747 -22.18 45.85 25.51
C SER B 747 -22.63 44.40 25.55
N MET B 748 -21.86 43.53 24.91
CA MET B 748 -22.16 42.11 24.91
C MET B 748 -22.04 41.53 26.32
N ALA B 749 -21.16 42.12 27.11
CA ALA B 749 -20.98 41.71 28.50
C ALA B 749 -22.25 41.94 29.30
N THR B 750 -22.92 43.05 29.03
CA THR B 750 -24.19 43.37 29.68
C THR B 750 -25.26 42.36 29.27
N TYR B 751 -25.23 41.97 28.01
CA TYR B 751 -26.18 41.00 27.48
C TYR B 751 -26.00 39.64 28.13
N ARG B 752 -24.75 39.16 28.14
CA ARG B 752 -24.43 37.87 28.74
C ARG B 752 -24.86 37.79 30.20
N ARG B 753 -24.68 38.90 30.90
CA ARG B 753 -25.04 38.98 32.32
C ARG B 753 -26.55 39.02 32.49
N LEU B 754 -27.24 39.55 31.49
CA LEU B 754 -28.70 39.62 31.51
C LEU B 754 -29.32 38.24 31.34
N ARG B 755 -28.74 37.42 30.48
CA ARG B 755 -29.25 36.08 30.24
C ARG B 755 -28.86 35.12 31.36
N ALA B 756 -27.87 35.53 32.15
CA ALA B 756 -27.43 34.73 33.29
C ALA B 756 -28.50 34.68 34.37
N THR B 757 -29.35 35.71 34.39
CA THR B 757 -30.43 35.79 35.36
C THR B 757 -31.46 34.69 35.13
N GLY B 758 -31.50 34.17 33.90
CA GLY B 758 -32.41 33.10 33.57
C GLY B 758 -33.85 33.57 33.42
N GLU B 759 -34.02 34.88 33.32
CA GLU B 759 -35.35 35.46 33.13
C GLU B 759 -35.35 36.43 31.95
N TYR B 760 -34.37 36.28 31.07
CA TYR B 760 -34.26 37.13 29.89
C TYR B 760 -33.95 36.28 28.66
N ALA B 761 -34.87 36.29 27.70
CA ALA B 761 -34.71 35.51 26.48
C ALA B 761 -33.80 36.21 25.49
N GLY B 762 -34.10 37.48 25.20
CA GLY B 762 -33.29 38.26 24.30
C GLY B 762 -33.57 37.97 22.84
N ASP B 763 -32.59 37.38 22.16
CA ASP B 763 -32.75 37.04 20.75
C ASP B 763 -32.56 35.54 20.51
N GLY B 764 -32.64 34.75 21.57
CA GLY B 764 -32.57 33.31 21.46
C GLY B 764 -31.16 32.75 21.36
N PHE B 765 -30.20 33.62 21.04
CA PHE B 765 -28.81 33.20 20.93
C PHE B 765 -27.96 33.68 22.10
N GLY B 766 -26.70 33.25 22.12
CA GLY B 766 -25.73 33.74 23.08
C GLY B 766 -24.50 34.23 22.33
N ASP B 767 -23.39 33.53 22.50
CA ASP B 767 -22.18 33.84 21.74
C ASP B 767 -22.06 32.90 20.55
N VAL B 768 -22.24 33.45 19.35
CA VAL B 768 -22.24 32.65 18.13
C VAL B 768 -20.83 32.55 17.55
N PHE B 769 -20.45 31.32 17.19
CA PHE B 769 -19.13 31.08 16.63
C PHE B 769 -19.20 30.50 15.23
N LEU B 770 -18.73 31.28 14.26
CA LEU B 770 -18.69 30.83 12.87
C LEU B 770 -17.33 30.25 12.53
N VAL B 771 -17.27 28.93 12.35
CA VAL B 771 -16.01 28.24 12.13
C VAL B 771 -15.77 27.92 10.66
N VAL B 772 -14.56 28.17 10.19
CA VAL B 772 -14.18 27.87 8.81
C VAL B 772 -12.87 27.09 8.79
N ASP B 773 -12.94 25.83 8.34
CA ASP B 773 -11.78 24.94 8.40
C ASP B 773 -10.70 25.28 7.39
N ASN B 774 -11.09 25.85 6.25
CA ASN B 774 -10.12 26.28 5.25
C ASN B 774 -10.56 27.56 4.56
N TRP B 775 -9.92 28.66 4.94
CA TRP B 775 -10.27 29.97 4.41
C TRP B 775 -9.89 30.11 2.95
N LEU B 776 -8.85 29.41 2.54
CA LEU B 776 -8.40 29.45 1.15
C LEU B 776 -9.45 28.85 0.22
N THR B 777 -10.02 27.73 0.64
CA THR B 777 -11.06 27.07 -0.14
C THR B 777 -12.31 27.95 -0.22
N LEU B 778 -12.58 28.69 0.85
CA LEU B 778 -13.77 29.54 0.89
C LEU B 778 -13.62 30.77 0.00
N ARG B 779 -12.45 31.40 0.03
CA ARG B 779 -12.25 32.62 -0.75
C ARG B 779 -11.95 32.30 -2.22
N GLN B 780 -12.02 31.03 -2.57
CA GLN B 780 -11.88 30.60 -3.96
C GLN B 780 -13.23 30.17 -4.52
N ASP B 781 -13.90 29.27 -3.80
CA ASP B 781 -15.17 28.72 -4.23
C ASP B 781 -16.33 29.67 -3.97
N TYR B 782 -16.25 30.40 -2.86
CA TYR B 782 -17.32 31.32 -2.47
C TYR B 782 -16.78 32.71 -2.19
N GLU B 783 -16.24 33.35 -3.23
CA GLU B 783 -15.63 34.67 -3.11
C GLU B 783 -16.57 35.69 -2.48
N ALA B 784 -17.87 35.56 -2.77
CA ALA B 784 -18.88 36.45 -2.23
C ALA B 784 -18.94 36.39 -0.71
N LEU B 785 -18.48 35.27 -0.15
CA LEU B 785 -18.53 35.06 1.29
C LEU B 785 -17.26 35.51 1.98
N GLU B 786 -16.24 35.85 1.19
CA GLU B 786 -14.98 36.32 1.74
C GLU B 786 -15.17 37.66 2.45
N ASP B 787 -15.65 38.65 1.72
CA ASP B 787 -15.90 39.96 2.29
C ASP B 787 -17.25 40.02 2.99
N SER B 788 -17.95 38.89 3.02
CA SER B 788 -19.20 38.78 3.76
C SER B 788 -18.92 38.45 5.21
N ILE B 789 -18.08 37.43 5.42
CA ILE B 789 -17.67 37.03 6.75
C ILE B 789 -16.72 38.08 7.32
N THR B 790 -15.93 38.69 6.45
CA THR B 790 -15.03 39.77 6.86
C THR B 790 -15.79 40.88 7.57
N GLN B 791 -16.96 41.23 7.03
CA GLN B 791 -17.81 42.26 7.64
C GLN B 791 -18.33 41.81 8.99
N LEU B 792 -18.50 40.51 9.17
CA LEU B 792 -18.92 39.96 10.45
C LEU B 792 -17.83 40.17 11.49
N ALA B 793 -16.59 39.88 11.09
CA ALA B 793 -15.45 39.97 11.99
C ALA B 793 -15.19 41.41 12.41
N ALA B 794 -15.54 42.36 11.56
CA ALA B 794 -15.24 43.77 11.79
C ALA B 794 -16.25 44.45 12.70
N ARG B 795 -17.38 43.80 12.94
CA ARG B 795 -18.44 44.42 13.74
C ARG B 795 -19.07 43.45 14.74
N GLY B 796 -18.68 42.19 14.66
CA GLY B 796 -19.33 41.15 15.45
C GLY B 796 -19.01 41.12 16.93
N LEU B 797 -17.76 41.40 17.28
CA LEU B 797 -17.29 41.27 18.66
C LEU B 797 -18.09 42.09 19.65
N GLY B 798 -18.46 43.31 19.27
CA GLY B 798 -19.25 44.17 20.14
C GLY B 798 -20.66 43.64 20.35
N TYR B 799 -21.05 42.67 19.53
CA TYR B 799 -22.42 42.15 19.58
C TYR B 799 -22.48 40.64 19.77
N GLY B 800 -21.33 40.04 20.11
CA GLY B 800 -21.30 38.64 20.47
C GLY B 800 -21.22 37.68 19.29
N ILE B 801 -20.64 38.13 18.19
CA ILE B 801 -20.44 37.27 17.04
C ILE B 801 -18.95 37.06 16.83
N HIS B 802 -18.49 35.82 17.04
CA HIS B 802 -17.08 35.50 16.91
C HIS B 802 -16.83 34.70 15.63
N VAL B 803 -15.69 34.95 14.99
CA VAL B 803 -15.28 34.14 13.86
C VAL B 803 -14.07 33.29 14.25
N VAL B 804 -14.07 32.04 13.79
CA VAL B 804 -12.97 31.13 14.06
C VAL B 804 -12.48 30.55 12.74
N LEU B 805 -11.40 31.11 12.22
CA LEU B 805 -10.96 30.78 10.87
C LEU B 805 -9.64 30.02 10.85
N SER B 806 -9.41 29.29 9.77
CA SER B 806 -8.19 28.51 9.63
C SER B 806 -7.76 28.40 8.17
N SER B 807 -6.46 28.20 7.95
CA SER B 807 -5.91 28.06 6.61
C SER B 807 -4.52 27.45 6.68
N ASN B 808 -3.90 27.26 5.53
CA ASN B 808 -2.56 26.70 5.49
C ASN B 808 -1.49 27.75 5.73
N LYS B 809 -1.77 28.99 5.32
CA LYS B 809 -0.84 30.09 5.50
C LYS B 809 -1.53 31.30 6.09
N TRP B 810 -0.74 32.29 6.51
CA TRP B 810 -1.29 33.56 6.96
C TRP B 810 -1.53 34.48 5.78
N SER B 811 -0.76 34.25 4.71
CA SER B 811 -0.88 35.06 3.50
C SER B 811 -2.20 34.77 2.78
N GLU B 812 -2.80 33.63 3.09
CA GLU B 812 -4.07 33.25 2.50
C GLU B 812 -5.23 33.98 3.16
N PHE B 813 -4.92 34.68 4.25
CA PHE B 813 -5.86 35.62 4.86
C PHE B 813 -5.62 37.00 4.28
N ARG B 814 -6.68 37.66 3.83
CA ARG B 814 -6.57 39.02 3.33
C ARG B 814 -6.14 39.95 4.45
N THR B 815 -5.45 41.04 4.08
CA THR B 815 -4.95 42.00 5.05
C THR B 815 -6.06 42.57 5.92
N SER B 816 -7.24 42.72 5.33
CA SER B 816 -8.37 43.33 6.01
C SER B 816 -8.87 42.49 7.19
N ILE B 817 -8.82 41.17 7.05
CA ILE B 817 -9.38 40.29 8.07
C ILE B 817 -8.31 39.67 8.96
N ARG B 818 -7.07 39.65 8.50
CA ARG B 818 -5.98 39.07 9.27
C ARG B 818 -5.76 39.87 10.55
N ASP B 819 -5.92 41.18 10.47
CA ASP B 819 -5.71 42.07 11.60
C ASP B 819 -6.88 42.03 12.58
N LEU B 820 -7.98 41.39 12.17
CA LEU B 820 -9.15 41.28 13.02
C LEU B 820 -9.08 40.04 13.90
N LEU B 821 -8.21 39.11 13.52
CA LEU B 821 -8.01 37.89 14.29
C LEU B 821 -7.14 38.17 15.51
N GLY B 822 -7.78 38.53 16.61
CA GLY B 822 -7.07 38.83 17.84
C GLY B 822 -6.30 37.64 18.38
N THR B 823 -6.97 36.50 18.44
CA THR B 823 -6.34 35.27 18.92
C THR B 823 -5.78 34.46 17.76
N LYS B 824 -4.46 34.48 17.60
CA LYS B 824 -3.83 33.72 16.53
C LYS B 824 -3.11 32.50 17.07
N LEU B 825 -3.63 31.32 16.75
CA LEU B 825 -3.02 30.07 17.17
C LEU B 825 -2.20 29.46 16.04
N GLU B 826 -0.94 29.89 15.97
CA GLU B 826 -0.04 29.45 14.90
C GLU B 826 0.57 28.08 15.19
N LEU B 827 0.60 27.22 14.17
CA LEU B 827 1.24 25.92 14.29
C LEU B 827 2.42 25.83 13.35
N ARG B 828 2.94 24.63 13.14
CA ARG B 828 4.06 24.43 12.22
C ARG B 828 3.67 24.81 10.80
N LEU B 829 4.43 25.71 10.21
CA LEU B 829 4.16 26.14 8.84
C LEU B 829 5.43 26.17 8.01
N GLY B 830 5.31 25.75 6.75
CA GLY B 830 6.42 25.81 5.82
C GLY B 830 6.82 27.26 5.60
N ASP B 831 8.12 27.49 5.40
CA ASP B 831 8.67 28.84 5.33
C ASP B 831 8.27 29.64 6.56
N PRO B 832 8.99 29.43 7.68
CA PRO B 832 8.71 30.04 8.98
C PRO B 832 8.69 31.57 8.95
N TYR B 833 9.24 32.16 7.90
CA TYR B 833 9.13 33.60 7.69
C TYR B 833 7.65 33.96 7.51
N GLU B 834 7.32 35.25 7.67
CA GLU B 834 5.93 35.72 7.69
C GLU B 834 5.14 35.09 8.82
N SER B 835 5.83 34.74 9.90
CA SER B 835 5.18 34.21 11.08
C SER B 835 4.59 35.34 11.90
N GLU B 836 3.55 35.04 12.66
CA GLU B 836 2.88 36.06 13.46
C GLU B 836 3.45 36.14 14.87
N VAL B 837 4.59 35.47 15.08
CA VAL B 837 5.29 35.53 16.36
C VAL B 837 6.74 35.98 16.15
N ASP B 838 7.61 35.04 15.83
CA ASP B 838 9.01 35.34 15.55
C ASP B 838 9.58 34.38 14.51
N ARG B 839 10.19 34.95 13.47
CA ARG B 839 10.68 34.20 12.32
C ARG B 839 11.62 33.05 12.71
N LYS B 840 12.64 33.35 13.49
CA LYS B 840 13.64 32.37 13.88
C LYS B 840 13.05 31.27 14.76
N LYS B 841 12.22 31.67 15.73
CA LYS B 841 11.61 30.73 16.65
C LYS B 841 10.59 29.86 15.95
N ALA B 842 10.02 30.38 14.86
CA ALA B 842 9.03 29.64 14.07
C ALA B 842 9.71 28.60 13.18
N ALA B 843 11.04 28.63 13.14
CA ALA B 843 11.79 27.66 12.35
C ALA B 843 12.18 26.47 13.21
N ASN B 844 12.33 26.70 14.51
CA ASN B 844 12.75 25.67 15.44
C ASN B 844 11.62 24.71 15.84
N VAL B 845 10.42 24.97 15.34
CA VAL B 845 9.28 24.12 15.67
C VAL B 845 9.28 22.91 14.73
N PRO B 846 9.01 21.72 15.28
CA PRO B 846 9.29 20.45 14.62
C PRO B 846 8.45 20.19 13.38
N GLU B 847 9.08 19.60 12.36
CA GLU B 847 8.36 19.08 11.22
C GLU B 847 7.90 17.66 11.55
N ASN B 848 6.84 17.22 10.89
CA ASN B 848 6.33 15.85 11.02
C ASN B 848 5.91 15.46 12.44
N ARG B 849 5.49 16.43 13.24
CA ARG B 849 4.91 16.12 14.54
C ARG B 849 3.61 16.90 14.74
N PRO B 850 2.50 16.16 14.89
CA PRO B 850 1.15 16.68 14.71
C PRO B 850 0.58 17.49 15.87
N GLY B 851 0.32 18.74 15.56
CA GLY B 851 -0.42 19.58 16.45
C GLY B 851 0.44 20.47 17.29
N ARG B 852 1.37 21.25 16.69
CA ARG B 852 2.04 22.33 17.44
C ARG B 852 2.84 23.45 16.76
N GLY B 853 2.68 24.64 17.36
CA GLY B 853 3.47 25.83 17.08
C GLY B 853 3.80 26.72 18.29
N LEU B 854 3.61 28.03 18.12
CA LEU B 854 4.05 29.02 19.12
C LEU B 854 2.88 29.65 19.89
N THR B 855 3.20 30.51 20.85
CA THR B 855 2.17 31.25 21.59
C THR B 855 2.23 32.73 21.20
N ARG B 856 1.38 33.53 21.82
CA ARG B 856 1.40 34.97 21.59
C ARG B 856 2.66 35.57 22.22
N ASP B 857 3.10 34.98 23.32
CA ASP B 857 4.25 35.47 24.06
C ASP B 857 5.56 35.15 23.34
N GLY B 858 5.58 34.04 22.64
CA GLY B 858 6.77 33.60 21.94
C GLY B 858 7.29 32.30 22.52
N TYR B 859 6.38 31.42 22.90
CA TYR B 859 6.75 30.15 23.50
C TYR B 859 6.51 28.99 22.56
N HIS B 860 6.52 27.80 23.14
CA HIS B 860 6.05 26.59 22.49
C HIS B 860 4.93 26.05 23.38
N PHE B 861 3.85 25.53 22.79
CA PHE B 861 2.83 24.77 23.54
C PHE B 861 2.69 23.33 23.07
N LEU B 862 1.68 22.60 23.56
CA LEU B 862 1.25 21.36 22.89
C LEU B 862 -0.27 21.29 22.95
N THR B 863 -0.90 20.86 21.85
CA THR B 863 -2.36 20.90 21.69
C THR B 863 -3.09 19.71 22.29
N ALA B 864 -4.12 20.00 23.07
CA ALA B 864 -4.94 18.97 23.71
C ALA B 864 -5.73 18.11 22.71
N LEU B 865 -6.39 17.08 23.21
CA LEU B 865 -7.23 16.20 22.40
C LEU B 865 -8.68 16.25 22.84
N PRO B 866 -9.59 16.58 21.90
CA PRO B 866 -11.00 16.79 22.22
C PRO B 866 -11.60 15.57 22.92
N ARG B 867 -11.14 15.31 24.13
CA ARG B 867 -11.39 14.04 24.80
C ARG B 867 -11.67 14.26 26.29
N ILE B 868 -12.52 13.41 26.86
CA ILE B 868 -12.79 13.46 28.28
C ILE B 868 -12.72 12.07 28.91
N ASP B 869 -12.31 11.08 28.12
CA ASP B 869 -12.19 9.72 28.62
C ASP B 869 -10.88 9.55 29.40
N GLY B 870 -9.79 10.05 28.85
CA GLY B 870 -8.50 9.97 29.49
C GLY B 870 -7.40 9.44 28.59
N ASP B 871 -7.80 8.77 27.50
CA ASP B 871 -6.84 8.20 26.57
C ASP B 871 -6.03 9.31 25.90
N THR B 872 -4.77 9.01 25.57
CA THR B 872 -3.87 9.99 24.98
C THR B 872 -3.36 9.55 23.62
N SER B 873 -3.98 8.51 23.06
CA SER B 873 -3.55 8.00 21.76
C SER B 873 -4.34 8.65 20.63
N ALA B 874 -3.65 8.92 19.52
CA ALA B 874 -4.26 9.60 18.38
C ALA B 874 -4.93 8.62 17.43
N GLU B 875 -4.66 7.33 17.61
CA GLU B 875 -5.23 6.31 16.74
C GLU B 875 -6.52 5.76 17.33
N THR B 876 -6.82 6.20 18.55
CA THR B 876 -8.09 5.88 19.19
C THR B 876 -8.90 7.17 19.32
N LEU B 877 -8.53 8.15 18.51
CA LEU B 877 -9.12 9.48 18.56
C LEU B 877 -10.59 9.50 18.18
N THR B 878 -10.90 9.00 16.99
CA THR B 878 -12.26 9.03 16.45
C THR B 878 -13.26 8.35 17.40
N GLU B 879 -12.87 7.20 17.93
CA GLU B 879 -13.70 6.47 18.88
C GLU B 879 -13.90 7.30 20.16
N GLY B 880 -12.87 8.04 20.53
CA GLY B 880 -12.90 8.84 21.74
C GLY B 880 -13.82 10.04 21.63
N ILE B 881 -13.73 10.76 20.52
CA ILE B 881 -14.52 11.97 20.31
C ILE B 881 -16.02 11.70 20.39
N ALA B 882 -16.45 10.62 19.75
CA ALA B 882 -17.86 10.26 19.72
C ALA B 882 -18.40 10.00 21.13
N THR B 883 -17.55 9.49 22.01
CA THR B 883 -17.93 9.19 23.38
C THR B 883 -18.08 10.45 24.21
N THR B 884 -17.29 11.47 23.90
CA THR B 884 -17.37 12.75 24.59
C THR B 884 -18.66 13.47 24.22
N VAL B 885 -18.92 13.57 22.92
CA VAL B 885 -20.12 14.18 22.38
C VAL B 885 -21.36 13.52 22.98
N LYS B 886 -21.29 12.20 23.12
CA LYS B 886 -22.36 11.42 23.71
C LYS B 886 -22.73 11.98 25.08
N THR B 887 -21.80 11.89 26.02
CA THR B 887 -22.01 12.31 27.40
C THR B 887 -22.53 13.74 27.56
N ILE B 888 -22.02 14.66 26.75
CA ILE B 888 -22.42 16.05 26.83
C ILE B 888 -23.90 16.23 26.45
N ARG B 889 -24.33 15.47 25.45
CA ARG B 889 -25.71 15.58 24.95
C ARG B 889 -26.73 15.12 25.99
N GLU B 890 -26.45 13.99 26.64
CA GLU B 890 -27.37 13.42 27.61
C GLU B 890 -27.47 14.30 28.86
N ALA B 891 -26.36 14.94 29.21
CA ALA B 891 -26.32 15.79 30.40
C ALA B 891 -27.13 17.06 30.21
N TRP B 892 -27.42 17.39 28.95
CA TRP B 892 -28.21 18.58 28.65
C TRP B 892 -29.61 18.20 28.17
N HIS B 893 -30.62 18.64 28.91
CA HIS B 893 -32.01 18.34 28.59
C HIS B 893 -32.75 19.57 28.11
N GLY B 894 -32.08 20.72 28.14
CA GLY B 894 -32.68 21.96 27.70
C GLY B 894 -32.69 22.09 26.19
N PRO B 895 -33.17 23.23 25.68
CA PRO B 895 -33.22 23.48 24.24
C PRO B 895 -31.83 23.56 23.61
N THR B 896 -31.61 22.82 22.53
CA THR B 896 -30.32 22.78 21.86
C THR B 896 -30.05 24.07 21.09
N ALA B 897 -28.97 24.08 20.31
CA ALA B 897 -28.61 25.25 19.52
C ALA B 897 -29.56 25.44 18.36
N PRO B 898 -29.98 26.70 18.11
CA PRO B 898 -30.85 27.07 16.99
C PRO B 898 -30.27 26.64 15.65
N PRO B 899 -31.12 26.10 14.76
CA PRO B 899 -30.68 25.57 13.47
C PRO B 899 -30.60 26.63 12.38
N VAL B 900 -29.71 26.45 11.42
CA VAL B 900 -29.65 27.31 10.25
C VAL B 900 -30.87 27.04 9.38
N ARG B 901 -31.85 27.94 9.43
CA ARG B 901 -33.08 27.77 8.65
C ARG B 901 -32.77 27.85 7.17
N MET B 902 -33.22 26.84 6.44
CA MET B 902 -32.88 26.69 5.03
C MET B 902 -33.96 27.22 4.10
N LEU B 903 -33.57 27.45 2.85
CA LEU B 903 -34.52 27.80 1.81
C LEU B 903 -35.34 26.56 1.47
N PRO B 904 -36.65 26.62 1.69
CA PRO B 904 -37.53 25.44 1.60
C PRO B 904 -37.60 24.87 0.19
N ASN B 905 -37.93 23.58 0.09
CA ASN B 905 -38.14 22.95 -1.21
C ASN B 905 -39.55 23.23 -1.73
N VAL B 906 -40.50 23.28 -0.81
CA VAL B 906 -41.88 23.62 -1.15
C VAL B 906 -42.36 24.77 -0.26
N LEU B 907 -42.42 25.97 -0.83
CA LEU B 907 -42.91 27.13 -0.12
C LEU B 907 -44.38 27.37 -0.45
N PRO B 908 -45.27 27.14 0.54
CA PRO B 908 -46.70 27.36 0.35
C PRO B 908 -47.02 28.82 0.04
N ALA B 909 -47.93 29.04 -0.90
CA ALA B 909 -48.29 30.39 -1.31
C ALA B 909 -49.15 31.09 -0.26
N ALA B 910 -49.49 30.36 0.79
CA ALA B 910 -50.29 30.91 1.88
C ALA B 910 -49.42 31.66 2.88
N GLN B 911 -48.14 31.29 2.95
CA GLN B 911 -47.22 31.92 3.89
C GLN B 911 -46.86 33.34 3.45
N LEU B 912 -46.91 33.59 2.15
CA LEU B 912 -46.65 34.92 1.62
C LEU B 912 -47.70 35.91 2.13
N PRO B 913 -47.33 37.18 2.24
CA PRO B 913 -48.26 38.21 2.73
C PRO B 913 -49.55 38.28 1.91
N SER B 914 -50.67 38.45 2.60
CA SER B 914 -51.96 38.59 1.92
C SER B 914 -52.02 39.91 1.17
N ALA B 915 -53.05 40.08 0.35
CA ALA B 915 -53.21 41.30 -0.43
C ALA B 915 -53.47 42.50 0.48
N ALA B 916 -54.03 42.24 1.65
CA ALA B 916 -54.31 43.30 2.61
C ALA B 916 -53.02 43.79 3.28
N GLU B 917 -52.01 42.93 3.29
CA GLU B 917 -50.73 43.27 3.89
C GLU B 917 -49.80 43.97 2.91
N SER B 918 -49.72 43.44 1.69
CA SER B 918 -48.80 43.95 0.69
C SER B 918 -49.39 45.09 -0.12
N GLY B 919 -50.65 44.96 -0.50
CA GLY B 919 -51.29 45.95 -1.34
C GLY B 919 -51.09 45.61 -2.80
N THR B 920 -50.89 46.63 -3.63
CA THR B 920 -50.72 46.47 -5.07
C THR B 920 -49.59 45.49 -5.41
N ARG B 921 -48.54 45.48 -4.59
CA ARG B 921 -47.41 44.59 -4.80
C ARG B 921 -47.81 43.12 -4.68
N ILE B 922 -47.17 42.27 -5.47
CA ILE B 922 -47.50 40.85 -5.48
C ILE B 922 -46.29 40.01 -5.10
N PRO B 923 -46.32 39.42 -3.90
CA PRO B 923 -45.23 38.55 -3.43
C PRO B 923 -45.19 37.24 -4.19
N ILE B 924 -44.04 36.89 -4.74
CA ILE B 924 -43.91 35.68 -5.55
C ILE B 924 -42.98 34.66 -4.90
N GLY B 925 -42.45 35.01 -3.72
CA GLY B 925 -41.58 34.10 -3.01
C GLY B 925 -40.62 34.80 -2.06
N ILE B 926 -39.66 34.05 -1.54
CA ILE B 926 -38.66 34.59 -0.63
C ILE B 926 -37.25 34.40 -1.18
N ASP B 927 -36.32 35.23 -0.74
CA ASP B 927 -34.95 35.17 -1.22
C ASP B 927 -34.05 34.40 -0.25
N GLU B 928 -32.93 33.92 -0.75
CA GLU B 928 -31.98 33.18 0.08
C GLU B 928 -31.29 34.11 1.07
N ASP B 929 -31.11 35.36 0.66
CA ASP B 929 -30.33 36.32 1.44
C ASP B 929 -30.86 36.56 2.85
N SER B 930 -32.18 36.68 2.99
CA SER B 930 -32.76 36.98 4.29
C SER B 930 -34.10 36.31 4.53
N LEU B 931 -34.50 35.44 3.61
CA LEU B 931 -35.79 34.74 3.68
C LEU B 931 -36.96 35.71 3.81
N SER B 932 -36.84 36.85 3.13
CA SER B 932 -37.88 37.87 3.14
C SER B 932 -38.63 37.86 1.82
N PRO B 933 -39.90 38.29 1.83
CA PRO B 933 -40.73 38.30 0.63
C PRO B 933 -40.13 39.07 -0.54
N VAL B 934 -40.31 38.54 -1.75
CA VAL B 934 -39.90 39.21 -2.97
C VAL B 934 -41.13 39.63 -3.76
N TYR B 935 -41.23 40.91 -4.09
CA TYR B 935 -42.45 41.44 -4.69
C TYR B 935 -42.29 41.82 -6.15
N LEU B 936 -43.42 41.80 -6.86
CA LEU B 936 -43.52 42.39 -8.19
C LEU B 936 -44.44 43.60 -8.10
N ASP B 937 -44.06 44.68 -8.78
CA ASP B 937 -44.88 45.89 -8.80
C ASP B 937 -45.06 46.35 -10.25
N PHE B 938 -46.29 46.30 -10.72
CA PHE B 938 -46.57 46.62 -12.11
C PHE B 938 -46.92 48.10 -12.29
N ASN B 939 -46.68 48.89 -11.25
CA ASN B 939 -46.79 50.34 -11.35
C ASN B 939 -45.43 50.96 -11.62
N THR B 940 -44.38 50.22 -11.27
CA THR B 940 -43.02 50.69 -11.46
C THR B 940 -42.40 50.04 -12.70
N ASP B 941 -42.64 48.75 -12.86
CA ASP B 941 -42.17 48.02 -14.04
C ASP B 941 -43.31 47.23 -14.66
N PRO B 942 -43.68 47.58 -15.90
CA PRO B 942 -44.85 47.02 -16.59
C PRO B 942 -44.78 45.53 -16.87
N HIS B 943 -43.61 45.02 -17.26
CA HIS B 943 -43.52 43.64 -17.73
C HIS B 943 -42.79 42.70 -16.79
N PHE B 944 -42.77 41.42 -17.15
CA PHE B 944 -42.09 40.39 -16.38
C PHE B 944 -41.73 39.22 -17.28
N LEU B 945 -40.56 38.62 -17.08
CA LEU B 945 -40.05 37.60 -17.99
C LEU B 945 -39.45 36.41 -17.24
N VAL B 946 -39.78 35.19 -17.69
CA VAL B 946 -39.35 33.98 -17.01
C VAL B 946 -38.73 32.96 -17.97
N PHE B 947 -37.56 32.44 -17.61
CA PHE B 947 -36.96 31.32 -18.33
C PHE B 947 -36.86 30.13 -17.39
N GLY B 948 -36.87 28.91 -17.92
CA GLY B 948 -36.79 27.73 -17.09
C GLY B 948 -36.86 26.41 -17.84
N ASP B 949 -36.31 25.37 -17.22
CA ASP B 949 -36.32 24.03 -17.80
C ASP B 949 -37.72 23.44 -17.84
N THR B 950 -37.82 22.19 -18.27
CA THR B 950 -39.09 21.48 -18.26
C THR B 950 -39.44 21.09 -16.83
N GLU B 951 -40.68 21.35 -16.44
CA GLU B 951 -41.19 21.05 -15.11
C GLU B 951 -40.36 21.71 -14.01
N CYS B 952 -40.22 23.03 -14.08
CA CYS B 952 -39.44 23.77 -13.10
C CYS B 952 -40.30 24.75 -12.32
N GLY B 953 -41.55 24.91 -12.74
CA GLY B 953 -42.49 25.74 -12.01
C GLY B 953 -42.92 27.00 -12.74
N LYS B 954 -42.78 27.00 -14.06
CA LYS B 954 -43.13 28.16 -14.87
C LYS B 954 -44.62 28.47 -14.84
N SER B 955 -45.43 27.46 -15.11
CA SER B 955 -46.88 27.65 -15.15
C SER B 955 -47.43 27.95 -13.77
N ASN B 956 -46.86 27.30 -12.75
CA ASN B 956 -47.27 27.54 -11.36
C ASN B 956 -47.02 28.99 -10.95
N LEU B 957 -45.92 29.54 -11.43
CA LEU B 957 -45.59 30.92 -11.14
C LEU B 957 -46.61 31.86 -11.77
N LEU B 958 -46.95 31.59 -13.02
CA LEU B 958 -47.92 32.41 -13.76
C LEU B 958 -49.30 32.38 -13.10
N ARG B 959 -49.69 31.21 -12.62
CA ARG B 959 -50.95 31.10 -11.89
C ARG B 959 -50.87 31.87 -10.58
N LEU B 960 -49.69 31.85 -9.97
CA LEU B 960 -49.46 32.54 -8.71
C LEU B 960 -49.55 34.06 -8.87
N ILE B 961 -48.91 34.58 -9.90
CA ILE B 961 -48.96 36.00 -10.20
C ILE B 961 -50.37 36.44 -10.57
N THR B 962 -50.99 35.68 -11.47
CA THR B 962 -52.33 35.99 -11.97
C THR B 962 -53.35 36.02 -10.83
N ALA B 963 -53.30 35.00 -9.97
CA ALA B 963 -54.21 34.92 -8.84
C ALA B 963 -54.05 36.13 -7.93
N GLY B 964 -52.81 36.61 -7.80
CA GLY B 964 -52.52 37.79 -7.01
C GLY B 964 -53.11 39.04 -7.63
N ILE B 965 -53.04 39.13 -8.96
CA ILE B 965 -53.64 40.23 -9.70
C ILE B 965 -55.15 40.27 -9.47
N ILE B 966 -55.77 39.10 -9.47
CA ILE B 966 -57.20 38.99 -9.24
C ILE B 966 -57.59 39.49 -7.85
N GLU B 967 -56.75 39.21 -6.88
CA GLU B 967 -57.02 39.58 -5.49
C GLU B 967 -56.84 41.07 -5.24
N ARG B 968 -55.89 41.68 -5.93
CA ARG B 968 -55.54 43.07 -5.67
C ARG B 968 -56.25 44.03 -6.62
N TYR B 969 -56.60 43.56 -7.80
CA TYR B 969 -57.29 44.39 -8.78
C TYR B 969 -58.74 43.97 -8.98
N THR B 970 -59.59 44.93 -9.29
CA THR B 970 -60.96 44.66 -9.69
C THR B 970 -60.99 44.55 -11.22
N PRO B 971 -62.00 43.87 -11.78
CA PRO B 971 -62.10 43.75 -13.24
C PRO B 971 -62.14 45.10 -13.95
N GLN B 972 -62.67 46.11 -13.28
CA GLN B 972 -62.73 47.45 -13.84
C GLN B 972 -61.37 48.14 -13.76
N GLN B 973 -60.48 47.58 -12.93
CA GLN B 973 -59.15 48.13 -12.74
C GLN B 973 -58.11 47.39 -13.58
N ALA B 974 -58.32 46.09 -13.78
CA ALA B 974 -57.39 45.29 -14.57
C ALA B 974 -58.10 44.12 -15.27
N ARG B 975 -57.75 43.91 -16.53
CA ARG B 975 -58.29 42.80 -17.31
C ARG B 975 -57.19 41.78 -17.62
N LEU B 976 -57.58 40.56 -17.91
CA LEU B 976 -56.62 39.49 -18.18
C LEU B 976 -56.88 38.81 -19.52
N ILE B 977 -55.82 38.67 -20.32
CA ILE B 977 -55.89 37.92 -21.56
C ILE B 977 -54.79 36.87 -21.59
N PHE B 978 -55.17 35.63 -21.85
CA PHE B 978 -54.23 34.51 -21.77
C PHE B 978 -53.86 33.97 -23.14
N ILE B 979 -52.65 33.44 -23.25
CA ILE B 979 -52.21 32.74 -24.44
C ILE B 979 -51.58 31.43 -23.98
N ASP B 980 -52.42 30.41 -23.82
CA ASP B 980 -52.01 29.18 -23.18
C ASP B 980 -52.27 27.98 -24.08
N TYR B 981 -51.36 27.74 -25.02
CA TYR B 981 -51.49 26.65 -25.98
C TYR B 981 -51.63 25.30 -25.29
N SER B 982 -50.97 25.15 -24.14
CA SER B 982 -50.93 23.87 -23.45
C SER B 982 -52.03 23.74 -22.41
N ARG B 983 -52.87 24.76 -22.31
CA ARG B 983 -54.01 24.77 -21.40
C ARG B 983 -53.59 24.46 -19.97
N SER B 984 -52.68 25.25 -19.43
CA SER B 984 -52.17 25.06 -18.08
C SER B 984 -52.65 26.13 -17.13
N LEU B 985 -53.32 27.16 -17.67
CA LEU B 985 -53.69 28.33 -16.89
C LEU B 985 -55.20 28.45 -16.71
N LEU B 986 -55.92 27.33 -16.81
CA LEU B 986 -57.38 27.34 -16.73
C LEU B 986 -57.89 27.81 -15.37
N ASP B 987 -57.17 27.45 -14.31
CA ASP B 987 -57.63 27.70 -12.95
C ASP B 987 -57.77 29.19 -12.63
N VAL B 988 -57.08 30.03 -13.40
CA VAL B 988 -57.08 31.46 -13.13
C VAL B 988 -57.72 32.27 -14.26
N ALA B 989 -58.30 31.57 -15.24
CA ALA B 989 -58.89 32.24 -16.39
C ALA B 989 -60.41 32.20 -16.35
N THR B 990 -60.97 32.04 -15.16
CA THR B 990 -62.42 31.90 -15.02
C THR B 990 -63.03 33.02 -14.18
N THR B 991 -62.44 34.20 -14.25
CA THR B 991 -62.96 35.35 -13.51
C THR B 991 -63.46 36.41 -14.48
N GLU B 992 -64.11 37.44 -13.95
CA GLU B 992 -64.63 38.52 -14.77
C GLU B 992 -63.48 39.32 -15.39
N HIS B 993 -62.29 39.16 -14.82
CA HIS B 993 -61.10 39.81 -15.35
C HIS B 993 -60.75 39.28 -16.74
N GLN B 994 -61.00 37.99 -16.95
CA GLN B 994 -60.58 37.32 -18.17
C GLN B 994 -61.45 37.71 -19.36
N ILE B 995 -60.88 38.46 -20.29
CA ILE B 995 -61.61 38.91 -21.47
C ILE B 995 -60.98 38.36 -22.74
N GLY B 996 -60.30 37.23 -22.61
CA GLY B 996 -59.66 36.60 -23.75
C GLY B 996 -58.88 35.37 -23.38
N TYR B 997 -59.04 34.32 -24.18
CA TYR B 997 -58.29 33.09 -23.98
C TYR B 997 -57.98 32.47 -25.34
N ALA B 998 -56.73 32.06 -25.52
CA ALA B 998 -56.29 31.49 -26.79
C ALA B 998 -55.38 30.29 -26.57
N ALA B 999 -55.86 29.11 -26.96
CA ALA B 999 -55.09 27.88 -26.79
C ALA B 999 -54.50 27.43 -28.11
N SER B 1000 -54.53 28.30 -29.11
CA SER B 1000 -54.07 27.97 -30.46
C SER B 1000 -53.66 29.21 -31.23
N SER B 1001 -52.85 29.01 -32.27
CA SER B 1001 -52.36 30.10 -33.10
C SER B 1001 -53.48 30.91 -33.71
N THR B 1002 -54.55 30.21 -34.10
CA THR B 1002 -55.68 30.83 -34.78
C THR B 1002 -56.46 31.75 -33.84
N ALA B 1003 -56.69 31.29 -32.62
CA ALA B 1003 -57.43 32.06 -31.63
C ALA B 1003 -56.64 33.27 -31.15
N ALA B 1004 -55.31 33.14 -31.17
CA ALA B 1004 -54.43 34.17 -30.63
C ALA B 1004 -54.30 35.37 -31.56
N SER B 1005 -54.18 35.11 -32.85
CA SER B 1005 -53.98 36.16 -33.85
C SER B 1005 -55.08 37.21 -33.80
N SER B 1006 -56.32 36.76 -33.67
CA SER B 1006 -57.47 37.66 -33.61
C SER B 1006 -57.46 38.47 -32.32
N LEU B 1007 -56.92 37.89 -31.26
CA LEU B 1007 -56.87 38.56 -29.96
C LEU B 1007 -55.87 39.71 -29.96
N VAL B 1008 -54.66 39.44 -30.45
CA VAL B 1008 -53.61 40.45 -30.52
C VAL B 1008 -54.03 41.61 -31.40
N ARG B 1009 -54.64 41.29 -32.54
CA ARG B 1009 -55.18 42.29 -33.45
C ARG B 1009 -56.15 43.21 -32.74
N ASP B 1010 -56.93 42.65 -31.82
CA ASP B 1010 -57.95 43.41 -31.10
C ASP B 1010 -57.34 44.39 -30.10
N ILE B 1011 -56.35 43.93 -29.33
CA ILE B 1011 -55.76 44.76 -28.29
C ILE B 1011 -54.68 45.68 -28.83
N LYS B 1012 -54.15 45.38 -30.01
CA LYS B 1012 -53.20 46.26 -30.65
C LYS B 1012 -53.89 47.58 -31.01
N GLY B 1013 -55.11 47.46 -31.53
CA GLY B 1013 -55.90 48.63 -31.88
C GLY B 1013 -56.42 49.34 -30.66
N ALA B 1014 -56.69 48.56 -29.61
CA ALA B 1014 -57.18 49.11 -28.35
C ALA B 1014 -56.13 49.97 -27.68
N MET B 1015 -54.89 49.49 -27.68
CA MET B 1015 -53.79 50.21 -27.06
C MET B 1015 -53.33 51.40 -27.88
N GLU B 1016 -53.30 51.25 -29.20
CA GLU B 1016 -52.93 52.34 -30.09
C GLU B 1016 -53.87 53.53 -29.92
N ALA B 1017 -55.07 53.26 -29.42
CA ALA B 1017 -56.04 54.31 -29.15
C ALA B 1017 -55.69 55.04 -27.85
N ARG B 1018 -54.85 54.43 -27.04
CA ARG B 1018 -54.46 55.01 -25.76
C ARG B 1018 -53.16 55.80 -25.84
N LEU B 1019 -52.49 55.72 -26.98
CA LEU B 1019 -51.24 56.44 -27.19
C LEU B 1019 -51.44 57.94 -27.01
N PRO B 1020 -50.50 58.60 -26.32
CA PRO B 1020 -50.60 60.01 -25.93
C PRO B 1020 -50.59 60.97 -27.11
N PRO B 1021 -51.53 61.94 -27.11
CA PRO B 1021 -51.48 63.06 -28.05
C PRO B 1021 -50.22 63.89 -27.84
N PRO B 1022 -49.66 64.46 -28.92
CA PRO B 1022 -48.38 65.17 -28.88
C PRO B 1022 -48.35 66.35 -27.91
N ASP B 1023 -49.45 67.06 -27.77
CA ASP B 1023 -49.47 68.29 -26.98
C ASP B 1023 -49.90 68.08 -25.52
N LEU B 1024 -49.56 66.92 -24.97
CA LEU B 1024 -49.87 66.65 -23.57
C LEU B 1024 -48.87 67.32 -22.64
N THR B 1025 -49.35 67.72 -21.46
CA THR B 1025 -48.49 68.29 -20.43
C THR B 1025 -47.92 67.16 -19.58
N PRO B 1026 -46.78 67.39 -18.92
CA PRO B 1026 -46.15 66.37 -18.07
C PRO B 1026 -47.07 65.80 -17.01
N GLU B 1027 -47.98 66.60 -16.49
CA GLU B 1027 -48.91 66.13 -15.47
C GLU B 1027 -49.97 65.22 -16.07
N GLN B 1028 -50.37 65.51 -17.31
CA GLN B 1028 -51.33 64.66 -18.01
C GLN B 1028 -50.72 63.29 -18.30
N LEU B 1029 -49.44 63.28 -18.62
CA LEU B 1029 -48.74 62.05 -18.97
C LEU B 1029 -48.58 61.11 -17.78
N ARG B 1030 -48.17 61.64 -16.64
CA ARG B 1030 -47.88 60.82 -15.47
C ARG B 1030 -49.16 60.43 -14.73
N SER B 1031 -50.27 61.06 -15.07
CA SER B 1031 -51.55 60.76 -14.43
C SER B 1031 -52.42 59.89 -15.32
N ARG B 1032 -52.09 59.83 -16.60
CA ARG B 1032 -52.84 59.05 -17.59
C ARG B 1032 -54.31 59.42 -17.58
N SER B 1033 -54.59 60.70 -17.82
CA SER B 1033 -55.94 61.22 -17.75
C SER B 1033 -56.68 61.12 -19.08
N TRP B 1034 -55.91 61.12 -20.17
CA TRP B 1034 -56.51 61.17 -21.50
C TRP B 1034 -57.24 59.89 -21.87
N TRP B 1035 -57.01 58.82 -21.11
CA TRP B 1035 -57.77 57.59 -21.30
C TRP B 1035 -58.26 57.03 -19.98
N THR B 1036 -59.41 56.38 -20.01
CA THR B 1036 -59.96 55.73 -18.84
C THR B 1036 -60.20 54.26 -19.13
N GLY B 1037 -60.35 53.46 -18.08
CA GLY B 1037 -60.56 52.03 -18.24
C GLY B 1037 -59.57 51.22 -17.43
N ALA B 1038 -59.50 49.92 -17.72
CA ALA B 1038 -58.67 49.02 -16.96
C ALA B 1038 -57.32 48.78 -17.62
N GLU B 1039 -56.31 48.48 -16.81
CA GLU B 1039 -55.02 48.07 -17.33
C GLU B 1039 -55.14 46.66 -17.87
N LEU B 1040 -54.31 46.31 -18.84
CA LEU B 1040 -54.37 44.99 -19.43
C LEU B 1040 -53.16 44.14 -19.08
N PHE B 1041 -53.43 42.92 -18.60
CA PHE B 1041 -52.37 41.97 -18.31
C PHE B 1041 -52.40 40.82 -19.30
N LEU B 1042 -51.42 40.80 -20.20
CA LEU B 1042 -51.34 39.76 -21.21
C LEU B 1042 -50.39 38.65 -20.77
N VAL B 1043 -50.97 37.57 -20.27
CA VAL B 1043 -50.20 36.45 -19.76
C VAL B 1043 -49.93 35.39 -20.83
N VAL B 1044 -48.66 35.16 -21.12
CA VAL B 1044 -48.28 34.19 -22.14
C VAL B 1044 -47.46 33.05 -21.54
N ASP B 1045 -47.97 31.83 -21.67
CA ASP B 1045 -47.25 30.65 -21.20
C ASP B 1045 -46.66 29.88 -22.38
N ASP B 1046 -45.53 29.22 -22.15
CA ASP B 1046 -44.84 28.46 -23.17
C ASP B 1046 -44.60 29.28 -24.44
N TYR B 1047 -43.92 30.40 -24.27
CA TYR B 1047 -43.68 31.35 -25.36
C TYR B 1047 -42.87 30.75 -26.52
N GLU B 1048 -42.16 29.66 -26.25
CA GLU B 1048 -41.36 29.01 -27.28
C GLU B 1048 -42.26 28.33 -28.31
N MET B 1049 -43.47 27.99 -27.89
CA MET B 1049 -44.45 27.36 -28.77
C MET B 1049 -45.22 28.42 -29.54
N VAL B 1050 -45.23 29.64 -29.01
CA VAL B 1050 -45.95 30.75 -29.62
C VAL B 1050 -45.09 31.44 -30.68
N ALA B 1051 -43.86 31.76 -30.31
CA ALA B 1051 -42.95 32.47 -31.21
C ALA B 1051 -42.49 31.59 -32.37
N THR B 1052 -43.42 31.29 -33.27
CA THR B 1052 -43.11 30.51 -34.46
C THR B 1052 -42.57 31.41 -35.56
N SER B 1053 -42.58 30.93 -36.79
CA SER B 1053 -42.15 31.73 -37.93
C SER B 1053 -43.04 32.96 -38.09
N ASP B 1054 -44.33 32.77 -37.87
CA ASP B 1054 -45.27 33.88 -37.80
C ASP B 1054 -45.78 33.99 -36.37
N ASN B 1055 -45.32 35.01 -35.65
CA ASN B 1055 -45.61 35.15 -34.23
C ASN B 1055 -46.76 36.11 -33.96
N PRO B 1056 -47.86 35.59 -33.38
CA PRO B 1056 -49.03 36.36 -32.97
C PRO B 1056 -48.69 37.64 -32.20
N LEU B 1057 -47.65 37.59 -31.37
CA LEU B 1057 -47.31 38.70 -30.49
C LEU B 1057 -46.56 39.82 -31.19
N ARG B 1058 -45.90 39.48 -32.30
CA ARG B 1058 -45.01 40.40 -33.01
C ARG B 1058 -45.55 41.83 -33.25
N PRO B 1059 -46.83 41.98 -33.62
CA PRO B 1059 -47.27 43.37 -33.83
C PRO B 1059 -47.46 44.18 -32.56
N LEU B 1060 -47.15 43.61 -31.40
CA LEU B 1060 -47.25 44.35 -30.14
C LEU B 1060 -45.90 44.93 -29.71
N ALA B 1061 -44.85 44.54 -30.42
CA ALA B 1061 -43.48 44.92 -30.07
C ALA B 1061 -43.30 46.44 -29.96
N GLU B 1062 -43.80 47.16 -30.96
CA GLU B 1062 -43.61 48.61 -31.03
C GLU B 1062 -44.34 49.35 -29.91
N LEU B 1063 -45.26 48.67 -29.25
CA LEU B 1063 -46.05 49.28 -28.19
C LEU B 1063 -45.43 49.05 -26.82
N LEU B 1064 -44.62 48.00 -26.71
CA LEU B 1064 -43.97 47.62 -25.45
C LEU B 1064 -43.19 48.74 -24.74
N PRO B 1065 -42.41 49.55 -25.49
CA PRO B 1065 -41.70 50.60 -24.76
C PRO B 1065 -42.61 51.65 -24.13
N GLN B 1066 -43.79 51.86 -24.71
CA GLN B 1066 -44.73 52.85 -24.18
C GLN B 1066 -45.83 52.19 -23.36
N ALA B 1067 -45.56 51.00 -22.87
CA ALA B 1067 -46.56 50.22 -22.13
C ALA B 1067 -46.99 50.89 -20.82
N ARG B 1068 -46.24 51.91 -20.40
CA ARG B 1068 -46.54 52.61 -19.17
C ARG B 1068 -47.65 53.64 -19.37
N ASP B 1069 -47.63 54.30 -20.52
CA ASP B 1069 -48.59 55.35 -20.84
C ASP B 1069 -49.96 54.78 -21.19
N ILE B 1070 -50.01 53.52 -21.59
CA ILE B 1070 -51.25 52.93 -22.08
C ILE B 1070 -51.74 51.78 -21.22
N GLY B 1071 -51.06 51.51 -20.12
CA GLY B 1071 -51.49 50.50 -19.18
C GLY B 1071 -51.41 49.07 -19.70
N LEU B 1072 -50.33 48.77 -20.40
CA LEU B 1072 -50.14 47.43 -20.95
C LEU B 1072 -49.08 46.66 -20.17
N HIS B 1073 -49.38 45.40 -19.86
CA HIS B 1073 -48.45 44.56 -19.12
C HIS B 1073 -48.24 43.21 -19.78
N LEU B 1074 -46.99 42.79 -19.91
CA LEU B 1074 -46.67 41.49 -20.46
C LEU B 1074 -46.02 40.58 -19.42
N ILE B 1075 -46.55 39.38 -19.30
CA ILE B 1075 -46.01 38.39 -18.38
C ILE B 1075 -45.69 37.11 -19.13
N ILE B 1076 -44.44 36.96 -19.55
CA ILE B 1076 -44.05 35.90 -20.46
C ILE B 1076 -43.18 34.82 -19.81
N ALA B 1077 -43.61 33.57 -19.95
CA ALA B 1077 -42.80 32.43 -19.53
C ALA B 1077 -42.30 31.66 -20.75
N ARG B 1078 -41.06 31.21 -20.70
CA ARG B 1078 -40.48 30.49 -21.83
C ARG B 1078 -39.53 29.39 -21.35
N SER B 1079 -39.32 28.38 -22.18
CA SER B 1079 -38.42 27.28 -21.85
C SER B 1079 -36.97 27.68 -22.07
N MET B 1080 -36.05 26.87 -21.56
CA MET B 1080 -34.62 27.13 -21.72
C MET B 1080 -34.14 26.81 -23.11
N GLY B 1081 -34.81 25.88 -23.78
CA GLY B 1081 -34.43 25.46 -25.11
C GLY B 1081 -34.35 26.61 -26.10
N GLY B 1082 -33.14 26.94 -26.50
CA GLY B 1082 -32.92 28.00 -27.47
C GLY B 1082 -33.22 29.38 -26.94
N ALA B 1083 -33.20 29.52 -25.61
CA ALA B 1083 -33.48 30.80 -24.97
C ALA B 1083 -32.38 31.81 -25.26
N GLY B 1084 -31.20 31.31 -25.63
CA GLY B 1084 -30.07 32.17 -25.95
C GLY B 1084 -30.32 32.99 -27.20
N ARG B 1085 -30.72 32.32 -28.27
CA ARG B 1085 -30.97 32.99 -29.54
C ARG B 1085 -32.30 33.72 -29.53
N ALA B 1086 -33.11 33.41 -28.53
CA ALA B 1086 -34.44 34.01 -28.39
C ALA B 1086 -34.36 35.44 -27.88
N LEU B 1087 -33.19 35.85 -27.42
CA LEU B 1087 -33.00 37.18 -26.86
C LEU B 1087 -32.87 38.24 -27.95
N TYR B 1088 -32.90 37.80 -29.20
CA TYR B 1088 -32.80 38.72 -30.33
C TYR B 1088 -34.15 38.90 -31.02
N GLU B 1089 -35.15 38.19 -30.51
CA GLU B 1089 -36.52 38.33 -31.00
C GLU B 1089 -37.06 39.69 -30.54
N PRO B 1090 -37.79 40.38 -31.44
CA PRO B 1090 -38.30 41.73 -31.22
C PRO B 1090 -39.01 41.93 -29.88
N ILE B 1091 -39.80 40.94 -29.46
CA ILE B 1091 -40.53 41.04 -28.21
C ILE B 1091 -39.59 40.97 -27.01
N ILE B 1092 -38.85 39.87 -26.90
CA ILE B 1092 -37.99 39.63 -25.76
C ILE B 1092 -36.86 40.66 -25.67
N GLN B 1093 -36.27 40.99 -26.81
CA GLN B 1093 -35.20 41.98 -26.84
C GLN B 1093 -35.64 43.29 -26.22
N ARG B 1094 -36.82 43.77 -26.61
CA ARG B 1094 -37.35 45.01 -26.08
C ARG B 1094 -37.67 44.91 -24.59
N ILE B 1095 -38.21 43.77 -24.18
CA ILE B 1095 -38.53 43.53 -22.77
C ILE B 1095 -37.26 43.57 -21.91
N LYS B 1096 -36.22 42.89 -22.38
CA LYS B 1096 -34.94 42.87 -21.69
C LYS B 1096 -34.28 44.24 -21.72
N GLU B 1097 -34.40 44.93 -22.86
CA GLU B 1097 -33.75 46.22 -23.05
C GLU B 1097 -34.24 47.27 -22.07
N MET B 1098 -35.54 47.24 -21.74
CA MET B 1098 -36.11 48.23 -20.83
C MET B 1098 -36.01 47.78 -19.38
N ALA B 1099 -35.10 46.85 -19.11
CA ALA B 1099 -34.78 46.40 -17.76
C ALA B 1099 -35.99 45.92 -16.98
N SER B 1100 -36.73 44.98 -17.55
CA SER B 1100 -37.88 44.40 -16.89
C SER B 1100 -37.43 43.39 -15.84
N PRO B 1101 -38.21 43.24 -14.77
CA PRO B 1101 -37.94 42.20 -13.77
C PRO B 1101 -37.92 40.82 -14.43
N GLY B 1102 -37.06 39.93 -13.96
CA GLY B 1102 -36.95 38.62 -14.56
C GLY B 1102 -36.70 37.52 -13.57
N LEU B 1103 -36.75 36.29 -14.04
CA LEU B 1103 -36.47 35.13 -13.22
C LEU B 1103 -35.85 34.02 -14.06
N VAL B 1104 -34.66 33.58 -13.68
CA VAL B 1104 -33.97 32.53 -14.40
C VAL B 1104 -33.96 31.25 -13.59
N MET B 1105 -34.91 30.36 -13.86
CA MET B 1105 -35.04 29.13 -13.09
C MET B 1105 -34.10 28.07 -13.64
N SER B 1106 -34.38 26.80 -13.32
CA SER B 1106 -33.54 25.68 -13.73
C SER B 1106 -33.21 25.73 -15.21
N GLY B 1107 -31.93 25.61 -15.54
CA GLY B 1107 -31.50 25.73 -16.92
C GLY B 1107 -30.17 25.09 -17.26
N ASN B 1108 -29.65 25.45 -18.43
CA ASN B 1108 -28.39 24.93 -18.93
C ASN B 1108 -27.41 26.06 -19.20
N LYS B 1109 -26.13 25.80 -18.96
CA LYS B 1109 -25.10 26.81 -19.17
C LYS B 1109 -24.94 27.17 -20.64
N ASP B 1110 -25.17 26.20 -21.52
CA ASP B 1110 -24.93 26.34 -22.95
C ASP B 1110 -25.75 27.47 -23.60
N GLU B 1111 -26.84 27.87 -22.96
CA GLU B 1111 -27.67 28.94 -23.49
C GLU B 1111 -27.07 30.30 -23.21
N GLY B 1112 -25.93 30.33 -22.53
CA GLY B 1112 -25.26 31.58 -22.22
C GLY B 1112 -25.99 32.37 -21.15
N ILE B 1113 -25.56 33.60 -20.93
CA ILE B 1113 -26.21 34.46 -19.94
C ILE B 1113 -27.50 35.05 -20.52
N LEU B 1114 -28.60 34.85 -19.81
CA LEU B 1114 -29.91 35.30 -20.26
C LEU B 1114 -30.28 36.63 -19.60
N LEU B 1115 -30.57 36.56 -18.30
CA LEU B 1115 -30.86 37.76 -17.53
C LEU B 1115 -29.89 37.88 -16.36
N GLY B 1116 -29.48 39.10 -16.06
CA GLY B 1116 -28.58 39.34 -14.95
C GLY B 1116 -27.13 39.02 -15.28
N ASN B 1117 -26.40 38.50 -14.30
CA ASN B 1117 -24.98 38.24 -14.45
C ASN B 1117 -24.60 36.79 -14.19
N VAL B 1118 -25.60 35.94 -13.95
CA VAL B 1118 -25.35 34.54 -13.67
C VAL B 1118 -25.97 33.62 -14.73
N LYS B 1119 -25.14 32.80 -15.35
CA LYS B 1119 -25.60 31.85 -16.35
C LYS B 1119 -26.44 30.75 -15.72
N PRO B 1120 -27.46 30.27 -16.44
CA PRO B 1120 -28.39 29.25 -15.94
C PRO B 1120 -27.69 27.93 -15.60
N HIS B 1121 -28.22 27.24 -14.60
CA HIS B 1121 -27.74 25.91 -14.24
C HIS B 1121 -28.85 25.15 -13.53
N LYS B 1122 -28.65 23.86 -13.33
CA LYS B 1122 -29.67 23.00 -12.73
C LYS B 1122 -30.10 23.48 -11.35
N LEU B 1123 -31.37 23.88 -11.24
CA LEU B 1123 -31.94 24.31 -9.97
C LEU B 1123 -33.14 23.42 -9.64
N PRO B 1124 -33.45 23.29 -8.35
CA PRO B 1124 -34.65 22.54 -7.96
C PRO B 1124 -35.92 23.25 -8.42
N GLN B 1125 -37.06 22.58 -8.28
CA GLN B 1125 -38.33 23.12 -8.75
C GLN B 1125 -38.77 24.34 -7.94
N GLY B 1126 -39.06 25.42 -8.63
CA GLY B 1126 -39.55 26.63 -7.99
C GLY B 1126 -38.47 27.66 -7.73
N ARG B 1127 -37.21 27.25 -7.88
CA ARG B 1127 -36.09 28.13 -7.54
C ARG B 1127 -35.46 28.75 -8.78
N GLY B 1128 -35.11 30.04 -8.67
CA GLY B 1128 -34.48 30.75 -9.76
C GLY B 1128 -33.84 32.05 -9.30
N TYR B 1129 -33.15 32.72 -10.23
CA TYR B 1129 -32.46 33.97 -9.90
C TYR B 1129 -33.27 35.20 -10.31
N PHE B 1130 -33.85 35.85 -9.31
CA PHE B 1130 -34.68 37.03 -9.55
C PHE B 1130 -33.84 38.25 -9.89
N VAL B 1131 -33.99 38.75 -11.12
CA VAL B 1131 -33.21 39.88 -11.59
C VAL B 1131 -34.07 41.14 -11.72
N GLU B 1132 -33.72 42.17 -10.95
CA GLU B 1132 -34.42 43.46 -11.03
C GLU B 1132 -33.41 44.55 -11.34
N ARG B 1133 -33.88 45.68 -11.89
CA ARG B 1133 -33.02 46.80 -12.19
C ARG B 1133 -32.28 47.28 -10.94
N ARG B 1134 -33.04 47.50 -9.87
CA ARG B 1134 -32.45 47.76 -8.57
C ARG B 1134 -32.28 46.43 -7.85
N SER B 1135 -31.39 46.38 -6.87
CA SER B 1135 -31.08 45.18 -6.08
C SER B 1135 -30.43 44.06 -6.90
N GLY B 1136 -30.48 44.17 -8.22
CA GLY B 1136 -29.80 43.23 -9.11
C GLY B 1136 -30.20 41.78 -8.94
N THR B 1137 -29.32 40.88 -9.40
CA THR B 1137 -29.55 39.44 -9.31
C THR B 1137 -29.65 38.97 -7.87
N ARG B 1138 -30.53 38.02 -7.60
CA ARG B 1138 -30.77 37.54 -6.25
C ARG B 1138 -31.54 36.21 -6.25
N LEU B 1139 -30.92 35.18 -5.68
CA LEU B 1139 -31.52 33.85 -5.66
C LEU B 1139 -32.75 33.80 -4.76
N ILE B 1140 -33.88 33.36 -5.32
CA ILE B 1140 -35.13 33.28 -4.57
C ILE B 1140 -35.78 31.91 -4.67
N GLN B 1141 -36.87 31.72 -3.93
CA GLN B 1141 -37.67 30.50 -4.01
C GLN B 1141 -39.14 30.86 -4.19
N THR B 1142 -39.69 30.55 -5.36
CA THR B 1142 -41.06 30.89 -5.68
C THR B 1142 -42.06 29.98 -4.96
N ALA B 1143 -43.21 30.54 -4.63
CA ALA B 1143 -44.21 29.81 -3.86
C ALA B 1143 -45.00 28.83 -4.72
N TYR B 1144 -45.44 27.74 -4.10
CA TYR B 1144 -46.24 26.73 -4.78
C TYR B 1144 -47.72 26.93 -4.52
N ARG B 1145 -48.47 27.15 -5.60
CA ARG B 1145 -49.91 27.32 -5.53
C ARG B 1145 -50.61 26.04 -5.99
N GLU B 1146 -51.35 25.41 -5.09
CA GLU B 1146 -52.05 24.17 -5.45
C GLU B 1146 -53.30 24.49 -6.26
N SER B 1147 -53.72 23.53 -7.07
CA SER B 1147 -54.82 23.70 -8.02
C SER B 1147 -54.51 24.83 -9.01
#